data_6CSU
# 
_entry.id   6CSU 
# 
_audit_conform.dict_name       mmcif_pdbx.dic 
_audit_conform.dict_version    5.387 
_audit_conform.dict_location   http://mmcif.pdb.org/dictionaries/ascii/mmcif_pdbx.dic 
# 
loop_
_database_2.database_id 
_database_2.database_code 
_database_2.pdbx_database_accession 
_database_2.pdbx_DOI 
PDB   6CSU         pdb_00006csu 10.2210/pdb6csu/pdb 
WWPDB D_1000233313 ?            ?                   
# 
loop_
_pdbx_audit_revision_history.ordinal 
_pdbx_audit_revision_history.data_content_type 
_pdbx_audit_revision_history.major_revision 
_pdbx_audit_revision_history.minor_revision 
_pdbx_audit_revision_history.revision_date 
1 'Structure model' 1 0 2019-03-27 
2 'Structure model' 1 1 2024-03-13 
# 
_pdbx_audit_revision_details.ordinal             1 
_pdbx_audit_revision_details.revision_ordinal    1 
_pdbx_audit_revision_details.data_content_type   'Structure model' 
_pdbx_audit_revision_details.provider            repository 
_pdbx_audit_revision_details.type                'Initial release' 
_pdbx_audit_revision_details.description         ? 
_pdbx_audit_revision_details.details             ? 
# 
loop_
_pdbx_audit_revision_group.ordinal 
_pdbx_audit_revision_group.revision_ordinal 
_pdbx_audit_revision_group.data_content_type 
_pdbx_audit_revision_group.group 
1 2 'Structure model' 'Data collection'     
2 2 'Structure model' 'Database references' 
# 
loop_
_pdbx_audit_revision_category.ordinal 
_pdbx_audit_revision_category.revision_ordinal 
_pdbx_audit_revision_category.data_content_type 
_pdbx_audit_revision_category.category 
1 2 'Structure model' chem_comp_atom 
2 2 'Structure model' chem_comp_bond 
3 2 'Structure model' database_2     
# 
loop_
_pdbx_audit_revision_item.ordinal 
_pdbx_audit_revision_item.revision_ordinal 
_pdbx_audit_revision_item.data_content_type 
_pdbx_audit_revision_item.item 
1 2 'Structure model' '_database_2.pdbx_DOI'                
2 2 'Structure model' '_database_2.pdbx_database_accession' 
# 
_pdbx_database_status.status_code                     REL 
_pdbx_database_status.status_code_sf                  REL 
_pdbx_database_status.status_code_mr                  ? 
_pdbx_database_status.entry_id                        6CSU 
_pdbx_database_status.recvd_initial_deposition_date   2018-03-21 
_pdbx_database_status.SG_entry                        N 
_pdbx_database_status.deposit_site                    RCSB 
_pdbx_database_status.process_site                    RCSB 
_pdbx_database_status.status_code_cs                  ? 
_pdbx_database_status.methods_development_category    ? 
_pdbx_database_status.pdb_format_compatible           Y 
_pdbx_database_status.status_code_nmr_data            ? 
# 
loop_
_audit_author.name 
_audit_author.pdbx_ordinal 
_audit_author.identifier_ORCID 
'Lee, E.'    1 ? 
'Chen, Y.'   2 ? 
'Zhang, L.'  3 ? 
'Kim, T.S.'  4 ? 
'Ahn, J.I.'  5 ? 
'Park, J.E.' 6 ? 
'Lee, K.S.'  7 ? 
# 
_citation.abstract                  ? 
_citation.abstract_id_CAS           ? 
_citation.book_id_ISBN              ? 
_citation.book_publisher            ? 
_citation.book_publisher_city       ? 
_citation.book_title                ? 
_citation.coordinate_linkage        ? 
_citation.country                   UK 
_citation.database_id_Medline       ? 
_citation.details                   ? 
_citation.id                        primary 
_citation.journal_abbrev            'Nat Commun' 
_citation.journal_id_ASTM           ? 
_citation.journal_id_CSD            ? 
_citation.journal_id_ISSN           2041-1723 
_citation.journal_full              ? 
_citation.journal_issue             ? 
_citation.journal_volume            10 
_citation.language                  ? 
_citation.page_first                1151 
_citation.page_last                 1151 
_citation.title                     'Molecular architecture of a cylindrical self-assembly at human centrosomes.' 
_citation.year                      2019 
_citation.database_id_CSD           ? 
_citation.pdbx_database_id_DOI      10.1038/s41467-019-08838-2 
_citation.pdbx_database_id_PubMed   30858376 
_citation.unpublished_flag          ? 
# 
loop_
_citation_author.citation_id 
_citation_author.name 
_citation_author.ordinal 
_citation_author.identifier_ORCID 
primary 'Kim, T.S.'     1  0000-0001-8592-3848 
primary 'Zhang, L.'     2  0000-0002-8338-784X 
primary 'Il Ahn, J.'    3  0000-0002-4600-3712 
primary 'Meng, L.'      4  ?                   
primary 'Chen, Y.'      5  ?                   
primary 'Lee, E.'       6  ?                   
primary 'Bang, J.K.'    7  0000-0001-5916-0912 
primary 'Lim, J.M.'     8  ?                   
primary 'Ghirlando, R.' 9  ?                   
primary 'Fan, L.'       10 ?                   
primary 'Wang, Y.X.'    11 ?                   
primary 'Kim, B.Y.'     12 0000-0003-1105-5480 
primary 'Park, J.E.'    13 0000-0001-9929-830X 
primary 'Lee, K.S.'     14 0000-0001-8326-7162 
# 
loop_
_entity.id 
_entity.type 
_entity.src_method 
_entity.pdbx_description 
_entity.formula_weight 
_entity.pdbx_number_of_molecules 
_entity.pdbx_ec 
_entity.pdbx_mutation 
_entity.pdbx_fragment 
_entity.details 
1 polymer man 'Centrosomal protein of 152 kDa' 6456.716 2  ? ? ? ? 
2 polymer man 'Centrosomal protein of 63 kDa'  5331.049 2  ? ? ? ? 
3 water   nat water                            18.015   15 ? ? ? ? 
# 
loop_
_entity_name_com.entity_id 
_entity_name_com.name 
1 Cep152 
2 Cep63  
# 
loop_
_entity_poly.entity_id 
_entity_poly.type 
_entity_poly.nstd_linkage 
_entity_poly.nstd_monomer 
_entity_poly.pdbx_seq_one_letter_code 
_entity_poly.pdbx_seq_one_letter_code_can 
_entity_poly.pdbx_strand_id 
_entity_poly.pdbx_target_identifier 
1 'polypeptide(L)' no no MGALEELRGQYIKAVKKIKCDMLRYIQESKERAAEMVKAEVLRERQETARKMRK 
MGALEELRGQYIKAVKKIKCDMLRYIQESKERAAEMVKAEVLRERQETARKMRK B,D ? 
2 'polypeptide(L)' no no ACLNTRFLEEEELRSHHILERLDAHIEELKRESEKTVRQFTALK           ACLNTRFLEEEELRSHHILERLDAHIEELKRESEKTVRQFTALK C,A ? 
# 
_pdbx_entity_nonpoly.entity_id   3 
_pdbx_entity_nonpoly.name        water 
_pdbx_entity_nonpoly.comp_id     HOH 
# 
loop_
_entity_poly_seq.entity_id 
_entity_poly_seq.num 
_entity_poly_seq.mon_id 
_entity_poly_seq.hetero 
1 1  MET n 
1 2  GLY n 
1 3  ALA n 
1 4  LEU n 
1 5  GLU n 
1 6  GLU n 
1 7  LEU n 
1 8  ARG n 
1 9  GLY n 
1 10 GLN n 
1 11 TYR n 
1 12 ILE n 
1 13 LYS n 
1 14 ALA n 
1 15 VAL n 
1 16 LYS n 
1 17 LYS n 
1 18 ILE n 
1 19 LYS n 
1 20 CYS n 
1 21 ASP n 
1 22 MET n 
1 23 LEU n 
1 24 ARG n 
1 25 TYR n 
1 26 ILE n 
1 27 GLN n 
1 28 GLU n 
1 29 SER n 
1 30 LYS n 
1 31 GLU n 
1 32 ARG n 
1 33 ALA n 
1 34 ALA n 
1 35 GLU n 
1 36 MET n 
1 37 VAL n 
1 38 LYS n 
1 39 ALA n 
1 40 GLU n 
1 41 VAL n 
1 42 LEU n 
1 43 ARG n 
1 44 GLU n 
1 45 ARG n 
1 46 GLN n 
1 47 GLU n 
1 48 THR n 
1 49 ALA n 
1 50 ARG n 
1 51 LYS n 
1 52 MET n 
1 53 ARG n 
1 54 LYS n 
2 1  ALA n 
2 2  CYS n 
2 3  LEU n 
2 4  ASN n 
2 5  THR n 
2 6  ARG n 
2 7  PHE n 
2 8  LEU n 
2 9  GLU n 
2 10 GLU n 
2 11 GLU n 
2 12 GLU n 
2 13 LEU n 
2 14 ARG n 
2 15 SER n 
2 16 HIS n 
2 17 HIS n 
2 18 ILE n 
2 19 LEU n 
2 20 GLU n 
2 21 ARG n 
2 22 LEU n 
2 23 ASP n 
2 24 ALA n 
2 25 HIS n 
2 26 ILE n 
2 27 GLU n 
2 28 GLU n 
2 29 LEU n 
2 30 LYS n 
2 31 ARG n 
2 32 GLU n 
2 33 SER n 
2 34 GLU n 
2 35 LYS n 
2 36 THR n 
2 37 VAL n 
2 38 ARG n 
2 39 GLN n 
2 40 PHE n 
2 41 THR n 
2 42 ALA n 
2 43 LEU n 
2 44 LYS n 
# 
loop_
_entity_src_gen.entity_id 
_entity_src_gen.pdbx_src_id 
_entity_src_gen.pdbx_alt_source_flag 
_entity_src_gen.pdbx_seq_type 
_entity_src_gen.pdbx_beg_seq_num 
_entity_src_gen.pdbx_end_seq_num 
_entity_src_gen.gene_src_common_name 
_entity_src_gen.gene_src_genus 
_entity_src_gen.pdbx_gene_src_gene 
_entity_src_gen.gene_src_species 
_entity_src_gen.gene_src_strain 
_entity_src_gen.gene_src_tissue 
_entity_src_gen.gene_src_tissue_fraction 
_entity_src_gen.gene_src_details 
_entity_src_gen.pdbx_gene_src_fragment 
_entity_src_gen.pdbx_gene_src_scientific_name 
_entity_src_gen.pdbx_gene_src_ncbi_taxonomy_id 
_entity_src_gen.pdbx_gene_src_variant 
_entity_src_gen.pdbx_gene_src_cell_line 
_entity_src_gen.pdbx_gene_src_atcc 
_entity_src_gen.pdbx_gene_src_organ 
_entity_src_gen.pdbx_gene_src_organelle 
_entity_src_gen.pdbx_gene_src_cell 
_entity_src_gen.pdbx_gene_src_cellular_location 
_entity_src_gen.host_org_common_name 
_entity_src_gen.pdbx_host_org_scientific_name 
_entity_src_gen.pdbx_host_org_ncbi_taxonomy_id 
_entity_src_gen.host_org_genus 
_entity_src_gen.pdbx_host_org_gene 
_entity_src_gen.pdbx_host_org_organ 
_entity_src_gen.host_org_species 
_entity_src_gen.pdbx_host_org_tissue 
_entity_src_gen.pdbx_host_org_tissue_fraction 
_entity_src_gen.pdbx_host_org_strain 
_entity_src_gen.pdbx_host_org_variant 
_entity_src_gen.pdbx_host_org_cell_line 
_entity_src_gen.pdbx_host_org_atcc 
_entity_src_gen.pdbx_host_org_culture_collection 
_entity_src_gen.pdbx_host_org_cell 
_entity_src_gen.pdbx_host_org_organelle 
_entity_src_gen.pdbx_host_org_cellular_location 
_entity_src_gen.pdbx_host_org_vector_type 
_entity_src_gen.pdbx_host_org_vector 
_entity_src_gen.host_org_details 
_entity_src_gen.expression_system_id 
_entity_src_gen.plasmid_name 
_entity_src_gen.plasmid_details 
_entity_src_gen.pdbx_description 
1 1 sample 'Biological sequence' 1 54 Human ? 'CEP152, KIAA0912' ? ? ? ? ? ? 'Homo sapiens' 9606 ? ? ? ? ? ? ? ? 
'Escherichia coli' 562 ? ? ? ? ? ? ? ? ? ? ? ? ? ? ? ? ? ? ? ? ? 
2 1 sample 'Biological sequence' 1 44 Human ? CEP63              ? ? ? ? ? ? 'Homo sapiens' 9606 ? ? ? ? ? ? ? ? 
'Escherichia coli' 562 ? ? ? ? ? ? ? ? ? ? ? ? ? ? ? ? ? ? ? ? ? 
# 
loop_
_chem_comp.id 
_chem_comp.type 
_chem_comp.mon_nstd_flag 
_chem_comp.name 
_chem_comp.pdbx_synonyms 
_chem_comp.formula 
_chem_comp.formula_weight 
ALA 'L-peptide linking' y ALANINE         ? 'C3 H7 N O2'     89.093  
ARG 'L-peptide linking' y ARGININE        ? 'C6 H15 N4 O2 1' 175.209 
ASN 'L-peptide linking' y ASPARAGINE      ? 'C4 H8 N2 O3'    132.118 
ASP 'L-peptide linking' y 'ASPARTIC ACID' ? 'C4 H7 N O4'     133.103 
CYS 'L-peptide linking' y CYSTEINE        ? 'C3 H7 N O2 S'   121.158 
GLN 'L-peptide linking' y GLUTAMINE       ? 'C5 H10 N2 O3'   146.144 
GLU 'L-peptide linking' y 'GLUTAMIC ACID' ? 'C5 H9 N O4'     147.129 
GLY 'peptide linking'   y GLYCINE         ? 'C2 H5 N O2'     75.067  
HIS 'L-peptide linking' y HISTIDINE       ? 'C6 H10 N3 O2 1' 156.162 
HOH non-polymer         . WATER           ? 'H2 O'           18.015  
ILE 'L-peptide linking' y ISOLEUCINE      ? 'C6 H13 N O2'    131.173 
LEU 'L-peptide linking' y LEUCINE         ? 'C6 H13 N O2'    131.173 
LYS 'L-peptide linking' y LYSINE          ? 'C6 H15 N2 O2 1' 147.195 
MET 'L-peptide linking' y METHIONINE      ? 'C5 H11 N O2 S'  149.211 
PHE 'L-peptide linking' y PHENYLALANINE   ? 'C9 H11 N O2'    165.189 
SER 'L-peptide linking' y SERINE          ? 'C3 H7 N O3'     105.093 
THR 'L-peptide linking' y THREONINE       ? 'C4 H9 N O3'     119.119 
TYR 'L-peptide linking' y TYROSINE        ? 'C9 H11 N O3'    181.189 
VAL 'L-peptide linking' y VALINE          ? 'C5 H11 N O2'    117.146 
# 
loop_
_pdbx_poly_seq_scheme.asym_id 
_pdbx_poly_seq_scheme.entity_id 
_pdbx_poly_seq_scheme.seq_id 
_pdbx_poly_seq_scheme.mon_id 
_pdbx_poly_seq_scheme.ndb_seq_num 
_pdbx_poly_seq_scheme.pdb_seq_num 
_pdbx_poly_seq_scheme.auth_seq_num 
_pdbx_poly_seq_scheme.pdb_mon_id 
_pdbx_poly_seq_scheme.auth_mon_id 
_pdbx_poly_seq_scheme.pdb_strand_id 
_pdbx_poly_seq_scheme.pdb_ins_code 
_pdbx_poly_seq_scheme.hetero 
A 1 1  MET 1  1204 ?    ?   ?   B . n 
A 1 2  GLY 2  1205 1205 GLY GLY B . n 
A 1 3  ALA 3  1206 1206 ALA ALA B . n 
A 1 4  LEU 4  1207 1207 LEU LEU B . n 
A 1 5  GLU 5  1208 1208 GLU GLU B . n 
A 1 6  GLU 6  1209 1209 GLU GLU B . n 
A 1 7  LEU 7  1210 1210 LEU LEU B . n 
A 1 8  ARG 8  1211 1211 ARG ARG B . n 
A 1 9  GLY 9  1212 1212 GLY GLY B . n 
A 1 10 GLN 10 1213 1213 GLN GLN B . n 
A 1 11 TYR 11 1214 1214 TYR TYR B . n 
A 1 12 ILE 12 1215 1215 ILE ILE B . n 
A 1 13 LYS 13 1216 1216 LYS LYS B . n 
A 1 14 ALA 14 1217 1217 ALA ALA B . n 
A 1 15 VAL 15 1218 1218 VAL VAL B . n 
A 1 16 LYS 16 1219 1219 LYS LYS B . n 
A 1 17 LYS 17 1220 1220 LYS LYS B . n 
A 1 18 ILE 18 1221 1221 ILE ILE B . n 
A 1 19 LYS 19 1222 1222 LYS LYS B . n 
A 1 20 CYS 20 1223 1223 CYS CYS B . n 
A 1 21 ASP 21 1224 1224 ASP ASP B . n 
A 1 22 MET 22 1225 1225 MET MET B . n 
A 1 23 LEU 23 1226 1226 LEU LEU B . n 
A 1 24 ARG 24 1227 1227 ARG ARG B . n 
A 1 25 TYR 25 1228 1228 TYR TYR B . n 
A 1 26 ILE 26 1229 1229 ILE ILE B . n 
A 1 27 GLN 27 1230 1230 GLN GLN B . n 
A 1 28 GLU 28 1231 1231 GLU GLU B . n 
A 1 29 SER 29 1232 1232 SER SER B . n 
A 1 30 LYS 30 1233 1233 LYS LYS B . n 
A 1 31 GLU 31 1234 1234 GLU GLU B . n 
A 1 32 ARG 32 1235 1235 ARG ARG B . n 
A 1 33 ALA 33 1236 1236 ALA ALA B . n 
A 1 34 ALA 34 1237 1237 ALA ALA B . n 
A 1 35 GLU 35 1238 1238 GLU GLU B . n 
A 1 36 MET 36 1239 1239 MET MET B . n 
A 1 37 VAL 37 1240 1240 VAL VAL B . n 
A 1 38 LYS 38 1241 1241 LYS LYS B . n 
A 1 39 ALA 39 1242 1242 ALA ALA B . n 
A 1 40 GLU 40 1243 1243 GLU GLU B . n 
A 1 41 VAL 41 1244 1244 VAL VAL B . n 
A 1 42 LEU 42 1245 1245 LEU LEU B . n 
A 1 43 ARG 43 1246 1246 ARG ARG B . n 
A 1 44 GLU 44 1247 1247 GLU GLU B . n 
A 1 45 ARG 45 1248 1248 ARG ARG B . n 
A 1 46 GLN 46 1249 1249 GLN GLN B . n 
A 1 47 GLU 47 1250 1250 GLU GLU B . n 
A 1 48 THR 48 1251 1251 THR THR B . n 
A 1 49 ALA 49 1252 1252 ALA ALA B . n 
A 1 50 ARG 50 1253 1253 ARG ARG B . n 
A 1 51 LYS 51 1254 1254 LYS LYS B . n 
A 1 52 MET 52 1255 1255 MET MET B . n 
A 1 53 ARG 53 1256 ?    ?   ?   B . n 
A 1 54 LYS 54 1257 ?    ?   ?   B . n 
B 2 1  ALA 1  498  498  ALA ALA C . n 
B 2 2  CYS 2  499  499  CYS CYS C . n 
B 2 3  LEU 3  500  500  LEU LEU C . n 
B 2 4  ASN 4  501  501  ASN ASN C . n 
B 2 5  THR 5  502  502  THR THR C . n 
B 2 6  ARG 6  503  503  ARG ARG C . n 
B 2 7  PHE 7  504  504  PHE PHE C . n 
B 2 8  LEU 8  505  505  LEU LEU C . n 
B 2 9  GLU 9  506  506  GLU GLU C . n 
B 2 10 GLU 10 507  507  GLU GLU C . n 
B 2 11 GLU 11 508  508  GLU GLU C . n 
B 2 12 GLU 12 509  509  GLU GLU C . n 
B 2 13 LEU 13 510  510  LEU LEU C . n 
B 2 14 ARG 14 511  511  ARG ARG C . n 
B 2 15 SER 15 512  512  SER SER C . n 
B 2 16 HIS 16 513  513  HIS HIS C . n 
B 2 17 HIS 17 514  514  HIS HIS C . n 
B 2 18 ILE 18 515  515  ILE ILE C . n 
B 2 19 LEU 19 516  516  LEU LEU C . n 
B 2 20 GLU 20 517  517  GLU GLU C . n 
B 2 21 ARG 21 518  518  ARG ARG C . n 
B 2 22 LEU 22 519  519  LEU LEU C . n 
B 2 23 ASP 23 520  520  ASP ASP C . n 
B 2 24 ALA 24 521  521  ALA ALA C . n 
B 2 25 HIS 25 522  522  HIS HIS C . n 
B 2 26 ILE 26 523  523  ILE ILE C . n 
B 2 27 GLU 27 524  524  GLU GLU C . n 
B 2 28 GLU 28 525  525  GLU GLU C . n 
B 2 29 LEU 29 526  526  LEU LEU C . n 
B 2 30 LYS 30 527  527  LYS LYS C . n 
B 2 31 ARG 31 528  528  ARG ARG C . n 
B 2 32 GLU 32 529  529  GLU GLU C . n 
B 2 33 SER 33 530  530  SER SER C . n 
B 2 34 GLU 34 531  531  GLU GLU C . n 
B 2 35 LYS 35 532  532  LYS LYS C . n 
B 2 36 THR 36 533  533  THR THR C . n 
B 2 37 VAL 37 534  534  VAL VAL C . n 
B 2 38 ARG 38 535  535  ARG ARG C . n 
B 2 39 GLN 39 536  536  GLN GLN C . n 
B 2 40 PHE 40 537  537  PHE PHE C . n 
B 2 41 THR 41 538  538  THR THR C . n 
B 2 42 ALA 42 539  539  ALA ALA C . n 
B 2 43 LEU 43 540  540  LEU LEU C . n 
B 2 44 LYS 44 541  ?    ?   ?   C . n 
C 1 1  MET 1  1204 1204 MET MET D . n 
C 1 2  GLY 2  1205 1205 GLY GLY D . n 
C 1 3  ALA 3  1206 1206 ALA ALA D . n 
C 1 4  LEU 4  1207 1207 LEU LEU D . n 
C 1 5  GLU 5  1208 1208 GLU GLU D . n 
C 1 6  GLU 6  1209 1209 GLU GLU D . n 
C 1 7  LEU 7  1210 1210 LEU LEU D . n 
C 1 8  ARG 8  1211 1211 ARG ARG D . n 
C 1 9  GLY 9  1212 1212 GLY GLY D . n 
C 1 10 GLN 10 1213 1213 GLN GLN D . n 
C 1 11 TYR 11 1214 1214 TYR TYR D . n 
C 1 12 ILE 12 1215 1215 ILE ILE D . n 
C 1 13 LYS 13 1216 1216 LYS LYS D . n 
C 1 14 ALA 14 1217 1217 ALA ALA D . n 
C 1 15 VAL 15 1218 1218 VAL VAL D . n 
C 1 16 LYS 16 1219 1219 LYS LYS D . n 
C 1 17 LYS 17 1220 1220 LYS LYS D . n 
C 1 18 ILE 18 1221 1221 ILE ILE D . n 
C 1 19 LYS 19 1222 1222 LYS LYS D . n 
C 1 20 CYS 20 1223 1223 CYS CYS D . n 
C 1 21 ASP 21 1224 1224 ASP ASP D . n 
C 1 22 MET 22 1225 1225 MET MET D . n 
C 1 23 LEU 23 1226 1226 LEU LEU D . n 
C 1 24 ARG 24 1227 1227 ARG ARG D . n 
C 1 25 TYR 25 1228 1228 TYR TYR D . n 
C 1 26 ILE 26 1229 1229 ILE ILE D . n 
C 1 27 GLN 27 1230 1230 GLN GLN D . n 
C 1 28 GLU 28 1231 1231 GLU GLU D . n 
C 1 29 SER 29 1232 1232 SER SER D . n 
C 1 30 LYS 30 1233 1233 LYS LYS D . n 
C 1 31 GLU 31 1234 1234 GLU GLU D . n 
C 1 32 ARG 32 1235 1235 ARG ARG D . n 
C 1 33 ALA 33 1236 1236 ALA ALA D . n 
C 1 34 ALA 34 1237 1237 ALA ALA D . n 
C 1 35 GLU 35 1238 1238 GLU GLU D . n 
C 1 36 MET 36 1239 1239 MET MET D . n 
C 1 37 VAL 37 1240 1240 VAL VAL D . n 
C 1 38 LYS 38 1241 1241 LYS LYS D . n 
C 1 39 ALA 39 1242 1242 ALA ALA D . n 
C 1 40 GLU 40 1243 1243 GLU GLU D . n 
C 1 41 VAL 41 1244 1244 VAL VAL D . n 
C 1 42 LEU 42 1245 1245 LEU LEU D . n 
C 1 43 ARG 43 1246 1246 ARG ARG D . n 
C 1 44 GLU 44 1247 1247 GLU GLU D . n 
C 1 45 ARG 45 1248 1248 ARG ARG D . n 
C 1 46 GLN 46 1249 1249 GLN GLN D . n 
C 1 47 GLU 47 1250 1250 GLU GLU D . n 
C 1 48 THR 48 1251 1251 THR THR D . n 
C 1 49 ALA 49 1252 1252 ALA ALA D . n 
C 1 50 ARG 50 1253 1253 ARG ARG D . n 
C 1 51 LYS 51 1254 1254 LYS LYS D . n 
C 1 52 MET 52 1255 1255 MET MET D . n 
C 1 53 ARG 53 1256 ?    ?   ?   D . n 
C 1 54 LYS 54 1257 ?    ?   ?   D . n 
D 2 1  ALA 1  498  498  ALA ALA A . n 
D 2 2  CYS 2  499  499  CYS CYS A . n 
D 2 3  LEU 3  500  500  LEU LEU A . n 
D 2 4  ASN 4  501  501  ASN ASN A . n 
D 2 5  THR 5  502  502  THR THR A . n 
D 2 6  ARG 6  503  503  ARG ARG A . n 
D 2 7  PHE 7  504  504  PHE PHE A . n 
D 2 8  LEU 8  505  505  LEU LEU A . n 
D 2 9  GLU 9  506  506  GLU GLU A . n 
D 2 10 GLU 10 507  507  GLU GLU A . n 
D 2 11 GLU 11 508  508  GLU GLU A . n 
D 2 12 GLU 12 509  509  GLU GLU A . n 
D 2 13 LEU 13 510  510  LEU LEU A . n 
D 2 14 ARG 14 511  511  ARG ARG A . n 
D 2 15 SER 15 512  512  SER SER A . n 
D 2 16 HIS 16 513  513  HIS HIS A . n 
D 2 17 HIS 17 514  514  HIS HIS A . n 
D 2 18 ILE 18 515  515  ILE ILE A . n 
D 2 19 LEU 19 516  516  LEU LEU A . n 
D 2 20 GLU 20 517  517  GLU GLU A . n 
D 2 21 ARG 21 518  518  ARG ARG A . n 
D 2 22 LEU 22 519  519  LEU LEU A . n 
D 2 23 ASP 23 520  520  ASP ASP A . n 
D 2 24 ALA 24 521  521  ALA ALA A . n 
D 2 25 HIS 25 522  522  HIS HIS A . n 
D 2 26 ILE 26 523  523  ILE ILE A . n 
D 2 27 GLU 27 524  524  GLU GLU A . n 
D 2 28 GLU 28 525  525  GLU GLU A . n 
D 2 29 LEU 29 526  526  LEU LEU A . n 
D 2 30 LYS 30 527  527  LYS LYS A . n 
D 2 31 ARG 31 528  528  ARG ARG A . n 
D 2 32 GLU 32 529  529  GLU GLU A . n 
D 2 33 SER 33 530  530  SER SER A . n 
D 2 34 GLU 34 531  ?    ?   ?   A . n 
D 2 35 LYS 35 532  ?    ?   ?   A . n 
D 2 36 THR 36 533  ?    ?   ?   A . n 
D 2 37 VAL 37 534  ?    ?   ?   A . n 
D 2 38 ARG 38 535  ?    ?   ?   A . n 
D 2 39 GLN 39 536  ?    ?   ?   A . n 
D 2 40 PHE 40 537  ?    ?   ?   A . n 
D 2 41 THR 41 538  ?    ?   ?   A . n 
D 2 42 ALA 42 539  ?    ?   ?   A . n 
D 2 43 LEU 43 540  ?    ?   ?   A . n 
D 2 44 LYS 44 541  ?    ?   ?   A . n 
# 
loop_
_pdbx_nonpoly_scheme.asym_id 
_pdbx_nonpoly_scheme.entity_id 
_pdbx_nonpoly_scheme.mon_id 
_pdbx_nonpoly_scheme.ndb_seq_num 
_pdbx_nonpoly_scheme.pdb_seq_num 
_pdbx_nonpoly_scheme.auth_seq_num 
_pdbx_nonpoly_scheme.pdb_mon_id 
_pdbx_nonpoly_scheme.auth_mon_id 
_pdbx_nonpoly_scheme.pdb_strand_id 
_pdbx_nonpoly_scheme.pdb_ins_code 
E 3 HOH 1 1301 14 HOH HOH B . 
E 3 HOH 2 1302 3  HOH HOH B . 
E 3 HOH 3 1303 1  HOH HOH B . 
F 3 HOH 1 601  12 HOH HOH C . 
F 3 HOH 2 602  9  HOH HOH C . 
F 3 HOH 3 603  7  HOH HOH C . 
F 3 HOH 4 604  5  HOH HOH C . 
F 3 HOH 5 605  11 HOH HOH C . 
F 3 HOH 6 606  15 HOH HOH C . 
F 3 HOH 7 607  13 HOH HOH C . 
G 3 HOH 1 1301 10 HOH HOH D . 
G 3 HOH 2 1302 2  HOH HOH D . 
G 3 HOH 3 1303 6  HOH HOH D . 
H 3 HOH 1 601  4  HOH HOH A . 
H 3 HOH 2 602  8  HOH HOH A . 
# 
loop_
_software.citation_id 
_software.classification 
_software.compiler_name 
_software.compiler_version 
_software.contact_author 
_software.contact_author_email 
_software.date 
_software.description 
_software.dependencies 
_software.hardware 
_software.language 
_software.location 
_software.mods 
_software.name 
_software.os 
_software.os_version 
_software.type 
_software.version 
_software.pdbx_ordinal 
? refinement        ? ? ? ? ? ? ? ? ? ? ? PHENIX   ? ? ? '(1.10_2155: ???)' 1 
? 'data collection' ? ? ? ? ? ? ? ? ? ? ? HKL-2000 ? ? ? .                  2 
? 'data reduction'  ? ? ? ? ? ? ? ? ? ? ? HKL-2000 ? ? ? .                  3 
? 'data scaling'    ? ? ? ? ? ? ? ? ? ? ? HKL-2000 ? ? ? .                  4 
? phasing           ? ? ? ? ? ? ? ? ? ? ? PHENIX   ? ? ? .                  5 
? 'model building'  ? ? ? ? ? ? ? ? ? ? ? Coot     ? ? ? .                  6 
# 
_cell.angle_alpha                  90.00 
_cell.angle_alpha_esd              ? 
_cell.angle_beta                   90.00 
_cell.angle_beta_esd               ? 
_cell.angle_gamma                  90.00 
_cell.angle_gamma_esd              ? 
_cell.entry_id                     6CSU 
_cell.details                      ? 
_cell.formula_units_Z              ? 
_cell.length_a                     28.066 
_cell.length_a_esd                 ? 
_cell.length_b                     41.523 
_cell.length_b_esd                 ? 
_cell.length_c                     205.619 
_cell.length_c_esd                 ? 
_cell.volume                       ? 
_cell.volume_esd                   ? 
_cell.Z_PDB                        8 
_cell.reciprocal_angle_alpha       ? 
_cell.reciprocal_angle_beta        ? 
_cell.reciprocal_angle_gamma       ? 
_cell.reciprocal_angle_alpha_esd   ? 
_cell.reciprocal_angle_beta_esd    ? 
_cell.reciprocal_angle_gamma_esd   ? 
_cell.reciprocal_length_a          ? 
_cell.reciprocal_length_b          ? 
_cell.reciprocal_length_c          ? 
_cell.reciprocal_length_a_esd      ? 
_cell.reciprocal_length_b_esd      ? 
_cell.reciprocal_length_c_esd      ? 
_cell.pdbx_unique_axis             ? 
# 
_symmetry.entry_id                         6CSU 
_symmetry.cell_setting                     ? 
_symmetry.Int_Tables_number                19 
_symmetry.space_group_name_Hall            ? 
_symmetry.space_group_name_H-M             'P 21 21 21' 
_symmetry.pdbx_full_space_group_name_H-M   ? 
# 
_exptl.absorpt_coefficient_mu     ? 
_exptl.absorpt_correction_T_max   ? 
_exptl.absorpt_correction_T_min   ? 
_exptl.absorpt_correction_type    ? 
_exptl.absorpt_process_details    ? 
_exptl.entry_id                   6CSU 
_exptl.crystals_number            1 
_exptl.details                    ? 
_exptl.method                     'X-RAY DIFFRACTION' 
_exptl.method_details             ? 
# 
_exptl_crystal.colour                      ? 
_exptl_crystal.density_diffrn              ? 
_exptl_crystal.density_Matthews            2.56 
_exptl_crystal.density_method              ? 
_exptl_crystal.density_percent_sol         51.86 
_exptl_crystal.description                 ? 
_exptl_crystal.F_000                       ? 
_exptl_crystal.id                          1 
_exptl_crystal.preparation                 ? 
_exptl_crystal.size_max                    ? 
_exptl_crystal.size_mid                    ? 
_exptl_crystal.size_min                    ? 
_exptl_crystal.size_rad                    ? 
_exptl_crystal.colour_lustre               ? 
_exptl_crystal.colour_modifier             ? 
_exptl_crystal.colour_primary              ? 
_exptl_crystal.density_meas                ? 
_exptl_crystal.density_meas_esd            ? 
_exptl_crystal.density_meas_gt             ? 
_exptl_crystal.density_meas_lt             ? 
_exptl_crystal.density_meas_temp           ? 
_exptl_crystal.density_meas_temp_esd       ? 
_exptl_crystal.density_meas_temp_gt        ? 
_exptl_crystal.density_meas_temp_lt        ? 
_exptl_crystal.pdbx_crystal_image_url      ? 
_exptl_crystal.pdbx_crystal_image_format   ? 
_exptl_crystal.pdbx_mosaicity              ? 
_exptl_crystal.pdbx_mosaicity_esd          ? 
# 
_exptl_crystal_grow.apparatus       ? 
_exptl_crystal_grow.atmosphere      ? 
_exptl_crystal_grow.crystal_id      1 
_exptl_crystal_grow.details         ? 
_exptl_crystal_grow.method          'VAPOR DIFFUSION, HANGING DROP' 
_exptl_crystal_grow.method_ref      ? 
_exptl_crystal_grow.pH              ? 
_exptl_crystal_grow.pressure        ? 
_exptl_crystal_grow.pressure_esd    ? 
_exptl_crystal_grow.seeding         ? 
_exptl_crystal_grow.seeding_ref     ? 
_exptl_crystal_grow.temp            293 
_exptl_crystal_grow.temp_details    ? 
_exptl_crystal_grow.temp_esd        ? 
_exptl_crystal_grow.time            ? 
_exptl_crystal_grow.pdbx_details    '0.1 M MES (pH 5.4), 23% PEG 3350 and 0.2 M ammonium sulfate' 
_exptl_crystal_grow.pdbx_pH_range   ? 
# 
_diffrn.ambient_environment    ? 
_diffrn.ambient_temp           100 
_diffrn.ambient_temp_details   ? 
_diffrn.ambient_temp_esd       ? 
_diffrn.crystal_id             1 
_diffrn.crystal_support        ? 
_diffrn.crystal_treatment      ? 
_diffrn.details                ? 
_diffrn.id                     1 
_diffrn.ambient_pressure       ? 
_diffrn.ambient_pressure_esd   ? 
_diffrn.ambient_pressure_gt    ? 
_diffrn.ambient_pressure_lt    ? 
_diffrn.ambient_temp_gt        ? 
_diffrn.ambient_temp_lt        ? 
# 
_diffrn_detector.details                      ? 
_diffrn_detector.detector                     PIXEL 
_diffrn_detector.diffrn_id                    1 
_diffrn_detector.type                         'DECTRIS PILATUS3 R CdTe 300K' 
_diffrn_detector.area_resol_mean              ? 
_diffrn_detector.dtime                        ? 
_diffrn_detector.pdbx_frames_total            ? 
_diffrn_detector.pdbx_collection_time_total   ? 
_diffrn_detector.pdbx_collection_date         2016-03-04 
# 
_diffrn_radiation.collimation                      ? 
_diffrn_radiation.diffrn_id                        1 
_diffrn_radiation.filter_edge                      ? 
_diffrn_radiation.inhomogeneity                    ? 
_diffrn_radiation.monochromator                    ? 
_diffrn_radiation.polarisn_norm                    ? 
_diffrn_radiation.polarisn_ratio                   ? 
_diffrn_radiation.probe                            ? 
_diffrn_radiation.type                             ? 
_diffrn_radiation.xray_symbol                      ? 
_diffrn_radiation.wavelength_id                    1 
_diffrn_radiation.pdbx_monochromatic_or_laue_m_l   M 
_diffrn_radiation.pdbx_wavelength_list             ? 
_diffrn_radiation.pdbx_wavelength                  ? 
_diffrn_radiation.pdbx_diffrn_protocol             'SINGLE WAVELENGTH' 
_diffrn_radiation.pdbx_analyzer                    ? 
_diffrn_radiation.pdbx_scattering_type             x-ray 
# 
_diffrn_radiation_wavelength.id           1 
_diffrn_radiation_wavelength.wavelength   0.9793 
_diffrn_radiation_wavelength.wt           1.0 
# 
_diffrn_source.current                     ? 
_diffrn_source.details                     ? 
_diffrn_source.diffrn_id                   1 
_diffrn_source.power                       ? 
_diffrn_source.size                        ? 
_diffrn_source.source                      SYNCHROTRON 
_diffrn_source.target                      ? 
_diffrn_source.type                        'APS BEAMLINE 22-ID' 
_diffrn_source.voltage                     ? 
_diffrn_source.take-off_angle              ? 
_diffrn_source.pdbx_wavelength_list        0.9793 
_diffrn_source.pdbx_wavelength             ? 
_diffrn_source.pdbx_synchrotron_beamline   22-ID 
_diffrn_source.pdbx_synchrotron_site       APS 
# 
_reflns.B_iso_Wilson_estimate            ? 
_reflns.entry_id                         6CSU 
_reflns.data_reduction_details           ? 
_reflns.data_reduction_method            ? 
_reflns.d_resolution_high                2.50 
_reflns.d_resolution_low                 19.87 
_reflns.details                          ? 
_reflns.limit_h_max                      ? 
_reflns.limit_h_min                      ? 
_reflns.limit_k_max                      ? 
_reflns.limit_k_min                      ? 
_reflns.limit_l_max                      ? 
_reflns.limit_l_min                      ? 
_reflns.number_all                       ? 
_reflns.number_obs                       8163 
_reflns.observed_criterion               ? 
_reflns.observed_criterion_F_max         ? 
_reflns.observed_criterion_F_min         ? 
_reflns.observed_criterion_I_max         ? 
_reflns.observed_criterion_I_min         ? 
_reflns.observed_criterion_sigma_F       ? 
_reflns.observed_criterion_sigma_I       ? 
_reflns.percent_possible_obs             91.18 
_reflns.R_free_details                   ? 
_reflns.Rmerge_F_all                     ? 
_reflns.Rmerge_F_obs                     ? 
_reflns.Friedel_coverage                 ? 
_reflns.number_gt                        ? 
_reflns.threshold_expression             ? 
_reflns.pdbx_redundancy                  6.9 
_reflns.pdbx_Rmerge_I_obs                ? 
_reflns.pdbx_Rmerge_I_all                ? 
_reflns.pdbx_Rsym_value                  ? 
_reflns.pdbx_netI_over_av_sigmaI         ? 
_reflns.pdbx_netI_over_sigmaI            16.68 
_reflns.pdbx_res_netI_over_av_sigmaI_2   ? 
_reflns.pdbx_res_netI_over_sigmaI_2      ? 
_reflns.pdbx_chi_squared                 ? 
_reflns.pdbx_scaling_rejects             ? 
_reflns.pdbx_d_res_high_opt              ? 
_reflns.pdbx_d_res_low_opt               ? 
_reflns.pdbx_d_res_opt_method            ? 
_reflns.phase_calculation_details        ? 
_reflns.pdbx_Rrim_I_all                  ? 
_reflns.pdbx_Rpim_I_all                  ? 
_reflns.pdbx_d_opt                       ? 
_reflns.pdbx_number_measured_all         ? 
_reflns.pdbx_diffrn_id                   1 
_reflns.pdbx_ordinal                     1 
_reflns.pdbx_CC_half                     ? 
_reflns.pdbx_R_split                     ? 
# 
_reflns_shell.d_res_high                  2.50 
_reflns_shell.d_res_low                   2.54 
_reflns_shell.meanI_over_sigI_all         ? 
_reflns_shell.meanI_over_sigI_obs         ? 
_reflns_shell.number_measured_all         ? 
_reflns_shell.number_measured_obs         ? 
_reflns_shell.number_possible             ? 
_reflns_shell.number_unique_all           ? 
_reflns_shell.number_unique_obs           ? 
_reflns_shell.percent_possible_all        ? 
_reflns_shell.percent_possible_obs        ? 
_reflns_shell.Rmerge_F_all                ? 
_reflns_shell.Rmerge_F_obs                ? 
_reflns_shell.Rmerge_I_all                ? 
_reflns_shell.Rmerge_I_obs                ? 
_reflns_shell.meanI_over_sigI_gt          ? 
_reflns_shell.meanI_over_uI_all           ? 
_reflns_shell.meanI_over_uI_gt            ? 
_reflns_shell.number_measured_gt          ? 
_reflns_shell.number_unique_gt            ? 
_reflns_shell.percent_possible_gt         ? 
_reflns_shell.Rmerge_F_gt                 ? 
_reflns_shell.Rmerge_I_gt                 ? 
_reflns_shell.pdbx_redundancy             ? 
_reflns_shell.pdbx_Rsym_value             ? 
_reflns_shell.pdbx_chi_squared            ? 
_reflns_shell.pdbx_netI_over_sigmaI_all   ? 
_reflns_shell.pdbx_netI_over_sigmaI_obs   ? 
_reflns_shell.pdbx_Rrim_I_all             ? 
_reflns_shell.pdbx_Rpim_I_all             ? 
_reflns_shell.pdbx_rejects                ? 
_reflns_shell.pdbx_ordinal                1 
_reflns_shell.pdbx_diffrn_id              1 
_reflns_shell.pdbx_CC_half                ? 
_reflns_shell.pdbx_R_split                ? 
# 
_refine.aniso_B[1][1]                            ? 
_refine.aniso_B[1][2]                            ? 
_refine.aniso_B[1][3]                            ? 
_refine.aniso_B[2][2]                            ? 
_refine.aniso_B[2][3]                            ? 
_refine.aniso_B[3][3]                            ? 
_refine.B_iso_max                                ? 
_refine.B_iso_mean                               ? 
_refine.B_iso_min                                ? 
_refine.correlation_coeff_Fo_to_Fc               ? 
_refine.correlation_coeff_Fo_to_Fc_free          ? 
_refine.details                                  ? 
_refine.diff_density_max                         ? 
_refine.diff_density_max_esd                     ? 
_refine.diff_density_min                         ? 
_refine.diff_density_min_esd                     ? 
_refine.diff_density_rms                         ? 
_refine.diff_density_rms_esd                     ? 
_refine.entry_id                                 6CSU 
_refine.pdbx_refine_id                           'X-RAY DIFFRACTION' 
_refine.ls_abs_structure_details                 ? 
_refine.ls_abs_structure_Flack                   ? 
_refine.ls_abs_structure_Flack_esd               ? 
_refine.ls_abs_structure_Rogers                  ? 
_refine.ls_abs_structure_Rogers_esd              ? 
_refine.ls_d_res_high                            2.5 
_refine.ls_d_res_low                             19.870 
_refine.ls_extinction_coef                       ? 
_refine.ls_extinction_coef_esd                   ? 
_refine.ls_extinction_expression                 ? 
_refine.ls_extinction_method                     ? 
_refine.ls_goodness_of_fit_all                   ? 
_refine.ls_goodness_of_fit_all_esd               ? 
_refine.ls_goodness_of_fit_obs                   ? 
_refine.ls_goodness_of_fit_obs_esd               ? 
_refine.ls_hydrogen_treatment                    ? 
_refine.ls_matrix_type                           ? 
_refine.ls_number_constraints                    ? 
_refine.ls_number_parameters                     ? 
_refine.ls_number_reflns_all                     ? 
_refine.ls_number_reflns_obs                     8163 
_refine.ls_number_reflns_R_free                  817 
_refine.ls_number_reflns_R_work                  ? 
_refine.ls_number_restraints                     ? 
_refine.ls_percent_reflns_obs                    90.78 
_refine.ls_percent_reflns_R_free                 10.01 
_refine.ls_R_factor_all                          ? 
_refine.ls_R_factor_obs                          0.2535 
_refine.ls_R_factor_R_free                       0.2853 
_refine.ls_R_factor_R_free_error                 ? 
_refine.ls_R_factor_R_free_error_details         ? 
_refine.ls_R_factor_R_work                       0.2500 
_refine.ls_R_Fsqd_factor_obs                     ? 
_refine.ls_R_I_factor_obs                        ? 
_refine.ls_redundancy_reflns_all                 ? 
_refine.ls_redundancy_reflns_obs                 ? 
_refine.ls_restrained_S_all                      ? 
_refine.ls_restrained_S_obs                      ? 
_refine.ls_shift_over_esd_max                    ? 
_refine.ls_shift_over_esd_mean                   ? 
_refine.ls_structure_factor_coef                 ? 
_refine.ls_weighting_details                     ? 
_refine.ls_weighting_scheme                      ? 
_refine.ls_wR_factor_all                         ? 
_refine.ls_wR_factor_obs                         ? 
_refine.ls_wR_factor_R_free                      ? 
_refine.ls_wR_factor_R_work                      ? 
_refine.occupancy_max                            ? 
_refine.occupancy_min                            ? 
_refine.solvent_model_details                    ? 
_refine.solvent_model_param_bsol                 ? 
_refine.solvent_model_param_ksol                 ? 
_refine.ls_R_factor_gt                           ? 
_refine.ls_goodness_of_fit_gt                    ? 
_refine.ls_goodness_of_fit_ref                   ? 
_refine.ls_shift_over_su_max                     ? 
_refine.ls_shift_over_su_max_lt                  ? 
_refine.ls_shift_over_su_mean                    ? 
_refine.ls_shift_over_su_mean_lt                 ? 
_refine.pdbx_ls_sigma_I                          ? 
_refine.pdbx_ls_sigma_F                          1.52 
_refine.pdbx_ls_sigma_Fsqd                       ? 
_refine.pdbx_data_cutoff_high_absF               ? 
_refine.pdbx_data_cutoff_high_rms_absF           ? 
_refine.pdbx_data_cutoff_low_absF                ? 
_refine.pdbx_isotropic_thermal_model             ? 
_refine.pdbx_ls_cross_valid_method               NONE 
_refine.pdbx_method_to_determine_struct          'MOLECULAR REPLACEMENT' 
_refine.pdbx_starting_model                      ? 
_refine.pdbx_stereochemistry_target_values       ? 
_refine.pdbx_R_Free_selection_details            ? 
_refine.pdbx_stereochem_target_val_spec_case     ? 
_refine.pdbx_overall_ESU_R                       ? 
_refine.pdbx_overall_ESU_R_Free                  ? 
_refine.pdbx_solvent_vdw_probe_radii             1.11 
_refine.pdbx_solvent_ion_probe_radii             ? 
_refine.pdbx_solvent_shrinkage_radii             0.90 
_refine.pdbx_real_space_R                        ? 
_refine.pdbx_density_correlation                 ? 
_refine.pdbx_pd_number_of_powder_patterns        ? 
_refine.pdbx_pd_number_of_points                 ? 
_refine.pdbx_pd_meas_number_of_points            ? 
_refine.pdbx_pd_proc_ls_prof_R_factor            ? 
_refine.pdbx_pd_proc_ls_prof_wR_factor           ? 
_refine.pdbx_pd_Marquardt_correlation_coeff      ? 
_refine.pdbx_pd_Fsqrd_R_factor                   ? 
_refine.pdbx_pd_ls_matrix_band_width             ? 
_refine.pdbx_overall_phase_error                 29.39 
_refine.pdbx_overall_SU_R_free_Cruickshank_DPI   ? 
_refine.pdbx_overall_SU_R_free_Blow_DPI          ? 
_refine.pdbx_overall_SU_R_Blow_DPI               ? 
_refine.pdbx_TLS_residual_ADP_flag               ? 
_refine.pdbx_diffrn_id                           1 
_refine.overall_SU_B                             ? 
_refine.overall_SU_ML                            0.35 
_refine.overall_SU_R_Cruickshank_DPI             ? 
_refine.overall_SU_R_free                        ? 
_refine.overall_FOM_free_R_set                   ? 
_refine.overall_FOM_work_R_set                   ? 
_refine.pdbx_average_fsc_overall                 ? 
_refine.pdbx_average_fsc_work                    ? 
_refine.pdbx_average_fsc_free                    ? 
# 
_refine_hist.pdbx_refine_id                   'X-RAY DIFFRACTION' 
_refine_hist.cycle_id                         LAST 
_refine_hist.pdbx_number_atoms_protein        1489 
_refine_hist.pdbx_number_atoms_nucleic_acid   0 
_refine_hist.pdbx_number_atoms_ligand         0 
_refine_hist.number_atoms_solvent             15 
_refine_hist.number_atoms_total               1504 
_refine_hist.d_res_high                       2.5 
_refine_hist.d_res_low                        19.870 
# 
loop_
_refine_ls_restr.pdbx_refine_id 
_refine_ls_restr.criterion 
_refine_ls_restr.dev_ideal 
_refine_ls_restr.dev_ideal_target 
_refine_ls_restr.number 
_refine_ls_restr.rejects 
_refine_ls_restr.type 
_refine_ls_restr.weight 
_refine_ls_restr.pdbx_restraint_function 
'X-RAY DIFFRACTION' ? 0.004  ? 1498 ? f_bond_d           ? ? 
'X-RAY DIFFRACTION' ? 0.601  ? 1985 ? f_angle_d          ? ? 
'X-RAY DIFFRACTION' ? 21.525 ? 966  ? f_dihedral_angle_d ? ? 
'X-RAY DIFFRACTION' ? 0.031  ? 219  ? f_chiral_restr     ? ? 
'X-RAY DIFFRACTION' ? 0.002  ? 255  ? f_plane_restr      ? ? 
# 
loop_
_refine_ls_shell.pdbx_refine_id 
_refine_ls_shell.d_res_high 
_refine_ls_shell.d_res_low 
_refine_ls_shell.number_reflns_all 
_refine_ls_shell.number_reflns_obs 
_refine_ls_shell.number_reflns_R_free 
_refine_ls_shell.number_reflns_R_work 
_refine_ls_shell.percent_reflns_obs 
_refine_ls_shell.percent_reflns_R_free 
_refine_ls_shell.R_factor_all 
_refine_ls_shell.R_factor_obs 
_refine_ls_shell.R_factor_R_free 
_refine_ls_shell.R_factor_R_free_error 
_refine_ls_shell.R_factor_R_work 
_refine_ls_shell.redundancy_reflns_all 
_refine_ls_shell.redundancy_reflns_obs 
_refine_ls_shell.wR_factor_all 
_refine_ls_shell.wR_factor_obs 
_refine_ls_shell.wR_factor_R_free 
_refine_ls_shell.wR_factor_R_work 
_refine_ls_shell.pdbx_total_number_of_bins_used 
_refine_ls_shell.pdbx_phase_error 
_refine_ls_shell.pdbx_fsc_work 
_refine_ls_shell.pdbx_fsc_free 
'X-RAY DIFFRACTION' 2.4956 2.6516  . . 111 997  77.00 . . . 0.3358 . 0.2958 . . . . . . . . . . 
'X-RAY DIFFRACTION' 2.6516 2.8558  . . 124 1115 85.00 . . . 0.3298 . 0.2782 . . . . . . . . . . 
'X-RAY DIFFRACTION' 2.8558 3.1422  . . 138 1239 93.00 . . . 0.3038 . 0.2487 . . . . . . . . . . 
'X-RAY DIFFRACTION' 3.1422 3.5945  . . 143 1287 97.00 . . . 0.2728 . 0.2562 . . . . . . . . . . 
'X-RAY DIFFRACTION' 3.5945 4.5199  . . 145 1314 97.00 . . . 0.2358 . 0.2126 . . . . . . . . . . 
'X-RAY DIFFRACTION' 4.5199 19.8705 . . 156 1394 96.00 . . . 0.3085 . 0.2617 . . . . . . . . . . 
# 
_struct.entry_id                     6CSU 
_struct.title                        'The structure of the Cep63-Cep152 heterotetrameric complex' 
_struct.pdbx_model_details           ? 
_struct.pdbx_formula_weight          ? 
_struct.pdbx_formula_weight_method   ? 
_struct.pdbx_model_type_details      ? 
_struct.pdbx_CASP_flag               N 
# 
_struct_keywords.entry_id        6CSU 
_struct_keywords.text            'Centrosome, Hydrophobic, CELL CYCLE' 
_struct_keywords.pdbx_keywords   'CELL CYCLE' 
# 
loop_
_struct_asym.id 
_struct_asym.pdbx_blank_PDB_chainid_flag 
_struct_asym.pdbx_modified 
_struct_asym.entity_id 
_struct_asym.details 
A N N 1 ? 
B N N 2 ? 
C N N 1 ? 
D N N 2 ? 
E N N 3 ? 
F N N 3 ? 
G N N 3 ? 
H N N 3 ? 
# 
loop_
_struct_ref.id 
_struct_ref.db_name 
_struct_ref.db_code 
_struct_ref.pdbx_db_accession 
_struct_ref.pdbx_db_isoform 
_struct_ref.entity_id 
_struct_ref.pdbx_seq_one_letter_code 
_struct_ref.pdbx_align_begin 
1 UNP CE152_HUMAN O94986 O94986-2 1 GALEELRGQYIKAVKKIKCDMLRYIQESKERAAEMVKAEVLRERQETARKMRK 1261 
2 UNP CEP63_HUMAN Q96MT8 ?        2 TRFLEEEELRSHHILERLDAHIEELKRESEKTVRQFTALK              664  
# 
loop_
_struct_ref_seq.align_id 
_struct_ref_seq.ref_id 
_struct_ref_seq.pdbx_PDB_id_code 
_struct_ref_seq.pdbx_strand_id 
_struct_ref_seq.seq_align_beg 
_struct_ref_seq.pdbx_seq_align_beg_ins_code 
_struct_ref_seq.seq_align_end 
_struct_ref_seq.pdbx_seq_align_end_ins_code 
_struct_ref_seq.pdbx_db_accession 
_struct_ref_seq.db_align_beg 
_struct_ref_seq.pdbx_db_align_beg_ins_code 
_struct_ref_seq.db_align_end 
_struct_ref_seq.pdbx_db_align_end_ins_code 
_struct_ref_seq.pdbx_auth_seq_align_beg 
_struct_ref_seq.pdbx_auth_seq_align_end 
1 1 6CSU B 2 ? 54 ? O94986 1261 ? 1313 ? 1205 1257 
2 2 6CSU C 5 ? 44 ? Q96MT8 664  ? 703  ? 502  541  
3 1 6CSU D 2 ? 54 ? O94986 1261 ? 1313 ? 1205 1257 
4 2 6CSU A 5 ? 44 ? Q96MT8 664  ? 703  ? 502  541  
# 
loop_
_struct_ref_seq_dif.align_id 
_struct_ref_seq_dif.pdbx_pdb_id_code 
_struct_ref_seq_dif.mon_id 
_struct_ref_seq_dif.pdbx_pdb_strand_id 
_struct_ref_seq_dif.seq_num 
_struct_ref_seq_dif.pdbx_pdb_ins_code 
_struct_ref_seq_dif.pdbx_seq_db_name 
_struct_ref_seq_dif.pdbx_seq_db_accession_code 
_struct_ref_seq_dif.db_mon_id 
_struct_ref_seq_dif.pdbx_seq_db_seq_num 
_struct_ref_seq_dif.details 
_struct_ref_seq_dif.pdbx_auth_seq_num 
_struct_ref_seq_dif.pdbx_ordinal 
1 6CSU MET B 1 ? UNP O94986 ? ? 'initiating methionine' 1204 1  
2 6CSU ALA C 1 ? UNP Q96MT8 ? ? 'expression tag'        498  2  
2 6CSU CYS C 2 ? UNP Q96MT8 ? ? 'expression tag'        499  3  
2 6CSU LEU C 3 ? UNP Q96MT8 ? ? 'expression tag'        500  4  
2 6CSU ASN C 4 ? UNP Q96MT8 ? ? 'expression tag'        501  5  
3 6CSU MET D 1 ? UNP O94986 ? ? 'initiating methionine' 1204 6  
4 6CSU ALA A 1 ? UNP Q96MT8 ? ? 'expression tag'        498  7  
4 6CSU CYS A 2 ? UNP Q96MT8 ? ? 'expression tag'        499  8  
4 6CSU LEU A 3 ? UNP Q96MT8 ? ? 'expression tag'        500  9  
4 6CSU ASN A 4 ? UNP Q96MT8 ? ? 'expression tag'        501  10 
# 
_pdbx_struct_assembly.id                   1 
_pdbx_struct_assembly.details              author_and_software_defined_assembly 
_pdbx_struct_assembly.method_details       PISA 
_pdbx_struct_assembly.oligomeric_details   tetrameric 
_pdbx_struct_assembly.oligomeric_count     4 
# 
loop_
_pdbx_struct_assembly_prop.biol_id 
_pdbx_struct_assembly_prop.type 
_pdbx_struct_assembly_prop.value 
_pdbx_struct_assembly_prop.details 
1 'ABSA (A^2)' 7250  ? 
1 MORE         -54   ? 
1 'SSA (A^2)'  11330 ? 
# 
_pdbx_struct_assembly_gen.assembly_id       1 
_pdbx_struct_assembly_gen.oper_expression   1 
_pdbx_struct_assembly_gen.asym_id_list      A,B,C,D,E,F,G,H 
# 
_pdbx_struct_assembly_auth_evidence.id                     1 
_pdbx_struct_assembly_auth_evidence.assembly_id            1 
_pdbx_struct_assembly_auth_evidence.experimental_support   'light scattering' 
_pdbx_struct_assembly_auth_evidence.details                ? 
# 
_pdbx_struct_oper_list.id                   1 
_pdbx_struct_oper_list.type                 'identity operation' 
_pdbx_struct_oper_list.name                 1_555 
_pdbx_struct_oper_list.symmetry_operation   x,y,z 
_pdbx_struct_oper_list.matrix[1][1]         1.0000000000 
_pdbx_struct_oper_list.matrix[1][2]         0.0000000000 
_pdbx_struct_oper_list.matrix[1][3]         0.0000000000 
_pdbx_struct_oper_list.vector[1]            0.0000000000 
_pdbx_struct_oper_list.matrix[2][1]         0.0000000000 
_pdbx_struct_oper_list.matrix[2][2]         1.0000000000 
_pdbx_struct_oper_list.matrix[2][3]         0.0000000000 
_pdbx_struct_oper_list.vector[2]            0.0000000000 
_pdbx_struct_oper_list.matrix[3][1]         0.0000000000 
_pdbx_struct_oper_list.matrix[3][2]         0.0000000000 
_pdbx_struct_oper_list.matrix[3][3]         1.0000000000 
_pdbx_struct_oper_list.vector[3]            0.0000000000 
# 
loop_
_struct_conf.conf_type_id 
_struct_conf.id 
_struct_conf.pdbx_PDB_helix_id 
_struct_conf.beg_label_comp_id 
_struct_conf.beg_label_asym_id 
_struct_conf.beg_label_seq_id 
_struct_conf.pdbx_beg_PDB_ins_code 
_struct_conf.end_label_comp_id 
_struct_conf.end_label_asym_id 
_struct_conf.end_label_seq_id 
_struct_conf.pdbx_end_PDB_ins_code 
_struct_conf.beg_auth_comp_id 
_struct_conf.beg_auth_asym_id 
_struct_conf.beg_auth_seq_id 
_struct_conf.end_auth_comp_id 
_struct_conf.end_auth_asym_id 
_struct_conf.end_auth_seq_id 
_struct_conf.pdbx_PDB_helix_class 
_struct_conf.details 
_struct_conf.pdbx_PDB_helix_length 
HELX_P HELX_P1 AA1 GLY A 2  ? MET A 52 ? GLY B 1205 MET B 1255 1 ? 51 
HELX_P HELX_P2 AA2 CYS B 2  ? LEU B 43 ? CYS C 499  LEU C 540  1 ? 42 
HELX_P HELX_P3 AA3 GLY C 2  ? LEU C 42 ? GLY D 1205 LEU D 1245 1 ? 41 
HELX_P HELX_P4 AA4 ARG C 43 ? MET C 52 ? ARG D 1246 MET D 1255 1 ? 10 
HELX_P HELX_P5 AA5 CYS D 2  ? GLU D 32 ? CYS A 499  GLU A 529  1 ? 31 
# 
_struct_conf_type.id          HELX_P 
_struct_conf_type.criteria    ? 
_struct_conf_type.reference   ? 
# 
loop_
_pdbx_validate_close_contact.id 
_pdbx_validate_close_contact.PDB_model_num 
_pdbx_validate_close_contact.auth_atom_id_1 
_pdbx_validate_close_contact.auth_asym_id_1 
_pdbx_validate_close_contact.auth_comp_id_1 
_pdbx_validate_close_contact.auth_seq_id_1 
_pdbx_validate_close_contact.PDB_ins_code_1 
_pdbx_validate_close_contact.label_alt_id_1 
_pdbx_validate_close_contact.auth_atom_id_2 
_pdbx_validate_close_contact.auth_asym_id_2 
_pdbx_validate_close_contact.auth_comp_id_2 
_pdbx_validate_close_contact.auth_seq_id_2 
_pdbx_validate_close_contact.PDB_ins_code_2 
_pdbx_validate_close_contact.label_alt_id_2 
_pdbx_validate_close_contact.dist 
1 1 OE1 C GLN 536  ? ? O   C HOH 601 ? ? 2.09 
2 1 OG  B SER 1232 ? ? NH1 A ARG 511 ? ? 2.10 
3 1 OE2 B GLU 1243 ? ? N   C ALA 498 ? ? 2.10 
4 1 O   C HOH 606  ? ? O   C HOH 607 ? ? 2.12 
5 1 O   A LEU 526  ? ? OG  A SER 530 ? ? 2.15 
# 
loop_
_pdbx_unobs_or_zero_occ_residues.id 
_pdbx_unobs_or_zero_occ_residues.PDB_model_num 
_pdbx_unobs_or_zero_occ_residues.polymer_flag 
_pdbx_unobs_or_zero_occ_residues.occupancy_flag 
_pdbx_unobs_or_zero_occ_residues.auth_asym_id 
_pdbx_unobs_or_zero_occ_residues.auth_comp_id 
_pdbx_unobs_or_zero_occ_residues.auth_seq_id 
_pdbx_unobs_or_zero_occ_residues.PDB_ins_code 
_pdbx_unobs_or_zero_occ_residues.label_asym_id 
_pdbx_unobs_or_zero_occ_residues.label_comp_id 
_pdbx_unobs_or_zero_occ_residues.label_seq_id 
1  1 Y 1 B MET 1204 ? A MET 1  
2  1 Y 1 B ARG 1256 ? A ARG 53 
3  1 Y 1 B LYS 1257 ? A LYS 54 
4  1 Y 1 C LYS 541  ? B LYS 44 
5  1 Y 1 D ARG 1256 ? C ARG 53 
6  1 Y 1 D LYS 1257 ? C LYS 54 
7  1 Y 1 A GLU 531  ? D GLU 34 
8  1 Y 1 A LYS 532  ? D LYS 35 
9  1 Y 1 A THR 533  ? D THR 36 
10 1 Y 1 A VAL 534  ? D VAL 37 
11 1 Y 1 A ARG 535  ? D ARG 38 
12 1 Y 1 A GLN 536  ? D GLN 39 
13 1 Y 1 A PHE 537  ? D PHE 40 
14 1 Y 1 A THR 538  ? D THR 41 
15 1 Y 1 A ALA 539  ? D ALA 42 
16 1 Y 1 A LEU 540  ? D LEU 43 
17 1 Y 1 A LYS 541  ? D LYS 44 
# 
loop_
_chem_comp_atom.comp_id 
_chem_comp_atom.atom_id 
_chem_comp_atom.type_symbol 
_chem_comp_atom.pdbx_aromatic_flag 
_chem_comp_atom.pdbx_stereo_config 
_chem_comp_atom.pdbx_ordinal 
ALA N    N N N 1   
ALA CA   C N S 2   
ALA C    C N N 3   
ALA O    O N N 4   
ALA CB   C N N 5   
ALA OXT  O N N 6   
ALA H    H N N 7   
ALA H2   H N N 8   
ALA HA   H N N 9   
ALA HB1  H N N 10  
ALA HB2  H N N 11  
ALA HB3  H N N 12  
ALA HXT  H N N 13  
ARG N    N N N 14  
ARG CA   C N S 15  
ARG C    C N N 16  
ARG O    O N N 17  
ARG CB   C N N 18  
ARG CG   C N N 19  
ARG CD   C N N 20  
ARG NE   N N N 21  
ARG CZ   C N N 22  
ARG NH1  N N N 23  
ARG NH2  N N N 24  
ARG OXT  O N N 25  
ARG H    H N N 26  
ARG H2   H N N 27  
ARG HA   H N N 28  
ARG HB2  H N N 29  
ARG HB3  H N N 30  
ARG HG2  H N N 31  
ARG HG3  H N N 32  
ARG HD2  H N N 33  
ARG HD3  H N N 34  
ARG HE   H N N 35  
ARG HH11 H N N 36  
ARG HH12 H N N 37  
ARG HH21 H N N 38  
ARG HH22 H N N 39  
ARG HXT  H N N 40  
ASN N    N N N 41  
ASN CA   C N S 42  
ASN C    C N N 43  
ASN O    O N N 44  
ASN CB   C N N 45  
ASN CG   C N N 46  
ASN OD1  O N N 47  
ASN ND2  N N N 48  
ASN OXT  O N N 49  
ASN H    H N N 50  
ASN H2   H N N 51  
ASN HA   H N N 52  
ASN HB2  H N N 53  
ASN HB3  H N N 54  
ASN HD21 H N N 55  
ASN HD22 H N N 56  
ASN HXT  H N N 57  
ASP N    N N N 58  
ASP CA   C N S 59  
ASP C    C N N 60  
ASP O    O N N 61  
ASP CB   C N N 62  
ASP CG   C N N 63  
ASP OD1  O N N 64  
ASP OD2  O N N 65  
ASP OXT  O N N 66  
ASP H    H N N 67  
ASP H2   H N N 68  
ASP HA   H N N 69  
ASP HB2  H N N 70  
ASP HB3  H N N 71  
ASP HD2  H N N 72  
ASP HXT  H N N 73  
CYS N    N N N 74  
CYS CA   C N R 75  
CYS C    C N N 76  
CYS O    O N N 77  
CYS CB   C N N 78  
CYS SG   S N N 79  
CYS OXT  O N N 80  
CYS H    H N N 81  
CYS H2   H N N 82  
CYS HA   H N N 83  
CYS HB2  H N N 84  
CYS HB3  H N N 85  
CYS HG   H N N 86  
CYS HXT  H N N 87  
GLN N    N N N 88  
GLN CA   C N S 89  
GLN C    C N N 90  
GLN O    O N N 91  
GLN CB   C N N 92  
GLN CG   C N N 93  
GLN CD   C N N 94  
GLN OE1  O N N 95  
GLN NE2  N N N 96  
GLN OXT  O N N 97  
GLN H    H N N 98  
GLN H2   H N N 99  
GLN HA   H N N 100 
GLN HB2  H N N 101 
GLN HB3  H N N 102 
GLN HG2  H N N 103 
GLN HG3  H N N 104 
GLN HE21 H N N 105 
GLN HE22 H N N 106 
GLN HXT  H N N 107 
GLU N    N N N 108 
GLU CA   C N S 109 
GLU C    C N N 110 
GLU O    O N N 111 
GLU CB   C N N 112 
GLU CG   C N N 113 
GLU CD   C N N 114 
GLU OE1  O N N 115 
GLU OE2  O N N 116 
GLU OXT  O N N 117 
GLU H    H N N 118 
GLU H2   H N N 119 
GLU HA   H N N 120 
GLU HB2  H N N 121 
GLU HB3  H N N 122 
GLU HG2  H N N 123 
GLU HG3  H N N 124 
GLU HE2  H N N 125 
GLU HXT  H N N 126 
GLY N    N N N 127 
GLY CA   C N N 128 
GLY C    C N N 129 
GLY O    O N N 130 
GLY OXT  O N N 131 
GLY H    H N N 132 
GLY H2   H N N 133 
GLY HA2  H N N 134 
GLY HA3  H N N 135 
GLY HXT  H N N 136 
HIS N    N N N 137 
HIS CA   C N S 138 
HIS C    C N N 139 
HIS O    O N N 140 
HIS CB   C N N 141 
HIS CG   C Y N 142 
HIS ND1  N Y N 143 
HIS CD2  C Y N 144 
HIS CE1  C Y N 145 
HIS NE2  N Y N 146 
HIS OXT  O N N 147 
HIS H    H N N 148 
HIS H2   H N N 149 
HIS HA   H N N 150 
HIS HB2  H N N 151 
HIS HB3  H N N 152 
HIS HD1  H N N 153 
HIS HD2  H N N 154 
HIS HE1  H N N 155 
HIS HE2  H N N 156 
HIS HXT  H N N 157 
HOH O    O N N 158 
HOH H1   H N N 159 
HOH H2   H N N 160 
ILE N    N N N 161 
ILE CA   C N S 162 
ILE C    C N N 163 
ILE O    O N N 164 
ILE CB   C N S 165 
ILE CG1  C N N 166 
ILE CG2  C N N 167 
ILE CD1  C N N 168 
ILE OXT  O N N 169 
ILE H    H N N 170 
ILE H2   H N N 171 
ILE HA   H N N 172 
ILE HB   H N N 173 
ILE HG12 H N N 174 
ILE HG13 H N N 175 
ILE HG21 H N N 176 
ILE HG22 H N N 177 
ILE HG23 H N N 178 
ILE HD11 H N N 179 
ILE HD12 H N N 180 
ILE HD13 H N N 181 
ILE HXT  H N N 182 
LEU N    N N N 183 
LEU CA   C N S 184 
LEU C    C N N 185 
LEU O    O N N 186 
LEU CB   C N N 187 
LEU CG   C N N 188 
LEU CD1  C N N 189 
LEU CD2  C N N 190 
LEU OXT  O N N 191 
LEU H    H N N 192 
LEU H2   H N N 193 
LEU HA   H N N 194 
LEU HB2  H N N 195 
LEU HB3  H N N 196 
LEU HG   H N N 197 
LEU HD11 H N N 198 
LEU HD12 H N N 199 
LEU HD13 H N N 200 
LEU HD21 H N N 201 
LEU HD22 H N N 202 
LEU HD23 H N N 203 
LEU HXT  H N N 204 
LYS N    N N N 205 
LYS CA   C N S 206 
LYS C    C N N 207 
LYS O    O N N 208 
LYS CB   C N N 209 
LYS CG   C N N 210 
LYS CD   C N N 211 
LYS CE   C N N 212 
LYS NZ   N N N 213 
LYS OXT  O N N 214 
LYS H    H N N 215 
LYS H2   H N N 216 
LYS HA   H N N 217 
LYS HB2  H N N 218 
LYS HB3  H N N 219 
LYS HG2  H N N 220 
LYS HG3  H N N 221 
LYS HD2  H N N 222 
LYS HD3  H N N 223 
LYS HE2  H N N 224 
LYS HE3  H N N 225 
LYS HZ1  H N N 226 
LYS HZ2  H N N 227 
LYS HZ3  H N N 228 
LYS HXT  H N N 229 
MET N    N N N 230 
MET CA   C N S 231 
MET C    C N N 232 
MET O    O N N 233 
MET CB   C N N 234 
MET CG   C N N 235 
MET SD   S N N 236 
MET CE   C N N 237 
MET OXT  O N N 238 
MET H    H N N 239 
MET H2   H N N 240 
MET HA   H N N 241 
MET HB2  H N N 242 
MET HB3  H N N 243 
MET HG2  H N N 244 
MET HG3  H N N 245 
MET HE1  H N N 246 
MET HE2  H N N 247 
MET HE3  H N N 248 
MET HXT  H N N 249 
PHE N    N N N 250 
PHE CA   C N S 251 
PHE C    C N N 252 
PHE O    O N N 253 
PHE CB   C N N 254 
PHE CG   C Y N 255 
PHE CD1  C Y N 256 
PHE CD2  C Y N 257 
PHE CE1  C Y N 258 
PHE CE2  C Y N 259 
PHE CZ   C Y N 260 
PHE OXT  O N N 261 
PHE H    H N N 262 
PHE H2   H N N 263 
PHE HA   H N N 264 
PHE HB2  H N N 265 
PHE HB3  H N N 266 
PHE HD1  H N N 267 
PHE HD2  H N N 268 
PHE HE1  H N N 269 
PHE HE2  H N N 270 
PHE HZ   H N N 271 
PHE HXT  H N N 272 
SER N    N N N 273 
SER CA   C N S 274 
SER C    C N N 275 
SER O    O N N 276 
SER CB   C N N 277 
SER OG   O N N 278 
SER OXT  O N N 279 
SER H    H N N 280 
SER H2   H N N 281 
SER HA   H N N 282 
SER HB2  H N N 283 
SER HB3  H N N 284 
SER HG   H N N 285 
SER HXT  H N N 286 
THR N    N N N 287 
THR CA   C N S 288 
THR C    C N N 289 
THR O    O N N 290 
THR CB   C N R 291 
THR OG1  O N N 292 
THR CG2  C N N 293 
THR OXT  O N N 294 
THR H    H N N 295 
THR H2   H N N 296 
THR HA   H N N 297 
THR HB   H N N 298 
THR HG1  H N N 299 
THR HG21 H N N 300 
THR HG22 H N N 301 
THR HG23 H N N 302 
THR HXT  H N N 303 
TYR N    N N N 304 
TYR CA   C N S 305 
TYR C    C N N 306 
TYR O    O N N 307 
TYR CB   C N N 308 
TYR CG   C Y N 309 
TYR CD1  C Y N 310 
TYR CD2  C Y N 311 
TYR CE1  C Y N 312 
TYR CE2  C Y N 313 
TYR CZ   C Y N 314 
TYR OH   O N N 315 
TYR OXT  O N N 316 
TYR H    H N N 317 
TYR H2   H N N 318 
TYR HA   H N N 319 
TYR HB2  H N N 320 
TYR HB3  H N N 321 
TYR HD1  H N N 322 
TYR HD2  H N N 323 
TYR HE1  H N N 324 
TYR HE2  H N N 325 
TYR HH   H N N 326 
TYR HXT  H N N 327 
VAL N    N N N 328 
VAL CA   C N S 329 
VAL C    C N N 330 
VAL O    O N N 331 
VAL CB   C N N 332 
VAL CG1  C N N 333 
VAL CG2  C N N 334 
VAL OXT  O N N 335 
VAL H    H N N 336 
VAL H2   H N N 337 
VAL HA   H N N 338 
VAL HB   H N N 339 
VAL HG11 H N N 340 
VAL HG12 H N N 341 
VAL HG13 H N N 342 
VAL HG21 H N N 343 
VAL HG22 H N N 344 
VAL HG23 H N N 345 
VAL HXT  H N N 346 
# 
loop_
_chem_comp_bond.comp_id 
_chem_comp_bond.atom_id_1 
_chem_comp_bond.atom_id_2 
_chem_comp_bond.value_order 
_chem_comp_bond.pdbx_aromatic_flag 
_chem_comp_bond.pdbx_stereo_config 
_chem_comp_bond.pdbx_ordinal 
ALA N   CA   sing N N 1   
ALA N   H    sing N N 2   
ALA N   H2   sing N N 3   
ALA CA  C    sing N N 4   
ALA CA  CB   sing N N 5   
ALA CA  HA   sing N N 6   
ALA C   O    doub N N 7   
ALA C   OXT  sing N N 8   
ALA CB  HB1  sing N N 9   
ALA CB  HB2  sing N N 10  
ALA CB  HB3  sing N N 11  
ALA OXT HXT  sing N N 12  
ARG N   CA   sing N N 13  
ARG N   H    sing N N 14  
ARG N   H2   sing N N 15  
ARG CA  C    sing N N 16  
ARG CA  CB   sing N N 17  
ARG CA  HA   sing N N 18  
ARG C   O    doub N N 19  
ARG C   OXT  sing N N 20  
ARG CB  CG   sing N N 21  
ARG CB  HB2  sing N N 22  
ARG CB  HB3  sing N N 23  
ARG CG  CD   sing N N 24  
ARG CG  HG2  sing N N 25  
ARG CG  HG3  sing N N 26  
ARG CD  NE   sing N N 27  
ARG CD  HD2  sing N N 28  
ARG CD  HD3  sing N N 29  
ARG NE  CZ   sing N N 30  
ARG NE  HE   sing N N 31  
ARG CZ  NH1  sing N N 32  
ARG CZ  NH2  doub N N 33  
ARG NH1 HH11 sing N N 34  
ARG NH1 HH12 sing N N 35  
ARG NH2 HH21 sing N N 36  
ARG NH2 HH22 sing N N 37  
ARG OXT HXT  sing N N 38  
ASN N   CA   sing N N 39  
ASN N   H    sing N N 40  
ASN N   H2   sing N N 41  
ASN CA  C    sing N N 42  
ASN CA  CB   sing N N 43  
ASN CA  HA   sing N N 44  
ASN C   O    doub N N 45  
ASN C   OXT  sing N N 46  
ASN CB  CG   sing N N 47  
ASN CB  HB2  sing N N 48  
ASN CB  HB3  sing N N 49  
ASN CG  OD1  doub N N 50  
ASN CG  ND2  sing N N 51  
ASN ND2 HD21 sing N N 52  
ASN ND2 HD22 sing N N 53  
ASN OXT HXT  sing N N 54  
ASP N   CA   sing N N 55  
ASP N   H    sing N N 56  
ASP N   H2   sing N N 57  
ASP CA  C    sing N N 58  
ASP CA  CB   sing N N 59  
ASP CA  HA   sing N N 60  
ASP C   O    doub N N 61  
ASP C   OXT  sing N N 62  
ASP CB  CG   sing N N 63  
ASP CB  HB2  sing N N 64  
ASP CB  HB3  sing N N 65  
ASP CG  OD1  doub N N 66  
ASP CG  OD2  sing N N 67  
ASP OD2 HD2  sing N N 68  
ASP OXT HXT  sing N N 69  
CYS N   CA   sing N N 70  
CYS N   H    sing N N 71  
CYS N   H2   sing N N 72  
CYS CA  C    sing N N 73  
CYS CA  CB   sing N N 74  
CYS CA  HA   sing N N 75  
CYS C   O    doub N N 76  
CYS C   OXT  sing N N 77  
CYS CB  SG   sing N N 78  
CYS CB  HB2  sing N N 79  
CYS CB  HB3  sing N N 80  
CYS SG  HG   sing N N 81  
CYS OXT HXT  sing N N 82  
GLN N   CA   sing N N 83  
GLN N   H    sing N N 84  
GLN N   H2   sing N N 85  
GLN CA  C    sing N N 86  
GLN CA  CB   sing N N 87  
GLN CA  HA   sing N N 88  
GLN C   O    doub N N 89  
GLN C   OXT  sing N N 90  
GLN CB  CG   sing N N 91  
GLN CB  HB2  sing N N 92  
GLN CB  HB3  sing N N 93  
GLN CG  CD   sing N N 94  
GLN CG  HG2  sing N N 95  
GLN CG  HG3  sing N N 96  
GLN CD  OE1  doub N N 97  
GLN CD  NE2  sing N N 98  
GLN NE2 HE21 sing N N 99  
GLN NE2 HE22 sing N N 100 
GLN OXT HXT  sing N N 101 
GLU N   CA   sing N N 102 
GLU N   H    sing N N 103 
GLU N   H2   sing N N 104 
GLU CA  C    sing N N 105 
GLU CA  CB   sing N N 106 
GLU CA  HA   sing N N 107 
GLU C   O    doub N N 108 
GLU C   OXT  sing N N 109 
GLU CB  CG   sing N N 110 
GLU CB  HB2  sing N N 111 
GLU CB  HB3  sing N N 112 
GLU CG  CD   sing N N 113 
GLU CG  HG2  sing N N 114 
GLU CG  HG3  sing N N 115 
GLU CD  OE1  doub N N 116 
GLU CD  OE2  sing N N 117 
GLU OE2 HE2  sing N N 118 
GLU OXT HXT  sing N N 119 
GLY N   CA   sing N N 120 
GLY N   H    sing N N 121 
GLY N   H2   sing N N 122 
GLY CA  C    sing N N 123 
GLY CA  HA2  sing N N 124 
GLY CA  HA3  sing N N 125 
GLY C   O    doub N N 126 
GLY C   OXT  sing N N 127 
GLY OXT HXT  sing N N 128 
HIS N   CA   sing N N 129 
HIS N   H    sing N N 130 
HIS N   H2   sing N N 131 
HIS CA  C    sing N N 132 
HIS CA  CB   sing N N 133 
HIS CA  HA   sing N N 134 
HIS C   O    doub N N 135 
HIS C   OXT  sing N N 136 
HIS CB  CG   sing N N 137 
HIS CB  HB2  sing N N 138 
HIS CB  HB3  sing N N 139 
HIS CG  ND1  sing Y N 140 
HIS CG  CD2  doub Y N 141 
HIS ND1 CE1  doub Y N 142 
HIS ND1 HD1  sing N N 143 
HIS CD2 NE2  sing Y N 144 
HIS CD2 HD2  sing N N 145 
HIS CE1 NE2  sing Y N 146 
HIS CE1 HE1  sing N N 147 
HIS NE2 HE2  sing N N 148 
HIS OXT HXT  sing N N 149 
HOH O   H1   sing N N 150 
HOH O   H2   sing N N 151 
ILE N   CA   sing N N 152 
ILE N   H    sing N N 153 
ILE N   H2   sing N N 154 
ILE CA  C    sing N N 155 
ILE CA  CB   sing N N 156 
ILE CA  HA   sing N N 157 
ILE C   O    doub N N 158 
ILE C   OXT  sing N N 159 
ILE CB  CG1  sing N N 160 
ILE CB  CG2  sing N N 161 
ILE CB  HB   sing N N 162 
ILE CG1 CD1  sing N N 163 
ILE CG1 HG12 sing N N 164 
ILE CG1 HG13 sing N N 165 
ILE CG2 HG21 sing N N 166 
ILE CG2 HG22 sing N N 167 
ILE CG2 HG23 sing N N 168 
ILE CD1 HD11 sing N N 169 
ILE CD1 HD12 sing N N 170 
ILE CD1 HD13 sing N N 171 
ILE OXT HXT  sing N N 172 
LEU N   CA   sing N N 173 
LEU N   H    sing N N 174 
LEU N   H2   sing N N 175 
LEU CA  C    sing N N 176 
LEU CA  CB   sing N N 177 
LEU CA  HA   sing N N 178 
LEU C   O    doub N N 179 
LEU C   OXT  sing N N 180 
LEU CB  CG   sing N N 181 
LEU CB  HB2  sing N N 182 
LEU CB  HB3  sing N N 183 
LEU CG  CD1  sing N N 184 
LEU CG  CD2  sing N N 185 
LEU CG  HG   sing N N 186 
LEU CD1 HD11 sing N N 187 
LEU CD1 HD12 sing N N 188 
LEU CD1 HD13 sing N N 189 
LEU CD2 HD21 sing N N 190 
LEU CD2 HD22 sing N N 191 
LEU CD2 HD23 sing N N 192 
LEU OXT HXT  sing N N 193 
LYS N   CA   sing N N 194 
LYS N   H    sing N N 195 
LYS N   H2   sing N N 196 
LYS CA  C    sing N N 197 
LYS CA  CB   sing N N 198 
LYS CA  HA   sing N N 199 
LYS C   O    doub N N 200 
LYS C   OXT  sing N N 201 
LYS CB  CG   sing N N 202 
LYS CB  HB2  sing N N 203 
LYS CB  HB3  sing N N 204 
LYS CG  CD   sing N N 205 
LYS CG  HG2  sing N N 206 
LYS CG  HG3  sing N N 207 
LYS CD  CE   sing N N 208 
LYS CD  HD2  sing N N 209 
LYS CD  HD3  sing N N 210 
LYS CE  NZ   sing N N 211 
LYS CE  HE2  sing N N 212 
LYS CE  HE3  sing N N 213 
LYS NZ  HZ1  sing N N 214 
LYS NZ  HZ2  sing N N 215 
LYS NZ  HZ3  sing N N 216 
LYS OXT HXT  sing N N 217 
MET N   CA   sing N N 218 
MET N   H    sing N N 219 
MET N   H2   sing N N 220 
MET CA  C    sing N N 221 
MET CA  CB   sing N N 222 
MET CA  HA   sing N N 223 
MET C   O    doub N N 224 
MET C   OXT  sing N N 225 
MET CB  CG   sing N N 226 
MET CB  HB2  sing N N 227 
MET CB  HB3  sing N N 228 
MET CG  SD   sing N N 229 
MET CG  HG2  sing N N 230 
MET CG  HG3  sing N N 231 
MET SD  CE   sing N N 232 
MET CE  HE1  sing N N 233 
MET CE  HE2  sing N N 234 
MET CE  HE3  sing N N 235 
MET OXT HXT  sing N N 236 
PHE N   CA   sing N N 237 
PHE N   H    sing N N 238 
PHE N   H2   sing N N 239 
PHE CA  C    sing N N 240 
PHE CA  CB   sing N N 241 
PHE CA  HA   sing N N 242 
PHE C   O    doub N N 243 
PHE C   OXT  sing N N 244 
PHE CB  CG   sing N N 245 
PHE CB  HB2  sing N N 246 
PHE CB  HB3  sing N N 247 
PHE CG  CD1  doub Y N 248 
PHE CG  CD2  sing Y N 249 
PHE CD1 CE1  sing Y N 250 
PHE CD1 HD1  sing N N 251 
PHE CD2 CE2  doub Y N 252 
PHE CD2 HD2  sing N N 253 
PHE CE1 CZ   doub Y N 254 
PHE CE1 HE1  sing N N 255 
PHE CE2 CZ   sing Y N 256 
PHE CE2 HE2  sing N N 257 
PHE CZ  HZ   sing N N 258 
PHE OXT HXT  sing N N 259 
SER N   CA   sing N N 260 
SER N   H    sing N N 261 
SER N   H2   sing N N 262 
SER CA  C    sing N N 263 
SER CA  CB   sing N N 264 
SER CA  HA   sing N N 265 
SER C   O    doub N N 266 
SER C   OXT  sing N N 267 
SER CB  OG   sing N N 268 
SER CB  HB2  sing N N 269 
SER CB  HB3  sing N N 270 
SER OG  HG   sing N N 271 
SER OXT HXT  sing N N 272 
THR N   CA   sing N N 273 
THR N   H    sing N N 274 
THR N   H2   sing N N 275 
THR CA  C    sing N N 276 
THR CA  CB   sing N N 277 
THR CA  HA   sing N N 278 
THR C   O    doub N N 279 
THR C   OXT  sing N N 280 
THR CB  OG1  sing N N 281 
THR CB  CG2  sing N N 282 
THR CB  HB   sing N N 283 
THR OG1 HG1  sing N N 284 
THR CG2 HG21 sing N N 285 
THR CG2 HG22 sing N N 286 
THR CG2 HG23 sing N N 287 
THR OXT HXT  sing N N 288 
TYR N   CA   sing N N 289 
TYR N   H    sing N N 290 
TYR N   H2   sing N N 291 
TYR CA  C    sing N N 292 
TYR CA  CB   sing N N 293 
TYR CA  HA   sing N N 294 
TYR C   O    doub N N 295 
TYR C   OXT  sing N N 296 
TYR CB  CG   sing N N 297 
TYR CB  HB2  sing N N 298 
TYR CB  HB3  sing N N 299 
TYR CG  CD1  doub Y N 300 
TYR CG  CD2  sing Y N 301 
TYR CD1 CE1  sing Y N 302 
TYR CD1 HD1  sing N N 303 
TYR CD2 CE2  doub Y N 304 
TYR CD2 HD2  sing N N 305 
TYR CE1 CZ   doub Y N 306 
TYR CE1 HE1  sing N N 307 
TYR CE2 CZ   sing Y N 308 
TYR CE2 HE2  sing N N 309 
TYR CZ  OH   sing N N 310 
TYR OH  HH   sing N N 311 
TYR OXT HXT  sing N N 312 
VAL N   CA   sing N N 313 
VAL N   H    sing N N 314 
VAL N   H2   sing N N 315 
VAL CA  C    sing N N 316 
VAL CA  CB   sing N N 317 
VAL CA  HA   sing N N 318 
VAL C   O    doub N N 319 
VAL C   OXT  sing N N 320 
VAL CB  CG1  sing N N 321 
VAL CB  CG2  sing N N 322 
VAL CB  HB   sing N N 323 
VAL CG1 HG11 sing N N 324 
VAL CG1 HG12 sing N N 325 
VAL CG1 HG13 sing N N 326 
VAL CG2 HG21 sing N N 327 
VAL CG2 HG22 sing N N 328 
VAL CG2 HG23 sing N N 329 
VAL OXT HXT  sing N N 330 
# 
_atom_sites.entry_id                    6CSU 
_atom_sites.fract_transf_matrix[1][1]   -0.02004624 
_atom_sites.fract_transf_matrix[1][2]   -0.01755823 
_atom_sites.fract_transf_matrix[1][3]   -0.02365065 
_atom_sites.fract_transf_matrix[2][1]   -0.01695748 
_atom_sites.fract_transf_matrix[2][2]   0.01701159 
_atom_sites.fract_transf_matrix[2][3]   0.00174372 
_atom_sites.fract_transf_matrix[3][1]   0.00210665 
_atom_sites.fract_transf_matrix[3][2]   0.00247101 
_atom_sites.fract_transf_matrix[3][3]   -0.00362007 
_atom_sites.fract_transf_vector[1]      0.054420 
_atom_sites.fract_transf_vector[2]      -0.307705 
_atom_sites.fract_transf_vector[3]      -0.166265 
# 
loop_
_atom_type.symbol 
C 
N 
O 
S 
# 
loop_
_atom_site.group_PDB 
_atom_site.id 
_atom_site.type_symbol 
_atom_site.label_atom_id 
_atom_site.label_alt_id 
_atom_site.label_comp_id 
_atom_site.label_asym_id 
_atom_site.label_entity_id 
_atom_site.label_seq_id 
_atom_site.pdbx_PDB_ins_code 
_atom_site.Cartn_x 
_atom_site.Cartn_y 
_atom_site.Cartn_z 
_atom_site.occupancy 
_atom_site.B_iso_or_equiv 
_atom_site.pdbx_formal_charge 
_atom_site.auth_seq_id 
_atom_site.auth_comp_id 
_atom_site.auth_asym_id 
_atom_site.auth_atom_id 
_atom_site.pdbx_PDB_model_num 
ATOM   1    N N   . GLY A 1 2  ? 4.074   20.305  -27.810 1.00 51.42  ? 1205 GLY B N   1 
ATOM   2    C CA  . GLY A 1 2  ? 4.089   19.400  -28.943 1.00 20.79  ? 1205 GLY B CA  1 
ATOM   3    C C   . GLY A 1 2  ? 4.371   17.969  -28.536 1.00 31.81  ? 1205 GLY B C   1 
ATOM   4    O O   . GLY A 1 2  ? 3.775   17.466  -27.582 1.00 29.98  ? 1205 GLY B O   1 
ATOM   5    N N   . ALA A 1 3  ? 5.283   17.308  -29.253 1.00 19.31  ? 1206 ALA B N   1 
ATOM   6    C CA  . ALA A 1 3  ? 5.580   15.907  -28.966 1.00 27.67  ? 1206 ALA B CA  1 
ATOM   7    C C   . ALA A 1 3  ? 6.078   15.725  -27.538 1.00 37.43  ? 1206 ALA B C   1 
ATOM   8    O O   . ALA A 1 3  ? 5.687   14.779  -26.843 1.00 31.74  ? 1206 ALA B O   1 
ATOM   9    C CB  . ALA A 1 3  ? 6.606   15.366  -29.961 1.00 19.53  ? 1206 ALA B CB  1 
ATOM   10   N N   . LEU A 1 4  ? 6.947   16.628  -27.078 1.00 33.98  ? 1207 LEU B N   1 
ATOM   11   C CA  . LEU A 1 4  ? 7.540   16.460  -25.758 1.00 25.89  ? 1207 LEU B CA  1 
ATOM   12   C C   . LEU A 1 4  ? 6.514   16.687  -24.657 1.00 42.59  ? 1207 LEU B C   1 
ATOM   13   O O   . LEU A 1 4  ? 6.495   15.951  -23.663 1.00 23.60  ? 1207 LEU B O   1 
ATOM   14   C CB  . LEU A 1 4  ? 8.734   17.398  -25.592 1.00 20.11  ? 1207 LEU B CB  1 
ATOM   15   C CG  . LEU A 1 4  ? 9.938   17.049  -26.469 1.00 33.05  ? 1207 LEU B CG  1 
ATOM   16   C CD1 . LEU A 1 4  ? 11.091  18.010  -26.246 1.00 19.51  ? 1207 LEU B CD1 1 
ATOM   17   C CD2 . LEU A 1 4  ? 10.378  15.620  -26.204 1.00 23.11  ? 1207 LEU B CD2 1 
ATOM   18   N N   . GLU A 1 5  ? 5.646   17.687  -24.818 1.00 29.71  ? 1208 GLU B N   1 
ATOM   19   C CA  . GLU A 1 5  ? 4.617   17.923  -23.812 1.00 26.55  ? 1208 GLU B CA  1 
ATOM   20   C C   . GLU A 1 5  ? 3.614   16.775  -23.769 1.00 31.84  ? 1208 GLU B C   1 
ATOM   21   O O   . GLU A 1 5  ? 3.160   16.380  -22.690 1.00 32.34  ? 1208 GLU B O   1 
ATOM   22   C CB  . GLU A 1 5  ? 3.918   19.253  -24.080 1.00 23.83  ? 1208 GLU B CB  1 
ATOM   23   C CG  . GLU A 1 5  ? 2.908   19.638  -23.016 1.00 41.17  ? 1208 GLU B CG  1 
ATOM   24   C CD  . GLU A 1 5  ? 3.473   19.538  -21.606 1.00 48.69  ? 1208 GLU B CD  1 
ATOM   25   O OE1 . GLU A 1 5  ? 4.409   20.301  -21.271 1.00 31.43  ? 1208 GLU B OE1 1 
ATOM   26   O OE2 . GLU A 1 5  ? 2.982   18.684  -20.832 1.00 47.84  ? 1208 GLU B OE2 1 
ATOM   27   N N   . GLU A 1 6  ? 3.261   16.223  -24.932 1.00 36.35  ? 1209 GLU B N   1 
ATOM   28   C CA  . GLU A 1 6  ? 2.367   15.070  -24.964 1.00 33.89  ? 1209 GLU B CA  1 
ATOM   29   C C   . GLU A 1 6  ? 3.016   13.859  -24.309 1.00 36.63  ? 1209 GLU B C   1 
ATOM   30   O O   . GLU A 1 6  ? 2.383   13.161  -23.507 1.00 31.10  ? 1209 GLU B O   1 
ATOM   31   C CB  . GLU A 1 6  ? 1.961   14.749  -26.403 1.00 32.55  ? 1209 GLU B CB  1 
ATOM   32   C CG  . GLU A 1 6  ? 0.928   15.700  -26.984 1.00 39.63  ? 1209 GLU B CG  1 
ATOM   33   C CD  . GLU A 1 6  ? 0.713   15.497  -28.474 1.00 48.56  ? 1209 GLU B CD  1 
ATOM   34   O OE1 . GLU A 1 6  ? 0.415   14.358  -28.890 1.00 64.80  ? 1209 GLU B OE1 1 
ATOM   35   O OE2 . GLU A 1 6  ? 0.852   16.481  -29.232 1.00 53.30  ? 1209 GLU B OE2 1 
ATOM   36   N N   . LEU A 1 7  ? 4.283   13.593  -24.640 1.00 33.05  ? 1210 LEU B N   1 
ATOM   37   C CA  . LEU A 1 7  ? 5.003   12.499  -23.995 1.00 22.31  ? 1210 LEU B CA  1 
ATOM   38   C C   . LEU A 1 7  ? 5.059   12.697  -22.486 1.00 33.55  ? 1210 LEU B C   1 
ATOM   39   O O   . LEU A 1 7  ? 4.990   11.728  -21.720 1.00 31.21  ? 1210 LEU B O   1 
ATOM   40   C CB  . LEU A 1 7  ? 6.413   12.382  -24.574 1.00 22.33  ? 1210 LEU B CB  1 
ATOM   41   C CG  . LEU A 1 7  ? 7.227   11.173  -24.111 1.00 33.62  ? 1210 LEU B CG  1 
ATOM   42   C CD1 . LEU A 1 7  ? 6.640   9.894   -24.688 1.00 36.78  ? 1210 LEU B CD1 1 
ATOM   43   C CD2 . LEU A 1 7  ? 8.696   11.309  -24.483 1.00 35.65  ? 1210 LEU B CD2 1 
ATOM   44   N N   . ARG A 1 8  ? 5.185   13.949  -22.043 1.00 23.90  ? 1211 ARG B N   1 
ATOM   45   C CA  . ARG A 1 8  ? 5.140   14.243  -20.617 1.00 23.43  ? 1211 ARG B CA  1 
ATOM   46   C C   . ARG A 1 8  ? 3.776   13.900  -20.038 1.00 34.06  ? 1211 ARG B C   1 
ATOM   47   O O   . ARG A 1 8  ? 3.677   13.252  -18.989 1.00 28.33  ? 1211 ARG B O   1 
ATOM   48   C CB  . ARG A 1 8  ? 5.474   15.714  -20.381 1.00 21.42  ? 1211 ARG B CB  1 
ATOM   49   C CG  . ARG A 1 8  ? 5.279   16.174  -18.949 1.00 30.43  ? 1211 ARG B CG  1 
ATOM   50   C CD  . ARG A 1 8  ? 5.540   17.659  -18.813 1.00 29.22  ? 1211 ARG B CD  1 
ATOM   51   N NE  . ARG A 1 8  ? 5.334   18.127  -17.448 1.00 25.10  ? 1211 ARG B NE  1 
ATOM   52   C CZ  . ARG A 1 8  ? 4.244   18.763  -17.035 1.00 30.09  ? 1211 ARG B CZ  1 
ATOM   53   N NH1 . ARG A 1 8  ? 3.262   19.006  -17.890 1.00 24.93  ? 1211 ARG B NH1 1 
ATOM   54   N NH2 . ARG A 1 8  ? 4.136   19.155  -15.773 1.00 37.20  ? 1211 ARG B NH2 1 
ATOM   55   N N   . GLY A 1 9  ? 2.707   14.320  -20.717 1.00 26.10  ? 1212 GLY B N   1 
ATOM   56   C CA  . GLY A 1 9  ? 1.371   14.020  -20.232 1.00 27.04  ? 1212 GLY B CA  1 
ATOM   57   C C   . GLY A 1 9  ? 1.112   12.528  -20.112 1.00 39.85  ? 1212 GLY B C   1 
ATOM   58   O O   . GLY A 1 9  ? 0.386   12.088  -19.218 1.00 40.78  ? 1212 GLY B O   1 
ATOM   59   N N   . GLN A 1 10 ? 1.714   11.735  -20.998 1.00 38.41  ? 1213 GLN B N   1 
ATOM   60   C CA  . GLN A 1 10 ? 1.503   10.291  -20.960 1.00 43.23  ? 1213 GLN B CA  1 
ATOM   61   C C   . GLN A 1 10 ? 2.188   9.666   -19.752 1.00 35.56  ? 1213 GLN B C   1 
ATOM   62   O O   . GLN A 1 10 ? 1.588   8.862   -19.031 1.00 41.20  ? 1213 GLN B O   1 
ATOM   63   C CB  . GLN A 1 10 ? 1.997   9.649   -22.256 1.00 32.80  ? 1213 GLN B CB  1 
ATOM   64   C CG  . GLN A 1 10 ? 1.084   9.883   -23.437 1.00 45.04  ? 1213 GLN B CG  1 
ATOM   65   C CD  . GLN A 1 10 ? 1.461   9.048   -24.641 1.00 47.82  ? 1213 GLN B CD  1 
ATOM   66   O OE1 . GLN A 1 10 ? 2.420   8.276   -24.605 1.00 51.39  ? 1213 GLN B OE1 1 
ATOM   67   N NE2 . GLN A 1 10 ? 0.701   9.198   -25.720 1.00 41.08  ? 1213 GLN B NE2 1 
ATOM   68   N N   . TYR A 1 11 ? 3.457   10.012  -19.525 1.00 31.28  ? 1214 TYR B N   1 
ATOM   69   C CA  . TYR A 1 11 ? 4.168   9.532   -18.346 1.00 35.90  ? 1214 TYR B CA  1 
ATOM   70   C C   . TYR A 1 11 ? 3.443   9.929   -17.066 1.00 24.94  ? 1214 TYR B C   1 
ATOM   71   O O   . TYR A 1 11 ? 3.329   9.132   -16.131 1.00 32.59  ? 1214 TYR B O   1 
ATOM   72   C CB  . TYR A 1 11 ? 5.596   10.076  -18.338 1.00 30.23  ? 1214 TYR B CB  1 
ATOM   73   C CG  . TYR A 1 11 ? 6.524   9.424   -19.335 1.00 39.65  ? 1214 TYR B CG  1 
ATOM   74   C CD1 . TYR A 1 11 ? 6.325   8.114   -19.748 1.00 41.48  ? 1214 TYR B CD1 1 
ATOM   75   C CD2 . TYR A 1 11 ? 7.605   10.120  -19.860 1.00 42.68  ? 1214 TYR B CD2 1 
ATOM   76   C CE1 . TYR A 1 11 ? 7.178   7.519   -20.658 1.00 52.15  ? 1214 TYR B CE1 1 
ATOM   77   C CE2 . TYR A 1 11 ? 8.460   9.534   -20.766 1.00 29.30  ? 1214 TYR B CE2 1 
ATOM   78   C CZ  . TYR A 1 11 ? 8.241   8.235   -21.165 1.00 29.42  ? 1214 TYR B CZ  1 
ATOM   79   O OH  . TYR A 1 11 ? 9.092   7.646   -22.067 1.00 37.71  ? 1214 TYR B OH  1 
ATOM   80   N N   . ILE A 1 12 ? 2.948   11.166  -17.015 1.00 20.83  ? 1215 ILE B N   1 
ATOM   81   C CA  . ILE A 1 12 ? 2.194   11.628  -15.854 1.00 30.41  ? 1215 ILE B CA  1 
ATOM   82   C C   . ILE A 1 12 ? 0.934   10.794  -15.673 1.00 36.51  ? 1215 ILE B C   1 
ATOM   83   O O   . ILE A 1 12 ? 0.645   10.304  -14.576 1.00 34.28  ? 1215 ILE B O   1 
ATOM   84   C CB  . ILE A 1 12 ? 1.862   13.124  -15.997 1.00 28.87  ? 1215 ILE B CB  1 
ATOM   85   C CG1 . ILE A 1 12 ? 3.137   13.966  -15.906 1.00 29.29  ? 1215 ILE B CG1 1 
ATOM   86   C CG2 . ILE A 1 12 ? 0.840   13.549  -14.946 1.00 21.38  ? 1215 ILE B CG2 1 
ATOM   87   C CD1 . ILE A 1 12 ? 2.922   15.432  -16.227 1.00 29.08  ? 1215 ILE B CD1 1 
ATOM   88   N N   . LYS A 1 13 ? 0.165   10.615  -16.751 1.00 35.49  ? 1216 LYS B N   1 
ATOM   89   C CA  . LYS A 1 13 ? -1.062  9.832   -16.657 1.00 40.02  ? 1216 LYS B CA  1 
ATOM   90   C C   . LYS A 1 13 ? -0.772  8.376   -16.325 1.00 43.54  ? 1216 LYS B C   1 
ATOM   91   O O   . LYS A 1 13 ? -1.597  7.710   -15.689 1.00 39.86  ? 1216 LYS B O   1 
ATOM   92   C CB  . LYS A 1 13 ? -1.855  9.933   -17.962 1.00 35.82  ? 1216 LYS B CB  1 
ATOM   93   C CG  . LYS A 1 13 ? -1.873  8.645   -18.778 1.00 53.51  ? 1216 LYS B CG  1 
ATOM   94   C CD  . LYS A 1 13 ? -1.697  8.914   -20.265 1.00 58.83  ? 1216 LYS B CD  1 
ATOM   95   C CE  . LYS A 1 13 ? -1.520  7.613   -21.040 1.00 74.81  ? 1216 LYS B CE  1 
ATOM   96   N NZ  . LYS A 1 13 ? -0.240  6.917   -20.718 1.00 73.27  ? 1216 LYS B NZ  1 
ATOM   97   N N   . ALA A 1 14 ? 0.391   7.866   -16.737 1.00 30.17  ? 1217 ALA B N   1 
ATOM   98   C CA  . ALA A 1 14 ? 0.723   6.476   -16.446 1.00 27.78  ? 1217 ALA B CA  1 
ATOM   99   C C   . ALA A 1 14 ? 1.029   6.284   -14.969 1.00 42.61  ? 1217 ALA B C   1 
ATOM   100  O O   . ALA A 1 14 ? 0.586   5.304   -14.359 1.00 31.13  ? 1217 ALA B O   1 
ATOM   101  C CB  . ALA A 1 14 ? 1.903   6.022   -17.302 1.00 23.81  ? 1217 ALA B CB  1 
ATOM   102  N N   . VAL A 1 15 ? 1.785   7.209   -14.377 1.00 35.06  ? 1218 VAL B N   1 
ATOM   103  C CA  . VAL A 1 15 ? 2.115   7.096   -12.962 1.00 36.50  ? 1218 VAL B CA  1 
ATOM   104  C C   . VAL A 1 15 ? 0.874   7.312   -12.106 1.00 39.54  ? 1218 VAL B C   1 
ATOM   105  O O   . VAL A 1 15 ? 0.714   6.684   -11.052 1.00 36.23  ? 1218 VAL B O   1 
ATOM   106  C CB  . VAL A 1 15 ? 3.237   8.081   -12.590 1.00 42.90  ? 1218 VAL B CB  1 
ATOM   107  C CG1 . VAL A 1 15 ? 3.579   7.954   -11.113 1.00 42.80  ? 1218 VAL B CG1 1 
ATOM   108  C CG2 . VAL A 1 15 ? 4.469   7.826   -13.435 1.00 44.67  ? 1218 VAL B CG2 1 
ATOM   109  N N   . LYS A 1 16 ? -0.019  8.207   -12.537 1.00 34.15  ? 1219 LYS B N   1 
ATOM   110  C CA  . LYS A 1 16 ? -1.250  8.444   -11.790 1.00 35.56  ? 1219 LYS B CA  1 
ATOM   111  C C   . LYS A 1 16 ? -2.117  7.193   -11.751 1.00 38.50  ? 1219 LYS B C   1 
ATOM   112  O O   . LYS A 1 16 ? -2.802  6.937   -10.753 1.00 41.77  ? 1219 LYS B O   1 
ATOM   113  C CB  . LYS A 1 16 ? -2.027  9.608   -12.400 1.00 25.69  ? 1219 LYS B CB  1 
ATOM   114  C CG  . LYS A 1 16 ? -1.553  10.981  -11.979 1.00 24.34  ? 1219 LYS B CG  1 
ATOM   115  C CD  . LYS A 1 16 ? -2.606  12.027  -12.311 1.00 31.88  ? 1219 LYS B CD  1 
ATOM   116  C CE  . LYS A 1 16 ? -2.047  13.433  -12.196 1.00 31.45  ? 1219 LYS B CE  1 
ATOM   117  N NZ  . LYS A 1 16 ? -2.911  14.431  -12.891 1.00 56.69  ? 1219 LYS B NZ  1 
ATOM   118  N N   . LYS A 1 17 ? -2.114  6.416   -12.839 1.00 34.61  ? 1220 LYS B N   1 
ATOM   119  C CA  . LYS A 1 17 ? -2.752  5.103   -12.841 1.00 32.98  ? 1220 LYS B CA  1 
ATOM   120  C C   . LYS A 1 17 ? -2.150  4.212   -11.765 1.00 41.56  ? 1220 LYS B C   1 
ATOM   121  O O   . LYS A 1 17 ? -2.869  3.594   -10.976 1.00 35.75  ? 1220 LYS B O   1 
ATOM   122  C CB  . LYS A 1 17 ? -2.601  4.444   -14.214 1.00 35.23  ? 1220 LYS B CB  1 
ATOM   123  C CG  . LYS A 1 17 ? -3.702  4.736   -15.223 1.00 46.83  ? 1220 LYS B CG  1 
ATOM   124  C CD  . LYS A 1 17 ? -3.095  5.059   -16.589 1.00 66.00  ? 1220 LYS B CD  1 
ATOM   125  C CE  . LYS A 1 17 ? -3.898  4.509   -17.745 1.00 61.69  ? 1220 LYS B CE  1 
ATOM   126  N NZ  . LYS A 1 17 ? -3.200  4.770   -19.040 1.00 78.67  ? 1220 LYS B NZ  1 
ATOM   127  N N   . ILE A 1 18 ? -0.814  4.128   -11.740 1.00 35.44  ? 1221 ILE B N   1 
ATOM   128  C CA  . ILE A 1 18 ? -0.121  3.384   -10.690 1.00 32.19  ? 1221 ILE B CA  1 
ATOM   129  C C   . ILE A 1 18 ? -0.607  3.834   -9.321  1.00 43.84  ? 1221 ILE B C   1 
ATOM   130  O O   . ILE A 1 18 ? -0.852  3.015   -8.429  1.00 45.50  ? 1221 ILE B O   1 
ATOM   131  C CB  . ILE A 1 18 ? 1.404   3.559   -10.828 1.00 30.47  ? 1221 ILE B CB  1 
ATOM   132  C CG1 . ILE A 1 18 ? 1.909   3.014   -12.168 1.00 39.67  ? 1221 ILE B CG1 1 
ATOM   133  C CG2 . ILE A 1 18 ? 2.121   2.897   -9.655  1.00 43.89  ? 1221 ILE B CG2 1 
ATOM   134  C CD1 . ILE A 1 18 ? 2.064   1.511   -12.212 1.00 33.27  ? 1221 ILE B CD1 1 
ATOM   135  N N   . LYS A 1 19 ? -0.774  5.146   -9.147  1.00 35.78  ? 1222 LYS B N   1 
ATOM   136  C CA  . LYS A 1 19 ? -1.259  5.680   -7.880  1.00 36.56  ? 1222 LYS B CA  1 
ATOM   137  C C   . LYS A 1 19 ? -2.673  5.201   -7.580  1.00 44.02  ? 1222 LYS B C   1 
ATOM   138  O O   . LYS A 1 19 ? -2.993  4.876   -6.433  1.00 40.83  ? 1222 LYS B O   1 
ATOM   139  C CB  . LYS A 1 19 ? -1.207  7.204   -7.911  1.00 42.25  ? 1222 LYS B CB  1 
ATOM   140  C CG  . LYS A 1 19 ? -1.633  7.862   -6.618  1.00 38.43  ? 1222 LYS B CG  1 
ATOM   141  C CD  . LYS A 1 19 ? -2.507  9.063   -6.902  1.00 48.83  ? 1222 LYS B CD  1 
ATOM   142  C CE  . LYS A 1 19 ? -2.509  10.018  -5.732  1.00 51.13  ? 1222 LYS B CE  1 
ATOM   143  N NZ  . LYS A 1 19 ? -3.108  11.329  -6.100  1.00 52.93  ? 1222 LYS B NZ  1 
ATOM   144  N N   . CYS A 1 20 ? -3.536  5.159   -8.600  1.00 35.99  ? 1223 CYS B N   1 
ATOM   145  C CA  . CYS A 1 20 ? -4.895  4.663   -8.405  1.00 40.11  ? 1223 CYS B CA  1 
ATOM   146  C C   . CYS A 1 20 ? -4.889  3.223   -7.916  1.00 42.26  ? 1223 CYS B C   1 
ATOM   147  O O   . CYS A 1 20 ? -5.626  2.868   -6.990  1.00 53.82  ? 1223 CYS B O   1 
ATOM   148  C CB  . CYS A 1 20 ? -5.692  4.773   -9.704  1.00 44.55  ? 1223 CYS B CB  1 
ATOM   149  S SG  . CYS A 1 20 ? -6.071  6.449   -10.214 1.00 52.04  ? 1223 CYS B SG  1 
ATOM   150  N N   . ASP A 1 21 ? -4.067  2.376   -8.540  1.00 35.11  ? 1224 ASP B N   1 
ATOM   151  C CA  . ASP A 1 21 ? -3.968  0.986   -8.111  1.00 42.14  ? 1224 ASP B CA  1 
ATOM   152  C C   . ASP A 1 21 ? -3.545  0.895   -6.649  1.00 43.30  ? 1224 ASP B C   1 
ATOM   153  O O   . ASP A 1 21 ? -4.125  0.129   -5.869  1.00 30.00  ? 1224 ASP B O   1 
ATOM   154  C CB  . ASP A 1 21 ? -2.985  0.227   -9.006  1.00 28.03  ? 1224 ASP B CB  1 
ATOM   155  C CG  . ASP A 1 21 ? -3.445  0.150   -10.453 1.00 51.68  ? 1224 ASP B CG  1 
ATOM   156  O OD1 . ASP A 1 21 ? -4.665  0.258   -10.695 1.00 52.64  ? 1224 ASP B OD1 1 
ATOM   157  O OD2 . ASP A 1 21 ? -2.584  -0.018  -11.349 1.00 52.79  ? 1224 ASP B OD2 1 
ATOM   158  N N   . MET A 1 22 ? -2.539  1.682   -6.257  1.00 39.42  ? 1225 MET B N   1 
ATOM   159  C CA  . MET A 1 22 ? -2.088  1.668   -4.869  1.00 37.15  ? 1225 MET B CA  1 
ATOM   160  C C   . MET A 1 22 ? -3.164  2.203   -3.938  1.00 49.21  ? 1225 MET B C   1 
ATOM   161  O O   . MET A 1 22 ? -3.294  1.743   -2.798  1.00 44.03  ? 1225 MET B O   1 
ATOM   162  C CB  . MET A 1 22 ? -0.805  2.487   -4.723  1.00 33.82  ? 1225 MET B CB  1 
ATOM   163  C CG  . MET A 1 22 ? 0.313   2.095   -5.671  1.00 51.10  ? 1225 MET B CG  1 
ATOM   164  S SD  . MET A 1 22 ? 0.872   0.384   -5.533  1.00 74.14  ? 1225 MET B SD  1 
ATOM   165  C CE  . MET A 1 22 ? 0.014   -0.400  -6.897  1.00 51.81  ? 1225 MET B CE  1 
ATOM   166  N N   . LEU A 1 23 ? -3.941  3.180   -4.404  1.00 47.64  ? 1226 LEU B N   1 
ATOM   167  C CA  . LEU A 1 23 ? -5.018  3.735   -3.593  1.00 35.07  ? 1226 LEU B CA  1 
ATOM   168  C C   . LEU A 1 23 ? -6.084  2.689   -3.314  1.00 47.07  ? 1226 LEU B C   1 
ATOM   169  O O   . LEU A 1 23 ? -6.413  2.411   -2.156  1.00 44.18  ? 1226 LEU B O   1 
ATOM   170  C CB  . LEU A 1 23 ? -5.631  4.944   -4.295  1.00 34.32  ? 1226 LEU B CB  1 
ATOM   171  C CG  . LEU A 1 23 ? -5.344  6.287   -3.630  1.00 51.81  ? 1226 LEU B CG  1 
ATOM   172  C CD1 . LEU A 1 23 ? -3.883  6.642   -3.801  1.00 67.31  ? 1226 LEU B CD1 1 
ATOM   173  C CD2 . LEU A 1 23 ? -6.235  7.370   -4.209  1.00 62.78  ? 1226 LEU B CD2 1 
ATOM   174  N N   . ARG A 1 24 ? -6.642  2.101   -4.379  1.00 42.56  ? 1227 ARG B N   1 
ATOM   175  C CA  . ARG A 1 24 ? -7.629  1.037   -4.232  1.00 37.99  ? 1227 ARG B CA  1 
ATOM   176  C C   . ARG A 1 24 ? -7.135  -0.040  -3.279  1.00 50.04  ? 1227 ARG B C   1 
ATOM   177  O O   . ARG A 1 24 ? -7.893  -0.553  -2.450  1.00 52.37  ? 1227 ARG B O   1 
ATOM   178  C CB  . ARG A 1 24 ? -7.954  0.422   -5.595  1.00 34.46  ? 1227 ARG B CB  1 
ATOM   179  C CG  . ARG A 1 24 ? -8.370  1.414   -6.661  1.00 54.49  ? 1227 ARG B CG  1 
ATOM   180  C CD  . ARG A 1 24 ? -9.799  1.180   -7.109  1.00 72.01  ? 1227 ARG B CD  1 
ATOM   181  N NE  . ARG A 1 24 ? -10.762 1.707   -6.148  1.00 94.98  ? 1227 ARG B NE  1 
ATOM   182  C CZ  . ARG A 1 24 ? -12.081 1.666   -6.308  1.00 94.23  ? 1227 ARG B CZ  1 
ATOM   183  N NH1 . ARG A 1 24 ? -12.608 1.120   -7.397  1.00 92.92  ? 1227 ARG B NH1 1 
ATOM   184  N NH2 . ARG A 1 24 ? -12.874 2.178   -5.375  1.00 90.88  ? 1227 ARG B NH2 1 
ATOM   185  N N   . TYR A 1 25 ? -5.853  -0.387  -3.383  1.00 38.94  ? 1228 TYR B N   1 
ATOM   186  C CA  . TYR A 1 25 ? -5.268  -1.355  -2.464  1.00 40.80  ? 1228 TYR B CA  1 
ATOM   187  C C   . TYR A 1 25 ? -5.359  -0.865  -1.023  1.00 41.69  ? 1228 TYR B C   1 
ATOM   188  O O   . TYR A 1 25 ? -5.822  -1.590  -0.135  1.00 51.20  ? 1228 TYR B O   1 
ATOM   189  C CB  . TYR A 1 25 ? -3.816  -1.616  -2.856  1.00 37.74  ? 1228 TYR B CB  1 
ATOM   190  C CG  . TYR A 1 25 ? -3.100  -2.582  -1.951  1.00 31.93  ? 1228 TYR B CG  1 
ATOM   191  C CD1 . TYR A 1 25 ? -3.234  -3.947  -2.129  1.00 35.93  ? 1228 TYR B CD1 1 
ATOM   192  C CD2 . TYR A 1 25 ? -2.282  -2.128  -0.923  1.00 30.11  ? 1228 TYR B CD2 1 
ATOM   193  C CE1 . TYR A 1 25 ? -2.580  -4.838  -1.312  1.00 40.10  ? 1228 TYR B CE1 1 
ATOM   194  C CE2 . TYR A 1 25 ? -1.621  -3.011  -0.101  1.00 27.37  ? 1228 TYR B CE2 1 
ATOM   195  C CZ  . TYR A 1 25 ? -1.773  -4.367  -0.300  1.00 38.38  ? 1228 TYR B CZ  1 
ATOM   196  O OH  . TYR A 1 25 ? -1.118  -5.256  0.517   1.00 49.69  ? 1228 TYR B OH  1 
ATOM   197  N N   . ILE A 1 26 ? -4.922  0.372   -0.778  1.00 38.04  ? 1229 ILE B N   1 
ATOM   198  C CA  . ILE A 1 26 ? -4.875  0.905   0.582   1.00 47.46  ? 1229 ILE B CA  1 
ATOM   199  C C   . ILE A 1 26 ? -6.277  1.018   1.166   1.00 51.62  ? 1229 ILE B C   1 
ATOM   200  O O   . ILE A 1 26 ? -6.494  0.741   2.354   1.00 53.63  ? 1229 ILE B O   1 
ATOM   201  C CB  . ILE A 1 26 ? -4.140  2.258   0.592   1.00 48.44  ? 1229 ILE B CB  1 
ATOM   202  C CG1 . ILE A 1 26 ? -2.633  2.037   0.452   1.00 42.20  ? 1229 ILE B CG1 1 
ATOM   203  C CG2 . ILE A 1 26 ? -4.449  3.034   1.861   1.00 42.05  ? 1229 ILE B CG2 1 
ATOM   204  C CD1 . ILE A 1 26 ? -1.895  3.235   -0.108  1.00 42.35  ? 1229 ILE B CD1 1 
ATOM   205  N N   . GLN A 1 27 ? -7.248  1.439   0.351   1.00 42.19  ? 1230 GLN B N   1 
ATOM   206  C CA  . GLN A 1 27 ? -8.639  1.422   0.791   1.00 43.15  ? 1230 GLN B CA  1 
ATOM   207  C C   . GLN A 1 27 ? -9.070  0.018   1.184   1.00 48.76  ? 1230 GLN B C   1 
ATOM   208  O O   . GLN A 1 27 ? -9.779  -0.165  2.178   1.00 50.28  ? 1230 GLN B O   1 
ATOM   209  C CB  . GLN A 1 27 ? -9.543  1.966   -0.314  1.00 39.90  ? 1230 GLN B CB  1 
ATOM   210  C CG  . GLN A 1 27 ? -11.028 1.868   -0.015  1.00 38.05  ? 1230 GLN B CG  1 
ATOM   211  C CD  . GLN A 1 27 ? -11.463 2.804   1.102   1.00 53.04  ? 1230 GLN B CD  1 
ATOM   212  O OE1 . GLN A 1 27 ? -10.823 3.828   1.355   1.00 50.14  ? 1230 GLN B OE1 1 
ATOM   213  N NE2 . GLN A 1 27 ? -12.554 2.453   1.777   1.00 50.86  ? 1230 GLN B NE2 1 
ATOM   214  N N   . GLU A 1 28 ? -8.651  -0.988  0.412   1.00 44.70  ? 1231 GLU B N   1 
ATOM   215  C CA  . GLU A 1 28 ? -8.996  -2.363  0.755   1.00 48.33  ? 1231 GLU B CA  1 
ATOM   216  C C   . GLU A 1 28 ? -8.312  -2.793  2.044   1.00 54.54  ? 1231 GLU B C   1 
ATOM   217  O O   . GLU A 1 28 ? -8.862  -3.597  2.805   1.00 42.29  ? 1231 GLU B O   1 
ATOM   218  C CB  . GLU A 1 28 ? -8.625  -3.307  -0.388  1.00 45.09  ? 1231 GLU B CB  1 
ATOM   219  C CG  . GLU A 1 28 ? -9.456  -4.577  -0.396  1.00 67.15  ? 1231 GLU B CG  1 
ATOM   220  C CD  . GLU A 1 28 ? -8.657  -5.802  -0.782  1.00 82.79  ? 1231 GLU B CD  1 
ATOM   221  O OE1 . GLU A 1 28 ? -9.194  -6.924  -0.654  1.00 90.58  ? 1231 GLU B OE1 1 
ATOM   222  O OE2 . GLU A 1 28 ? -7.492  -5.647  -1.205  1.00 81.21  ? 1231 GLU B OE2 1 
ATOM   223  N N   . SER A 1 29 ? -7.108  -2.273  2.301   1.00 48.15  ? 1232 SER B N   1 
ATOM   224  C CA  . SER A 1 29 ? -6.455  -2.497  3.584   1.00 40.99  ? 1232 SER B CA  1 
ATOM   225  C C   . SER A 1 29 ? -7.356  -2.063  4.729   1.00 46.49  ? 1232 SER B C   1 
ATOM   226  O O   . SER A 1 29 ? -7.636  -2.837  5.651   1.00 45.38  ? 1232 SER B O   1 
ATOM   227  C CB  . SER A 1 29 ? -5.128  -1.736  3.648   1.00 49.34  ? 1232 SER B CB  1 
ATOM   228  O OG  . SER A 1 29 ? -4.130  -2.346  2.856   1.00 55.38  ? 1232 SER B OG  1 
ATOM   229  N N   . LYS A 1 30 ? -7.828  -0.816  4.673   1.00 42.86  ? 1233 LYS B N   1 
ATOM   230  C CA  . LYS A 1 30 ? -8.628  -0.271  5.764   1.00 51.88  ? 1233 LYS B CA  1 
ATOM   231  C C   . LYS A 1 30 ? -9.910  -1.067  5.955   1.00 45.98  ? 1233 LYS B C   1 
ATOM   232  O O   . LYS A 1 30 ? -10.320 -1.337  7.088   1.00 48.41  ? 1233 LYS B O   1 
ATOM   233  C CB  . LYS A 1 30 ? -8.953  1.197   5.501   1.00 41.41  ? 1233 LYS B CB  1 
ATOM   234  C CG  . LYS A 1 30 ? -7.750  2.063   5.190   1.00 59.77  ? 1233 LYS B CG  1 
ATOM   235  C CD  . LYS A 1 30 ? -8.128  3.527   5.272   1.00 60.15  ? 1233 LYS B CD  1 
ATOM   236  C CE  . LYS A 1 30 ? -7.605  4.298   4.086   1.00 57.21  ? 1233 LYS B CE  1 
ATOM   237  N NZ  . LYS A 1 30 ? -8.625  5.264   3.599   1.00 58.70  ? 1233 LYS B NZ  1 
ATOM   238  N N   . GLU A 1 31 ? -10.559 -1.447  4.852   1.00 37.99  ? 1234 GLU B N   1 
ATOM   239  C CA  . GLU A 1 31 ? -11.777 -2.242  4.949   1.00 37.49  ? 1234 GLU B CA  1 
ATOM   240  C C   . GLU A 1 31 ? -11.499 -3.577  5.625   1.00 51.24  ? 1234 GLU B C   1 
ATOM   241  O O   . GLU A 1 31 ? -12.270 -4.027  6.481   1.00 54.81  ? 1234 GLU B O   1 
ATOM   242  C CB  . GLU A 1 31 ? -12.381 -2.458  3.561   1.00 33.57  ? 1234 GLU B CB  1 
ATOM   243  C CG  . GLU A 1 31 ? -12.795 -1.183  2.851   1.00 47.68  ? 1234 GLU B CG  1 
ATOM   244  C CD  . GLU A 1 31 ? -13.387 -1.448  1.482   1.00 44.49  ? 1234 GLU B CD  1 
ATOM   245  O OE1 . GLU A 1 31 ? -13.847 -2.582  1.239   1.00 56.01  ? 1234 GLU B OE1 1 
ATOM   246  O OE2 . GLU A 1 31 ? -13.390 -0.519  0.649   1.00 63.66  ? 1234 GLU B OE2 1 
ATOM   247  N N   . ARG A 1 32 ? -10.393 -4.225  5.252   1.00 47.12  ? 1235 ARG B N   1 
ATOM   248  C CA  . ARG A 1 32 ? -10.058 -5.515  5.848   1.00 48.81  ? 1235 ARG B CA  1 
ATOM   249  C C   . ARG A 1 32 ? -9.800  -5.376  7.342   1.00 45.55  ? 1235 ARG B C   1 
ATOM   250  O O   . ARG A 1 32 ? -10.328 -6.149  8.148   1.00 48.22  ? 1235 ARG B O   1 
ATOM   251  C CB  . ARG A 1 32 ? -8.847  -6.127  5.138   1.00 44.29  ? 1235 ARG B CB  1 
ATOM   252  C CG  . ARG A 1 32 ? -9.200  -6.789  3.810   1.00 55.71  ? 1235 ARG B CG  1 
ATOM   253  C CD  . ARG A 1 32 ? -7.982  -7.339  3.074   1.00 56.64  ? 1235 ARG B CD  1 
ATOM   254  N NE  . ARG A 1 32 ? -7.353  -8.458  3.770   1.00 60.48  ? 1235 ARG B NE  1 
ATOM   255  C CZ  . ARG A 1 32 ? -6.216  -8.363  4.450   1.00 63.85  ? 1235 ARG B CZ  1 
ATOM   256  N NH1 . ARG A 1 32 ? -5.585  -7.199  4.519   1.00 57.81  ? 1235 ARG B NH1 1 
ATOM   257  N NH2 . ARG A 1 32 ? -5.707  -9.427  5.052   1.00 55.51  ? 1235 ARG B NH2 1 
ATOM   258  N N   . ALA A 1 33 ? -8.990  -4.389  7.733   1.00 36.90  ? 1236 ALA B N   1 
ATOM   259  C CA  . ALA A 1 33 ? -8.736  -4.179  9.154   1.00 46.36  ? 1236 ALA B CA  1 
ATOM   260  C C   . ALA A 1 33 ? -10.009 -3.780  9.886   1.00 61.52  ? 1236 ALA B C   1 
ATOM   261  O O   . ALA A 1 33 ? -10.169 -4.095  11.072  1.00 51.11  ? 1236 ALA B O   1 
ATOM   262  C CB  . ALA A 1 33 ? -7.651  -3.123  9.350   1.00 31.51  ? 1236 ALA B CB  1 
ATOM   263  N N   . ALA A 1 34 ? -10.921 -3.093  9.197   1.00 49.48  ? 1237 ALA B N   1 
ATOM   264  C CA  . ALA A 1 34 ? -12.210 -2.772  9.799   1.00 50.13  ? 1237 ALA B CA  1 
ATOM   265  C C   . ALA A 1 34 ? -13.078 -4.014  9.930   1.00 51.19  ? 1237 ALA B C   1 
ATOM   266  O O   . ALA A 1 34 ? -13.790 -4.178  10.926  1.00 47.99  ? 1237 ALA B O   1 
ATOM   267  C CB  . ALA A 1 34 ? -12.920 -1.701  8.974   1.00 45.49  ? 1237 ALA B CB  1 
ATOM   268  N N   . GLU A 1 35 ? -13.038 -4.898  8.930   1.00 45.21  ? 1238 GLU B N   1 
ATOM   269  C CA  . GLU A 1 35 ? -13.768 -6.158  9.022   1.00 48.44  ? 1238 GLU B CA  1 
ATOM   270  C C   . GLU A 1 35 ? -13.248 -7.011  10.169  1.00 53.39  ? 1238 GLU B C   1 
ATOM   271  O O   . GLU A 1 35 ? -14.019 -7.742  10.806  1.00 46.82  ? 1238 GLU B O   1 
ATOM   272  C CB  . GLU A 1 35 ? -13.671 -6.909  7.692   1.00 41.97  ? 1238 GLU B CB  1 
ATOM   273  C CG  . GLU A 1 35 ? -14.110 -8.363  7.742   1.00 60.35  ? 1238 GLU B CG  1 
ATOM   274  C CD  . GLU A 1 35 ? -15.554 -8.527  8.175   1.00 68.53  ? 1238 GLU B CD  1 
ATOM   275  O OE1 . GLU A 1 35 ? -16.377 -7.636  7.866   1.00 60.49  ? 1238 GLU B OE1 1 
ATOM   276  O OE2 . GLU A 1 35 ? -15.862 -9.545  8.829   1.00 50.29  ? 1238 GLU B OE2 1 
ATOM   277  N N   . MET A 1 36 ? -11.948 -6.919  10.451  1.00 40.67  ? 1239 MET B N   1 
ATOM   278  C CA  . MET A 1 36 ? -11.386 -7.581  11.620  1.00 48.11  ? 1239 MET B CA  1 
ATOM   279  C C   . MET A 1 36 ? -12.100 -7.150  12.891  1.00 54.13  ? 1239 MET B C   1 
ATOM   280  O O   . MET A 1 36 ? -12.375 -7.970  13.775  1.00 48.97  ? 1239 MET B O   1 
ATOM   281  C CB  . MET A 1 36 ? -9.896  -7.271  11.719  1.00 33.44  ? 1239 MET B CB  1 
ATOM   282  C CG  . MET A 1 36 ? -9.061  -8.100  10.792  1.00 51.72  ? 1239 MET B CG  1 
ATOM   283  S SD  . MET A 1 36 ? -9.246  -9.854  11.156  1.00 59.90  ? 1239 MET B SD  1 
ATOM   284  C CE  . MET A 1 36 ? -9.004  -9.845  12.930  1.00 51.56  ? 1239 MET B CE  1 
ATOM   285  N N   . VAL A 1 37 ? -12.412 -5.857  12.992  1.00 47.68  ? 1240 VAL B N   1 
ATOM   286  C CA  . VAL A 1 37 ? -13.045 -5.318  14.195  1.00 51.30  ? 1240 VAL B CA  1 
ATOM   287  C C   . VAL A 1 37 ? -14.371 -6.021  14.458  1.00 46.49  ? 1240 VAL B C   1 
ATOM   288  O O   . VAL A 1 37 ? -14.650 -6.464  15.578  1.00 49.69  ? 1240 VAL B O   1 
ATOM   289  C CB  . VAL A 1 37 ? -13.229 -3.796  14.069  1.00 51.62  ? 1240 VAL B CB  1 
ATOM   290  C CG1 . VAL A 1 37 ? -14.284 -3.317  15.040  1.00 42.38  ? 1240 VAL B CG1 1 
ATOM   291  C CG2 . VAL A 1 37 ? -11.915 -3.087  14.335  1.00 48.97  ? 1240 VAL B CG2 1 
ATOM   292  N N   . LYS A 1 38 ? -15.208 -6.137  13.422  1.00 43.36  ? 1241 LYS B N   1 
ATOM   293  C CA  . LYS A 1 38 ? -16.469 -6.855  13.573  1.00 45.71  ? 1241 LYS B CA  1 
ATOM   294  C C   . LYS A 1 38 ? -16.226 -8.313  13.932  1.00 50.87  ? 1241 LYS B C   1 
ATOM   295  O O   . LYS A 1 38 ? -16.953 -8.892  14.747  1.00 55.28  ? 1241 LYS B O   1 
ATOM   296  C CB  . LYS A 1 38 ? -17.294 -6.763  12.286  1.00 46.18  ? 1241 LYS B CB  1 
ATOM   297  C CG  . LYS A 1 38 ? -18.803 -6.796  12.509  1.00 64.02  ? 1241 LYS B CG  1 
ATOM   298  C CD  . LYS A 1 38 ? -19.541 -7.629  11.458  1.00 70.21  ? 1241 LYS B CD  1 
ATOM   299  C CE  . LYS A 1 38 ? -19.449 -7.023  10.070  1.00 80.54  ? 1241 LYS B CE  1 
ATOM   300  N NZ  . LYS A 1 38 ? -20.581 -7.432  9.189   1.00 89.07  ? 1241 LYS B NZ  1 
ATOM   301  N N   . ALA A 1 39 ? -15.200 -8.922  13.333  1.00 50.83  ? 1242 ALA B N   1 
ATOM   302  C CA  . ALA A 1 39 ? -14.923 -10.330 13.589  1.00 49.87  ? 1242 ALA B CA  1 
ATOM   303  C C   . ALA A 1 39 ? -14.537 -10.567 15.043  1.00 47.00  ? 1242 ALA B C   1 
ATOM   304  O O   . ALA A 1 39 ? -14.908 -11.588 15.631  1.00 38.58  ? 1242 ALA B O   1 
ATOM   305  C CB  . ALA A 1 39 ? -13.824 -10.827 12.651  1.00 47.78  ? 1242 ALA B CB  1 
ATOM   306  N N   . GLU A 1 40 ? -13.796 -9.634  15.642  1.00 42.53  ? 1243 GLU B N   1 
ATOM   307  C CA  . GLU A 1 40 ? -13.418 -9.784  17.043  1.00 54.88  ? 1243 GLU B CA  1 
ATOM   308  C C   . GLU A 1 40 ? -14.612 -9.544  17.960  1.00 59.68  ? 1243 GLU B C   1 
ATOM   309  O O   . GLU A 1 40 ? -14.752 -10.209 18.994  1.00 67.46  ? 1243 GLU B O   1 
ATOM   310  C CB  . GLU A 1 40 ? -12.275 -8.828  17.375  1.00 57.28  ? 1243 GLU B CB  1 
ATOM   311  C CG  . GLU A 1 40 ? -11.251 -9.383  18.359  1.00 85.37  ? 1243 GLU B CG  1 
ATOM   312  C CD  . GLU A 1 40 ? -11.683 -9.236  19.810  1.00 93.34  ? 1243 GLU B CD  1 
ATOM   313  O OE1 . GLU A 1 40 ? -12.055 -10.236 20.444  1.00 94.46  ? 1243 GLU B OE1 1 
ATOM   314  O OE2 . GLU A 1 40 ? -11.653 -8.113  20.330  1.00 92.25  ? 1243 GLU B OE2 1 
ATOM   315  N N   . VAL A 1 41 ? -15.480 -8.597  17.598  1.00 46.67  ? 1244 VAL B N   1 
ATOM   316  C CA  . VAL A 1 41 ? -16.690 -8.365  18.379  1.00 54.14  ? 1244 VAL B CA  1 
ATOM   317  C C   . VAL A 1 41 ? -17.561 -9.612  18.387  1.00 52.61  ? 1244 VAL B C   1 
ATOM   318  O O   . VAL A 1 41 ? -18.216 -9.928  19.388  1.00 58.99  ? 1244 VAL B O   1 
ATOM   319  C CB  . VAL A 1 41 ? -17.453 -7.142  17.835  1.00 43.55  ? 1244 VAL B CB  1 
ATOM   320  C CG1 . VAL A 1 41 ? -18.778 -6.980  18.552  1.00 52.61  ? 1244 VAL B CG1 1 
ATOM   321  C CG2 . VAL A 1 41 ? -16.626 -5.892  18.010  1.00 36.94  ? 1244 VAL B CG2 1 
ATOM   322  N N   . LEU A 1 42 ? -17.564 -10.354 17.277  1.00 45.03  ? 1245 LEU B N   1 
ATOM   323  C CA  . LEU A 1 42 ? -18.409 -11.537 17.182  1.00 45.88  ? 1245 LEU B CA  1 
ATOM   324  C C   . LEU A 1 42 ? -17.870 -12.694 18.010  1.00 57.59  ? 1245 LEU B C   1 
ATOM   325  O O   . LEU A 1 42 ? -18.649 -13.549 18.447  1.00 69.80  ? 1245 LEU B O   1 
ATOM   326  C CB  . LEU A 1 42 ? -18.565 -11.965 15.724  1.00 47.29  ? 1245 LEU B CB  1 
ATOM   327  C CG  . LEU A 1 42 ? -19.844 -11.481 15.035  1.00 57.40  ? 1245 LEU B CG  1 
ATOM   328  C CD1 . LEU A 1 42 ? -19.944 -9.961  15.043  1.00 65.61  ? 1245 LEU B CD1 1 
ATOM   329  C CD2 . LEU A 1 42 ? -19.938 -12.020 13.612  1.00 66.99  ? 1245 LEU B CD2 1 
ATOM   330  N N   . ARG A 1 43 ? -16.554 -12.767 18.231  1.00 57.13  ? 1246 ARG B N   1 
ATOM   331  C CA  . ARG A 1 43 ? -16.078 -13.839 19.101  1.00 67.91  ? 1246 ARG B CA  1 
ATOM   332  C C   . ARG A 1 43 ? -16.263 -13.472 20.567  1.00 70.85  ? 1246 ARG B C   1 
ATOM   333  O O   . ARG A 1 43 ? -16.240 -14.356 21.433  1.00 68.43  ? 1246 ARG B O   1 
ATOM   334  C CB  . ARG A 1 43 ? -14.620 -14.215 18.796  1.00 55.30  ? 1246 ARG B CB  1 
ATOM   335  C CG  . ARG A 1 43 ? -13.536 -13.166 19.043  1.00 75.30  ? 1246 ARG B CG  1 
ATOM   336  C CD  . ARG A 1 43 ? -13.311 -12.846 20.517  1.00 89.30  ? 1246 ARG B CD  1 
ATOM   337  N NE  . ARG A 1 43 ? -12.730 -13.936 21.276  1.00 99.37  ? 1246 ARG B NE  1 
ATOM   338  C CZ  . ARG A 1 43 ? -12.639 -13.937 22.599  1.00 104.96 ? 1246 ARG B CZ  1 
ATOM   339  N NH1 . ARG A 1 43 ? -12.075 -14.956 23.219  1.00 101.46 ? 1246 ARG B NH1 1 
ATOM   340  N NH2 . ARG A 1 43 ? -13.118 -12.922 23.304  1.00 100.52 ? 1246 ARG B NH2 1 
ATOM   341  N N   . GLU A 1 44 ? -16.401 -12.176 20.868  1.00 69.06  ? 1247 GLU B N   1 
ATOM   342  C CA  . GLU A 1 44 ? -16.838 -11.782 22.201  1.00 71.82  ? 1247 GLU B CA  1 
ATOM   343  C C   . GLU A 1 44 ? -18.229 -12.318 22.478  1.00 70.16  ? 1247 GLU B C   1 
ATOM   344  O O   . GLU A 1 44 ? -18.585 -12.566 23.635  1.00 55.03  ? 1247 GLU B O   1 
ATOM   345  C CB  . GLU A 1 44 ? -16.821 -10.258 22.353  1.00 58.25  ? 1247 GLU B CB  1 
ATOM   346  C CG  . GLU A 1 44 ? -15.478 -9.659  22.752  1.00 72.00  ? 1247 GLU B CG  1 
ATOM   347  C CD  . GLU A 1 44 ? -15.477 -8.139  22.696  1.00 73.99  ? 1247 GLU B CD  1 
ATOM   348  O OE1 . GLU A 1 44 ? -16.025 -7.502  23.621  1.00 69.73  ? 1247 GLU B OE1 1 
ATOM   349  O OE2 . GLU A 1 44 ? -14.931 -7.581  21.721  1.00 68.47  ? 1247 GLU B OE2 1 
ATOM   350  N N   . ARG A 1 45 ? -19.022 -12.509 21.422  1.00 70.67  ? 1248 ARG B N   1 
ATOM   351  C CA  . ARG A 1 45 ? -20.361 -13.064 21.585  1.00 54.33  ? 1248 ARG B CA  1 
ATOM   352  C C   . ARG A 1 45 ? -20.305 -14.468 22.173  1.00 65.37  ? 1248 ARG B C   1 
ATOM   353  O O   . ARG A 1 45 ? -21.158 -14.845 22.984  1.00 64.50  ? 1248 ARG B O   1 
ATOM   354  C CB  . ARG A 1 45 ? -21.093 -13.057 20.240  1.00 57.19  ? 1248 ARG B CB  1 
ATOM   355  C CG  . ARG A 1 45 ? -22.346 -13.908 20.185  1.00 60.24  ? 1248 ARG B CG  1 
ATOM   356  C CD  . ARG A 1 45 ? -22.918 -13.967 18.768  1.00 62.59  ? 1248 ARG B CD  1 
ATOM   357  N NE  . ARG A 1 45 ? -23.281 -12.646 18.260  1.00 55.24  ? 1248 ARG B NE  1 
ATOM   358  C CZ  . ARG A 1 45 ? -24.030 -12.441 17.180  1.00 63.05  ? 1248 ARG B CZ  1 
ATOM   359  N NH1 . ARG A 1 45 ? -24.319 -11.209 16.790  1.00 65.10  ? 1248 ARG B NH1 1 
ATOM   360  N NH2 . ARG A 1 45 ? -24.500 -13.469 16.490  1.00 65.34  ? 1248 ARG B NH2 1 
ATOM   361  N N   . GLN A 1 46 ? -19.296 -15.252 21.793  1.00 79.35  ? 1249 GLN B N   1 
ATOM   362  C CA  . GLN A 1 46 ? -19.165 -16.591 22.362  1.00 62.54  ? 1249 GLN B CA  1 
ATOM   363  C C   . GLN A 1 46 ? -18.893 -16.531 23.861  1.00 73.87  ? 1249 GLN B C   1 
ATOM   364  O O   . GLN A 1 46 ? -19.381 -17.380 24.618  1.00 76.32  ? 1249 GLN B O   1 
ATOM   365  C CB  . GLN A 1 46 ? -18.061 -17.365 21.637  1.00 75.90  ? 1249 GLN B CB  1 
ATOM   366  C CG  . GLN A 1 46 ? -17.534 -18.582 22.393  1.00 87.71  ? 1249 GLN B CG  1 
ATOM   367  C CD  . GLN A 1 46 ? -16.348 -18.247 23.281  1.00 99.06  ? 1249 GLN B CD  1 
ATOM   368  O OE1 . GLN A 1 46 ? -15.674 -17.239 23.073  1.00 96.06  ? 1249 GLN B OE1 1 
ATOM   369  N NE2 . GLN A 1 46 ? -16.100 -19.084 24.283  1.00 108.35 ? 1249 GLN B NE2 1 
ATOM   370  N N   . GLU A 1 47 ? -18.125 -15.538 24.312  1.00 77.84  ? 1250 GLU B N   1 
ATOM   371  C CA  . GLU A 1 47 ? -17.783 -15.440 25.726  1.00 72.64  ? 1250 GLU B CA  1 
ATOM   372  C C   . GLU A 1 47 ? -18.887 -14.803 26.560  1.00 72.52  ? 1250 GLU B C   1 
ATOM   373  O O   . GLU A 1 47 ? -18.928 -15.024 27.774  1.00 70.25  ? 1250 GLU B O   1 
ATOM   374  C CB  . GLU A 1 47 ? -16.484 -14.649 25.911  1.00 71.27  ? 1250 GLU B CB  1 
ATOM   375  C CG  . GLU A 1 47 ? -15.205 -15.411 25.566  1.00 95.48  ? 1250 GLU B CG  1 
ATOM   376  C CD  . GLU A 1 47 ? -14.671 -16.244 26.724  1.00 104.05 ? 1250 GLU B CD  1 
ATOM   377  O OE1 . GLU A 1 47 ? -15.479 -16.832 27.473  1.00 103.09 ? 1250 GLU B OE1 1 
ATOM   378  O OE2 . GLU A 1 47 ? -13.433 -16.305 26.888  1.00 101.49 ? 1250 GLU B OE2 1 
ATOM   379  N N   . THR A 1 48 ? -19.771 -14.006 25.954  1.00 72.09  ? 1251 THR B N   1 
ATOM   380  C CA  . THR A 1 48 ? -20.886 -13.462 26.722  1.00 64.83  ? 1251 THR B CA  1 
ATOM   381  C C   . THR A 1 48 ? -22.018 -14.471 26.849  1.00 71.50  ? 1251 THR B C   1 
ATOM   382  O O   . THR A 1 48 ? -22.802 -14.397 27.802  1.00 62.39  ? 1251 THR B O   1 
ATOM   383  C CB  . THR A 1 48 ? -21.408 -12.162 26.101  1.00 66.34  ? 1251 THR B CB  1 
ATOM   384  O OG1 . THR A 1 48 ? -22.540 -11.701 26.848  1.00 90.76  ? 1251 THR B OG1 1 
ATOM   385  C CG2 . THR A 1 48 ? -21.845 -12.378 24.678  1.00 59.40  ? 1251 THR B CG2 1 
ATOM   386  N N   . ALA A 1 49 ? -22.125 -15.409 25.905  1.00 71.38  ? 1252 ALA B N   1 
ATOM   387  C CA  . ALA A 1 49 ? -22.997 -16.557 26.120  1.00 61.37  ? 1252 ALA B CA  1 
ATOM   388  C C   . ALA A 1 49 ? -22.494 -17.390 27.285  1.00 78.37  ? 1252 ALA B C   1 
ATOM   389  O O   . ALA A 1 49 ? -23.286 -17.902 28.087  1.00 71.97  ? 1252 ALA B O   1 
ATOM   390  C CB  . ALA A 1 49 ? -23.083 -17.406 24.853  1.00 50.84  ? 1252 ALA B CB  1 
ATOM   391  N N   . ARG A 1 50 ? -21.172 -17.533 27.395  1.00 79.62  ? 1253 ARG B N   1 
ATOM   392  C CA  . ARG A 1 50 ? -20.573 -18.231 28.523  1.00 77.84  ? 1253 ARG B CA  1 
ATOM   393  C C   . ARG A 1 50 ? -20.987 -17.586 29.839  1.00 68.46  ? 1253 ARG B C   1 
ATOM   394  O O   . ARG A 1 50 ? -21.459 -18.259 30.763  1.00 83.19  ? 1253 ARG B O   1 
ATOM   395  C CB  . ARG A 1 50 ? -19.051 -18.226 28.365  1.00 92.30  ? 1253 ARG B CB  1 
ATOM   396  C CG  . ARG A 1 50 ? -18.310 -19.166 29.287  1.00 93.49  ? 1253 ARG B CG  1 
ATOM   397  C CD  . ARG A 1 50 ? -17.024 -18.523 29.771  1.00 95.83  ? 1253 ARG B CD  1 
ATOM   398  N NE  . ARG A 1 50 ? -17.090 -18.197 31.191  1.00 93.52  ? 1253 ARG B NE  1 
ATOM   399  C CZ  . ARG A 1 50 ? -16.504 -17.142 31.747  1.00 91.27  ? 1253 ARG B CZ  1 
ATOM   400  N NH1 . ARG A 1 50 ? -15.816 -16.287 30.999  1.00 95.61  ? 1253 ARG B NH1 1 
ATOM   401  N NH2 . ARG A 1 50 ? -16.618 -16.933 33.051  1.00 92.04  ? 1253 ARG B NH2 1 
ATOM   402  N N   . LYS A 1 51 ? -20.852 -16.260 29.921  1.00 65.84  ? 1254 LYS B N   1 
ATOM   403  C CA  . LYS A 1 51 ? -21.081 -15.536 31.165  1.00 68.80  ? 1254 LYS B CA  1 
ATOM   404  C C   . LYS A 1 51 ? -22.538 -15.568 31.614  1.00 74.47  ? 1254 LYS B C   1 
ATOM   405  O O   . LYS A 1 51 ? -22.812 -15.352 32.800  1.00 76.05  ? 1254 LYS B O   1 
ATOM   406  C CB  . LYS A 1 51 ? -20.613 -14.089 31.003  1.00 69.75  ? 1254 LYS B CB  1 
ATOM   407  C CG  . LYS A 1 51 ? -20.353 -13.353 32.301  1.00 72.27  ? 1254 LYS B CG  1 
ATOM   408  C CD  . LYS A 1 51 ? -19.610 -12.048 32.048  1.00 70.86  ? 1254 LYS B CD  1 
ATOM   409  C CE  . LYS A 1 51 ? -18.339 -12.298 31.251  1.00 67.07  ? 1254 LYS B CE  1 
ATOM   410  N NZ  . LYS A 1 51 ? -17.440 -11.115 31.232  1.00 67.28  ? 1254 LYS B NZ  1 
ATOM   411  N N   . MET A 1 52 ? -23.477 -15.829 30.709  1.00 78.54  ? 1255 MET B N   1 
ATOM   412  C CA  . MET A 1 52 ? -24.890 -15.866 31.086  1.00 75.42  ? 1255 MET B CA  1 
ATOM   413  C C   . MET A 1 52 ? -25.213 -17.058 31.981  1.00 73.76  ? 1255 MET B C   1 
ATOM   414  O O   . MET A 1 52 ? -24.875 -18.199 31.667  1.00 63.15  ? 1255 MET B O   1 
ATOM   415  C CB  . MET A 1 52 ? -25.780 -15.892 29.841  1.00 74.57  ? 1255 MET B CB  1 
ATOM   416  C CG  . MET A 1 52 ? -25.992 -14.525 29.222  1.00 69.89  ? 1255 MET B CG  1 
ATOM   417  S SD  . MET A 1 52 ? -26.624 -14.572 27.539  1.00 76.58  ? 1255 MET B SD  1 
ATOM   418  C CE  . MET A 1 52 ? -25.860 -13.094 26.883  1.00 67.87  ? 1255 MET B CE  1 
ATOM   419  N N   . ALA B 2 1  ? -12.154 -6.090  20.064  1.00 101.83 ? 498  ALA C N   1 
ATOM   420  C CA  . ALA B 2 1  ? -11.907 -5.126  21.130  1.00 92.76  ? 498  ALA C CA  1 
ATOM   421  C C   . ALA B 2 1  ? -10.806 -4.157  20.723  1.00 85.33  ? 498  ALA C C   1 
ATOM   422  O O   . ALA B 2 1  ? -10.734 -3.736  19.565  1.00 90.98  ? 498  ALA C O   1 
ATOM   423  C CB  . ALA B 2 1  ? -11.551 -5.841  22.446  1.00 43.01  ? 498  ALA C CB  1 
ATOM   424  N N   . CYS B 2 2  ? -9.937  -3.813  21.673  1.00 100.94 ? 499  CYS C N   1 
ATOM   425  C CA  . CYS B 2 2  ? -9.136  -2.603  21.554  1.00 101.02 ? 499  CYS C CA  1 
ATOM   426  C C   . CYS B 2 2  ? -7.787  -2.828  20.883  1.00 108.71 ? 499  CYS C C   1 
ATOM   427  O O   . CYS B 2 2  ? -7.136  -1.854  20.502  1.00 117.73 ? 499  CYS C O   1 
ATOM   428  C CB  . CYS B 2 2  ? -8.946  -1.988  22.940  1.00 63.97  ? 499  CYS C CB  1 
ATOM   429  S SG  . CYS B 2 2  ? -10.542 -1.719  23.808  1.00 63.97  ? 499  CYS C SG  1 
ATOM   430  N N   . LEU B 2 3  ? -7.356  -4.082  20.716  1.00 96.91  ? 500  LEU C N   1 
ATOM   431  C CA  . LEU B 2 3  ? -6.216  -4.365  19.845  1.00 87.44  ? 500  LEU C CA  1 
ATOM   432  C C   . LEU B 2 3  ? -6.533  -3.994  18.407  1.00 97.68  ? 500  LEU C C   1 
ATOM   433  O O   . LEU B 2 3  ? -5.731  -3.343  17.733  1.00 92.54  ? 500  LEU C O   1 
ATOM   434  C CB  . LEU B 2 3  ? -5.819  -5.846  19.915  1.00 52.36  ? 500  LEU C CB  1 
ATOM   435  C CG  . LEU B 2 3  ? -5.026  -6.476  21.074  1.00 52.36  ? 500  LEU C CG  1 
ATOM   436  C CD1 . LEU B 2 3  ? -5.128  -8.002  20.990  1.00 52.36  ? 500  LEU C CD1 1 
ATOM   437  C CD2 . LEU B 2 3  ? -3.550  -6.030  21.162  1.00 52.36  ? 500  LEU C CD2 1 
ATOM   438  N N   . ASN B 2 4  ? -7.723  -4.370  17.927  1.00 91.99  ? 501  ASN C N   1 
ATOM   439  C CA  . ASN B 2 4  ? -8.021  -4.275  16.501  1.00 89.11  ? 501  ASN C CA  1 
ATOM   440  C C   . ASN B 2 4  ? -8.417  -2.857  16.116  1.00 79.84  ? 501  ASN C C   1 
ATOM   441  O O   . ASN B 2 4  ? -8.069  -2.389  15.023  1.00 85.76  ? 501  ASN C O   1 
ATOM   442  C CB  . ASN B 2 4  ? -9.148  -5.244  16.132  1.00 50.86  ? 501  ASN C CB  1 
ATOM   443  C CG  . ASN B 2 4  ? -8.903  -6.652  16.624  1.00 50.86  ? 501  ASN C CG  1 
ATOM   444  O OD1 . ASN B 2 4  ? -9.184  -6.976  17.783  1.00 50.86  ? 501  ASN C OD1 1 
ATOM   445  N ND2 . ASN B 2 4  ? -8.398  -7.509  15.742  1.00 50.86  ? 501  ASN C ND2 1 
ATOM   446  N N   . THR B 2 5  ? -9.177  -2.171  16.971  1.00 54.78  ? 502  THR C N   1 
ATOM   447  C CA  . THR B 2 5  ? -9.497  -0.774  16.707  1.00 66.50  ? 502  THR C CA  1 
ATOM   448  C C   . THR B 2 5  ? -8.229  0.064   16.672  1.00 63.19  ? 502  THR C C   1 
ATOM   449  O O   . THR B 2 5  ? -8.047  0.889   15.772  1.00 64.29  ? 502  THR C O   1 
ATOM   450  C CB  . THR B 2 5  ? -10.469 -0.246  17.762  1.00 54.55  ? 502  THR C CB  1 
ATOM   451  O OG1 . THR B 2 5  ? -9.842  -0.253  19.052  1.00 55.97  ? 502  THR C OG1 1 
ATOM   452  C CG2 . THR B 2 5  ? -11.687 -1.122  17.820  1.00 53.80  ? 502  THR C CG2 1 
ATOM   453  N N   . ARG B 2 6  ? -7.333  -0.138  17.637  1.00 62.17  ? 503  ARG C N   1 
ATOM   454  C CA  . ARG B 2 6  ? -6.059  0.571   17.629  1.00 57.17  ? 503  ARG C CA  1 
ATOM   455  C C   . ARG B 2 6  ? -5.208  0.158   16.437  1.00 65.64  ? 503  ARG C C   1 
ATOM   456  O O   . ARG B 2 6  ? -4.430  0.966   15.926  1.00 63.75  ? 503  ARG C O   1 
ATOM   457  C CB  . ARG B 2 6  ? -5.294  0.315   18.932  1.00 65.10  ? 503  ARG C CB  1 
ATOM   458  C CG  . ARG B 2 6  ? -4.088  1.215   19.132  1.00 85.30  ? 503  ARG C CG  1 
ATOM   459  C CD  . ARG B 2 6  ? -2.812  0.413   19.383  1.00 91.63  ? 503  ARG C CD  1 
ATOM   460  N NE  . ARG B 2 6  ? -2.694  -0.041  20.768  1.00 98.68  ? 503  ARG C NE  1 
ATOM   461  C CZ  . ARG B 2 6  ? -1.842  -0.974  21.180  1.00 100.50 ? 503  ARG C CZ  1 
ATOM   462  N NH1 . ARG B 2 6  ? -1.030  -1.564  20.315  1.00 103.04 ? 503  ARG C NH1 1 
ATOM   463  N NH2 . ARG B 2 6  ? -1.801  -1.324  22.458  1.00 90.82  ? 503  ARG C NH2 1 
ATOM   464  N N   . PHE B 2 7  ? -5.343  -1.091  15.982  1.00 60.67  ? 504  PHE C N   1 
ATOM   465  C CA  . PHE B 2 7  ? -4.694  -1.510  14.743  1.00 49.82  ? 504  PHE C CA  1 
ATOM   466  C C   . PHE B 2 7  ? -5.216  -0.695  13.575  1.00 51.77  ? 504  PHE C C   1 
ATOM   467  O O   . PHE B 2 7  ? -4.439  -0.200  12.755  1.00 49.61  ? 504  PHE C O   1 
ATOM   468  C CB  . PHE B 2 7  ? -4.934  -3.005  14.509  1.00 38.42  ? 504  PHE C CB  1 
ATOM   469  C CG  . PHE B 2 7  ? -4.351  -3.545  13.226  1.00 50.86  ? 504  PHE C CG  1 
ATOM   470  C CD1 . PHE B 2 7  ? -3.040  -3.994  13.183  1.00 51.30  ? 504  PHE C CD1 1 
ATOM   471  C CD2 . PHE B 2 7  ? -5.119  -3.626  12.069  1.00 51.75  ? 504  PHE C CD2 1 
ATOM   472  C CE1 . PHE B 2 7  ? -2.500  -4.502  12.009  1.00 50.38  ? 504  PHE C CE1 1 
ATOM   473  C CE2 . PHE B 2 7  ? -4.580  -4.136  10.890  1.00 49.91  ? 504  PHE C CE2 1 
ATOM   474  C CZ  . PHE B 2 7  ? -3.272  -4.573  10.865  1.00 42.89  ? 504  PHE C CZ  1 
ATOM   475  N N   . LEU B 2 8  ? -6.538  -0.527  13.506  1.00 50.40  ? 505  LEU C N   1 
ATOM   476  C CA  . LEU B 2 8  ? -7.148  0.206   12.404  1.00 45.68  ? 505  LEU C CA  1 
ATOM   477  C C   . LEU B 2 8  ? -6.721  1.666   12.417  1.00 55.96  ? 505  LEU C C   1 
ATOM   478  O O   . LEU B 2 8  ? -6.367  2.229   11.375  1.00 53.34  ? 505  LEU C O   1 
ATOM   479  C CB  . LEU B 2 8  ? -8.670  0.091   12.491  1.00 40.39  ? 505  LEU C CB  1 
ATOM   480  C CG  . LEU B 2 8  ? -9.476  0.726   11.361  1.00 51.56  ? 505  LEU C CG  1 
ATOM   481  C CD1 . LEU B 2 8  ? -9.363  -0.098  10.096  1.00 59.72  ? 505  LEU C CD1 1 
ATOM   482  C CD2 . LEU B 2 8  ? -10.931 0.886   11.753  1.00 58.71  ? 505  LEU C CD2 1 
ATOM   483  N N   . GLU B 2 9  ? -6.762  2.298   13.594  1.00 39.49  ? 506  GLU C N   1 
ATOM   484  C CA  . GLU B 2 9  ? -6.326  3.685   13.720  1.00 49.57  ? 506  GLU C CA  1 
ATOM   485  C C   . GLU B 2 9  ? -4.902  3.861   13.219  1.00 49.59  ? 506  GLU C C   1 
ATOM   486  O O   . GLU B 2 9  ? -4.577  4.868   12.580  1.00 45.14  ? 506  GLU C O   1 
ATOM   487  C CB  . GLU B 2 9  ? -6.442  4.134   15.175  1.00 52.73  ? 506  GLU C CB  1 
ATOM   488  C CG  . GLU B 2 9  ? -7.858  4.103   15.712  1.00 59.94  ? 506  GLU C CG  1 
ATOM   489  C CD  . GLU B 2 9  ? -7.912  4.333   17.209  1.00 76.35  ? 506  GLU C CD  1 
ATOM   490  O OE1 . GLU B 2 9  ? -6.834  4.406   17.835  1.00 78.68  ? 506  GLU C OE1 1 
ATOM   491  O OE2 . GLU B 2 9  ? -9.029  4.433   17.760  1.00 66.59  ? 506  GLU C OE2 1 
ATOM   492  N N   . GLU B 2 10 ? -4.040  2.881   13.498  1.00 40.25  ? 507  GLU C N   1 
ATOM   493  C CA  . GLU B 2 10 ? -2.684  2.907   12.962  1.00 47.94  ? 507  GLU C CA  1 
ATOM   494  C C   . GLU B 2 10 ? -2.696  2.788   11.444  1.00 49.41  ? 507  GLU C C   1 
ATOM   495  O O   . GLU B 2 10 ? -2.004  3.540   10.750  1.00 44.25  ? 507  GLU C O   1 
ATOM   496  C CB  . GLU B 2 10 ? -1.856  1.785   13.586  1.00 44.31  ? 507  GLU C CB  1 
ATOM   497  C CG  . GLU B 2 10 ? -1.584  1.950   15.069  1.00 58.32  ? 507  GLU C CG  1 
ATOM   498  C CD  . GLU B 2 10 ? -1.082  0.670   15.712  1.00 68.99  ? 507  GLU C CD  1 
ATOM   499  O OE1 . GLU B 2 10 ? -1.040  -0.367  15.016  1.00 61.14  ? 507  GLU C OE1 1 
ATOM   500  O OE2 . GLU B 2 10 ? -0.728  0.705   16.909  1.00 63.16  ? 507  GLU C OE2 1 
ATOM   501  N N   . GLU B 2 11 ? -3.475  1.838   10.913  1.00 46.58  ? 508  GLU C N   1 
ATOM   502  C CA  . GLU B 2 11 ? -3.611  1.697   9.465   1.00 46.68  ? 508  GLU C CA  1 
ATOM   503  C C   . GLU B 2 11 ? -3.982  3.025   8.822   1.00 39.61  ? 508  GLU C C   1 
ATOM   504  O O   . GLU B 2 11 ? -3.409  3.421   7.802   1.00 46.70  ? 508  GLU C O   1 
ATOM   505  C CB  . GLU B 2 11 ? -4.670  0.640   9.134   1.00 39.84  ? 508  GLU C CB  1 
ATOM   506  C CG  . GLU B 2 11 ? -4.171  -0.794  9.059   1.00 50.89  ? 508  GLU C CG  1 
ATOM   507  C CD  . GLU B 2 11 ? -3.360  -1.078  7.810   1.00 54.07  ? 508  GLU C CD  1 
ATOM   508  O OE1 . GLU B 2 11 ? -3.524  -0.344  6.812   1.00 59.66  ? 508  GLU C OE1 1 
ATOM   509  O OE2 . GLU B 2 11 ? -2.557  -2.036  7.827   1.00 65.15  ? 508  GLU C OE2 1 
ATOM   510  N N   . GLU B 2 12 ? -4.947  3.729   9.423   1.00 46.19  ? 509  GLU C N   1 
ATOM   511  C CA  . GLU B 2 12 ? -5.392  5.016   8.901   1.00 46.02  ? 509  GLU C CA  1 
ATOM   512  C C   . GLU B 2 12 ? -4.238  6.003   8.811   1.00 46.49  ? 509  GLU C C   1 
ATOM   513  O O   . GLU B 2 12 ? -4.118  6.743   7.827   1.00 40.07  ? 509  GLU C O   1 
ATOM   514  C CB  . GLU B 2 12 ? -6.495  5.580   9.794   1.00 42.23  ? 509  GLU C CB  1 
ATOM   515  C CG  . GLU B 2 12 ? -7.569  6.345   9.057   1.00 55.74  ? 509  GLU C CG  1 
ATOM   516  C CD  . GLU B 2 12 ? -8.713  5.453   8.637   1.00 50.32  ? 509  GLU C CD  1 
ATOM   517  O OE1 . GLU B 2 12 ? -9.143  4.612   9.456   1.00 63.57  ? 509  GLU C OE1 1 
ATOM   518  O OE2 . GLU B 2 12 ? -9.176  5.581   7.487   1.00 68.98  ? 509  GLU C OE2 1 
ATOM   519  N N   . LEU B 2 13 ? -3.385  6.035   9.836   1.00 40.53  ? 510  LEU C N   1 
ATOM   520  C CA  . LEU B 2 13 ? -2.276  6.981   9.842   1.00 45.97  ? 510  LEU C CA  1 
ATOM   521  C C   . LEU B 2 13 ? -1.248  6.621   8.780   1.00 56.21  ? 510  LEU C C   1 
ATOM   522  O O   . LEU B 2 13 ? -0.753  7.498   8.063   1.00 46.19  ? 510  LEU C O   1 
ATOM   523  C CB  . LEU B 2 13 ? -1.631  7.021   11.225  1.00 48.01  ? 510  LEU C CB  1 
ATOM   524  C CG  . LEU B 2 13 ? -1.014  8.363   11.615  1.00 57.48  ? 510  LEU C CG  1 
ATOM   525  C CD1 . LEU B 2 13 ? -2.087  9.438   11.637  1.00 54.11  ? 510  LEU C CD1 1 
ATOM   526  C CD2 . LEU B 2 13 ? -0.318  8.263   12.962  1.00 65.43  ? 510  LEU C CD2 1 
ATOM   527  N N   . ARG B 2 14 ? -0.920  5.333   8.665   1.00 43.81  ? 511  ARG C N   1 
ATOM   528  C CA  . ARG B 2 14 ? 0.011   4.884   7.640   1.00 46.88  ? 511  ARG C CA  1 
ATOM   529  C C   . ARG B 2 14 ? -0.558  5.061   6.244   1.00 44.81  ? 511  ARG C C   1 
ATOM   530  O O   . ARG B 2 14 ? 0.209   5.263   5.298   1.00 44.81  ? 511  ARG C O   1 
ATOM   531  C CB  . ARG B 2 14 ? 0.382   3.418   7.875   1.00 47.57  ? 511  ARG C CB  1 
ATOM   532  C CG  . ARG B 2 14 ? 0.868   3.130   9.285   1.00 54.69  ? 511  ARG C CG  1 
ATOM   533  C CD  . ARG B 2 14 ? 1.364   1.704   9.449   1.00 50.38  ? 511  ARG C CD  1 
ATOM   534  N NE  . ARG B 2 14 ? 0.591   0.748   8.665   1.00 55.97  ? 511  ARG C NE  1 
ATOM   535  C CZ  . ARG B 2 14 ? 1.091   0.055   7.650   1.00 51.98  ? 511  ARG C CZ  1 
ATOM   536  N NH1 . ARG B 2 14 ? 2.363   0.212   7.310   1.00 40.65  ? 511  ARG C NH1 1 
ATOM   537  N NH2 . ARG B 2 14 ? 0.327   -0.796  6.981   1.00 47.56  ? 511  ARG C NH2 1 
ATOM   538  N N   . SER B 2 15 ? -1.884  4.991   6.099   1.00 40.13  ? 512  SER C N   1 
ATOM   539  C CA  . SER B 2 15 ? -2.511  5.208   4.799   1.00 40.16  ? 512  SER C CA  1 
ATOM   540  C C   . SER B 2 15 ? -2.299  6.635   4.315   1.00 57.15  ? 512  SER C C   1 
ATOM   541  O O   . SER B 2 15 ? -2.047  6.866   3.127   1.00 41.38  ? 512  SER C O   1 
ATOM   542  C CB  . SER B 2 15 ? -4.002  4.894   4.885   1.00 37.04  ? 512  SER C CB  1 
ATOM   543  O OG  . SER B 2 15 ? -4.213  3.557   5.303   1.00 67.25  ? 512  SER C OG  1 
ATOM   544  N N   . HIS B 2 16 ? -2.409  7.604   5.224   1.00 56.31  ? 513  HIS C N   1 
ATOM   545  C CA  . HIS B 2 16 ? -2.213  9.000   4.857   1.00 53.57  ? 513  HIS C CA  1 
ATOM   546  C C   . HIS B 2 16 ? -0.758  9.274   4.498   1.00 49.31  ? 513  HIS C C   1 
ATOM   547  O O   . HIS B 2 16 ? -0.474  10.049  3.578   1.00 45.69  ? 513  HIS C O   1 
ATOM   548  C CB  . HIS B 2 16 ? -2.666  9.897   6.008   1.00 51.21  ? 513  HIS C CB  1 
ATOM   549  C CG  . HIS B 2 16 ? -2.422  11.356  5.776   1.00 73.15  ? 513  HIS C CG  1 
ATOM   550  N ND1 . HIS B 2 16 ? -3.098  12.078  4.819   1.00 77.64  ? 513  HIS C ND1 1 
ATOM   551  C CD2 . HIS B 2 16 ? -1.591  12.228  6.394   1.00 75.32  ? 513  HIS C CD2 1 
ATOM   552  C CE1 . HIS B 2 16 ? -2.682  13.335  4.845   1.00 75.01  ? 513  HIS C CE1 1 
ATOM   553  N NE2 . HIS B 2 16 ? -1.770  13.451  5.790   1.00 71.88  ? 513  HIS C NE2 1 
ATOM   554  N N   . HIS B 2 17 ? 0.175   8.633   5.201   1.00 45.33  ? 514  HIS C N   1 
ATOM   555  C CA  . HIS B 2 17 ? 1.588   8.930   4.994   1.00 50.27  ? 514  HIS C CA  1 
ATOM   556  C C   . HIS B 2 17 ? 2.084   8.361   3.671   1.00 52.91  ? 514  HIS C C   1 
ATOM   557  O O   . HIS B 2 17 ? 2.704   9.076   2.874   1.00 40.35  ? 514  HIS C O   1 
ATOM   558  C CB  . HIS B 2 17 ? 2.407   8.390   6.163   1.00 39.04  ? 514  HIS C CB  1 
ATOM   559  C CG  . HIS B 2 17 ? 2.065   9.014   7.482   1.00 73.24  ? 514  HIS C CG  1 
ATOM   560  N ND1 . HIS B 2 17 ? 2.791   8.771   8.627   1.00 81.83  ? 514  HIS C ND1 1 
ATOM   561  C CD2 . HIS B 2 17 ? 1.081   9.875   7.832   1.00 70.10  ? 514  HIS C CD2 1 
ATOM   562  C CE1 . HIS B 2 17 ? 2.266   9.453   9.630   1.00 74.26  ? 514  HIS C CE1 1 
ATOM   563  N NE2 . HIS B 2 17 ? 1.226   10.129  9.176   1.00 75.70  ? 514  HIS C NE2 1 
ATOM   564  N N   . ILE B 2 18 ? 1.818   7.077   3.416   1.00 48.86  ? 515  ILE C N   1 
ATOM   565  C CA  . ILE B 2 18 ? 2.176   6.482   2.131   1.00 44.50  ? 515  ILE C CA  1 
ATOM   566  C C   . ILE B 2 18 ? 1.516   7.251   0.994   1.00 53.34  ? 515  ILE C C   1 
ATOM   567  O O   . ILE B 2 18 ? 2.082   7.373   -0.099  1.00 43.80  ? 515  ILE C O   1 
ATOM   568  C CB  . ILE B 2 18 ? 1.797   4.985   2.119   1.00 35.47  ? 515  ILE C CB  1 
ATOM   569  C CG1 . ILE B 2 18 ? 2.247   4.304   0.829   1.00 39.01  ? 515  ILE C CG1 1 
ATOM   570  C CG2 . ILE B 2 18 ? 0.308   4.800   2.295   1.00 47.28  ? 515  ILE C CG2 1 
ATOM   571  C CD1 . ILE B 2 18 ? 3.727   4.092   0.751   1.00 57.17  ? 515  ILE C CD1 1 
ATOM   572  N N   . LEU B 2 19 ? 0.326   7.807   1.243   1.00 46.30  ? 516  LEU C N   1 
ATOM   573  C CA  . LEU B 2 19 ? -0.346  8.627   0.242   1.00 44.52  ? 516  LEU C CA  1 
ATOM   574  C C   . LEU B 2 19 ? 0.458   9.882   -0.072  1.00 47.72  ? 516  LEU C C   1 
ATOM   575  O O   . LEU B 2 19 ? 0.637   10.232  -1.245  1.00 38.67  ? 516  LEU C O   1 
ATOM   576  C CB  . LEU B 2 19 ? -1.743  8.998   0.735   1.00 44.37  ? 516  LEU C CB  1 
ATOM   577  C CG  . LEU B 2 19 ? -2.619  9.849   -0.186  1.00 68.18  ? 516  LEU C CG  1 
ATOM   578  C CD1 . LEU B 2 19 ? -3.460  8.946   -1.064  1.00 68.85  ? 516  LEU C CD1 1 
ATOM   579  C CD2 . LEU B 2 19 ? -3.498  10.798  0.615   1.00 70.97  ? 516  LEU C CD2 1 
ATOM   580  N N   . GLU B 2 20 ? 0.937   10.576  0.965   1.00 38.47  ? 517  GLU C N   1 
ATOM   581  C CA  . GLU B 2 20 ? 1.788   11.742  0.752   1.00 44.19  ? 517  GLU C CA  1 
ATOM   582  C C   . GLU B 2 20 ? 2.988   11.390  -0.110  1.00 38.84  ? 517  GLU C C   1 
ATOM   583  O O   . GLU B 2 20 ? 3.285   12.085  -1.088  1.00 40.95  ? 517  GLU C O   1 
ATOM   584  C CB  . GLU B 2 20 ? 2.260   12.309  2.091   1.00 39.99  ? 517  GLU C CB  1 
ATOM   585  C CG  . GLU B 2 20 ? 1.231   13.140  2.836   1.00 59.58  ? 517  GLU C CG  1 
ATOM   586  C CD  . GLU B 2 20 ? 1.649   13.425  4.269   1.00 72.17  ? 517  GLU C CD  1 
ATOM   587  O OE1 . GLU B 2 20 ? 2.730   14.015  4.482   1.00 76.21  ? 517  GLU C OE1 1 
ATOM   588  O OE2 . GLU B 2 20 ? 0.901   13.042  5.190   1.00 72.09  ? 517  GLU C OE2 1 
ATOM   589  N N   . ARG B 2 21 ? 3.678   10.301  0.232   1.00 44.26  ? 518  ARG C N   1 
ATOM   590  C CA  . ARG B 2 21 ? 4.898   9.931   -0.474  1.00 40.84  ? 518  ARG C CA  1 
ATOM   591  C C   . ARG B 2 21 ? 4.636   9.663   -1.946  1.00 43.01  ? 518  ARG C C   1 
ATOM   592  O O   . ARG B 2 21 ? 5.508   9.914   -2.785  1.00 37.69  ? 518  ARG C O   1 
ATOM   593  C CB  . ARG B 2 21 ? 5.534   8.710   0.191   1.00 41.15  ? 518  ARG C CB  1 
ATOM   594  C CG  . ARG B 2 21 ? 6.812   9.024   0.954   1.00 56.74  ? 518  ARG C CG  1 
ATOM   595  C CD  . ARG B 2 21 ? 7.090   7.994   2.034   1.00 66.56  ? 518  ARG C CD  1 
ATOM   596  N NE  . ARG B 2 21 ? 6.128   8.073   3.131   1.00 76.60  ? 518  ARG C NE  1 
ATOM   597  C CZ  . ARG B 2 21 ? 6.307   7.517   4.325   1.00 76.72  ? 518  ARG C CZ  1 
ATOM   598  N NH1 . ARG B 2 21 ? 7.421   6.844   4.583   1.00 79.50  ? 518  ARG C NH1 1 
ATOM   599  N NH2 . ARG B 2 21 ? 5.379   7.638   5.265   1.00 59.69  ? 518  ARG C NH2 1 
ATOM   600  N N   . LEU B 2 22 ? 3.441   9.170   -2.280  1.00 29.38  ? 519  LEU C N   1 
ATOM   601  C CA  . LEU B 2 22 ? 3.106   8.947   -3.682  1.00 35.57  ? 519  LEU C CA  1 
ATOM   602  C C   . LEU B 2 22 ? 2.864   10.267  -4.398  1.00 46.27  ? 519  LEU C C   1 
ATOM   603  O O   . LEU B 2 22 ? 3.345   10.477  -5.517  1.00 46.64  ? 519  LEU C O   1 
ATOM   604  C CB  . LEU B 2 22 ? 1.881   8.040   -3.800  1.00 38.29  ? 519  LEU C CB  1 
ATOM   605  C CG  . LEU B 2 22 ? 1.960   6.606   -3.266  1.00 44.21  ? 519  LEU C CG  1 
ATOM   606  C CD1 . LEU B 2 22 ? 1.187   5.665   -4.184  1.00 33.42  ? 519  LEU C CD1 1 
ATOM   607  C CD2 . LEU B 2 22 ? 3.397   6.132   -3.083  1.00 44.71  ? 519  LEU C CD2 1 
ATOM   608  N N   . ASP B 2 23 ? 2.112   11.172  -3.764  1.00 36.92  ? 520  ASP C N   1 
ATOM   609  C CA  . ASP B 2 23 ? 1.920   12.501  -4.333  1.00 38.58  ? 520  ASP C CA  1 
ATOM   610  C C   . ASP B 2 23 ? 3.245   13.217  -4.538  1.00 46.02  ? 520  ASP C C   1 
ATOM   611  O O   . ASP B 2 23 ? 3.398   13.976  -5.503  1.00 41.58  ? 520  ASP C O   1 
ATOM   612  C CB  . ASP B 2 23 ? 1.010   13.338  -3.435  1.00 31.24  ? 520  ASP C CB  1 
ATOM   613  C CG  . ASP B 2 23 ? -0.454  13.022  -3.627  1.00 42.30  ? 520  ASP C CG  1 
ATOM   614  O OD1 . ASP B 2 23 ? -0.779  12.217  -4.522  1.00 33.42  ? 520  ASP C OD1 1 
ATOM   615  O OD2 . ASP B 2 23 ? -1.284  13.593  -2.889  1.00 47.07  ? 520  ASP C OD2 1 
ATOM   616  N N   . ALA B 2 24 ? 4.208   12.994  -3.641  1.00 37.10  ? 521  ALA C N   1 
ATOM   617  C CA  . ALA B 2 24 ? 5.516   13.626  -3.768  1.00 36.76  ? 521  ALA C CA  1 
ATOM   618  C C   . ALA B 2 24 ? 6.230   13.155  -5.028  1.00 35.00  ? 521  ALA C C   1 
ATOM   619  O O   . ALA B 2 24 ? 6.662   13.966  -5.855  1.00 45.90  ? 521  ALA C O   1 
ATOM   620  C CB  . ALA B 2 24 ? 6.359   13.331  -2.526  1.00 25.75  ? 521  ALA C CB  1 
ATOM   621  N N   . HIS B 2 25 ? 6.364   11.834  -5.184  1.00 25.01  ? 522  HIS C N   1 
ATOM   622  C CA  . HIS B 2 25 ? 7.042   11.283  -6.351  1.00 34.74  ? 522  HIS C CA  1 
ATOM   623  C C   . HIS B 2 25 ? 6.375   11.726  -7.645  1.00 34.03  ? 522  HIS C C   1 
ATOM   624  O O   . HIS B 2 25 ? 7.040   11.856  -8.679  1.00 34.89  ? 522  HIS C O   1 
ATOM   625  C CB  . HIS B 2 25 ? 7.069   9.757   -6.262  1.00 29.16  ? 522  HIS C CB  1 
ATOM   626  C CG  . HIS B 2 25 ? 7.581   9.233   -4.956  1.00 44.14  ? 522  HIS C CG  1 
ATOM   627  N ND1 . HIS B 2 25 ? 8.491   9.917   -4.179  1.00 50.80  ? 522  HIS C ND1 1 
ATOM   628  C CD2 . HIS B 2 25 ? 7.303   8.088   -4.287  1.00 36.96  ? 522  HIS C CD2 1 
ATOM   629  C CE1 . HIS B 2 25 ? 8.752   9.217   -3.091  1.00 39.46  ? 522  HIS C CE1 1 
ATOM   630  N NE2 . HIS B 2 25 ? 8.044   8.103   -3.131  1.00 35.13  ? 522  HIS C NE2 1 
ATOM   631  N N   . ILE B 2 26 ? 5.066   11.977  -7.607  1.00 31.36  ? 523  ILE C N   1 
ATOM   632  C CA  . ILE B 2 26 ? 4.363   12.473  -8.783  1.00 28.44  ? 523  ILE C CA  1 
ATOM   633  C C   . ILE B 2 26 ? 4.687   13.940  -9.025  1.00 40.96  ? 523  ILE C C   1 
ATOM   634  O O   . ILE B 2 26 ? 5.028   14.336  -10.145 1.00 30.50  ? 523  ILE C O   1 
ATOM   635  C CB  . ILE B 2 26 ? 2.848   12.249  -8.631  1.00 30.98  ? 523  ILE C CB  1 
ATOM   636  C CG1 . ILE B 2 26 ? 2.521   10.753  -8.610  1.00 36.38  ? 523  ILE C CG1 1 
ATOM   637  C CG2 . ILE B 2 26 ? 2.090   12.952  -9.745  1.00 32.23  ? 523  ILE C CG2 1 
ATOM   638  C CD1 . ILE B 2 26 ? 1.068   10.461  -8.282  1.00 32.87  ? 523  ILE C CD1 1 
ATOM   639  N N   . GLU B 2 27 ? 4.597   14.764  -7.976  1.00 35.48  ? 524  GLU C N   1 
ATOM   640  C CA  . GLU B 2 27 ? 4.873   16.190  -8.120  1.00 36.39  ? 524  GLU C CA  1 
ATOM   641  C C   . GLU B 2 27 ? 6.310   16.437  -8.561  1.00 36.02  ? 524  GLU C C   1 
ATOM   642  O O   . GLU B 2 27 ? 6.579   17.340  -9.362  1.00 34.18  ? 524  GLU C O   1 
ATOM   643  C CB  . GLU B 2 27 ? 4.589   16.913  -6.802  1.00 30.50  ? 524  GLU C CB  1 
ATOM   644  C CG  . GLU B 2 27 ? 4.105   18.339  -6.975  1.00 49.67  ? 524  GLU C CG  1 
ATOM   645  C CD  . GLU B 2 27 ? 2.722   18.418  -7.611  1.00 57.09  ? 524  GLU C CD  1 
ATOM   646  O OE1 . GLU B 2 27 ? 1.922   17.471  -7.440  1.00 54.43  ? 524  GLU C OE1 1 
ATOM   647  O OE2 . GLU B 2 27 ? 2.434   19.432  -8.280  1.00 59.02  ? 524  GLU C OE2 1 
ATOM   648  N N   . GLU B 2 28 ? 7.251   15.643  -8.043  1.00 31.69  ? 525  GLU C N   1 
ATOM   649  C CA  . GLU B 2 28 ? 8.630   15.752  -8.500  1.00 35.83  ? 525  GLU C CA  1 
ATOM   650  C C   . GLU B 2 28 ? 8.738   15.414  -9.981  1.00 41.48  ? 525  GLU C C   1 
ATOM   651  O O   . GLU B 2 28 ? 9.473   16.078  -10.722 1.00 31.35  ? 525  GLU C O   1 
ATOM   652  C CB  . GLU B 2 28 ? 9.535   14.837  -7.679  1.00 36.30  ? 525  GLU C CB  1 
ATOM   653  C CG  . GLU B 2 28 ? 10.998  14.947  -8.054  1.00 45.05  ? 525  GLU C CG  1 
ATOM   654  C CD  . GLU B 2 28 ? 11.853  13.856  -7.436  1.00 53.98  ? 525  GLU C CD  1 
ATOM   655  O OE1 . GLU B 2 28 ? 11.331  12.747  -7.188  1.00 51.54  ? 525  GLU C OE1 1 
ATOM   656  O OE2 . GLU B 2 28 ? 13.054  14.111  -7.201  1.00 56.90  ? 525  GLU C OE2 1 
ATOM   657  N N   . LEU B 2 29 ? 8.010   14.386  -10.424 1.00 27.94  ? 526  LEU C N   1 
ATOM   658  C CA  . LEU B 2 29 ? 8.008   14.050  -11.844 1.00 29.99  ? 526  LEU C CA  1 
ATOM   659  C C   . LEU B 2 29 ? 7.454   15.201  -12.669 1.00 35.78  ? 526  LEU C C   1 
ATOM   660  O O   . LEU B 2 29 ? 7.985   15.520  -13.740 1.00 21.30  ? 526  LEU C O   1 
ATOM   661  C CB  . LEU B 2 29 ? 7.194   12.780  -12.086 1.00 20.86  ? 526  LEU C CB  1 
ATOM   662  C CG  . LEU B 2 29 ? 6.982   12.373  -13.548 1.00 27.00  ? 526  LEU C CG  1 
ATOM   663  C CD1 . LEU B 2 29 ? 8.294   11.922  -14.165 1.00 42.21  ? 526  LEU C CD1 1 
ATOM   664  C CD2 . LEU B 2 29 ? 5.923   11.279  -13.670 1.00 25.94  ? 526  LEU C CD2 1 
ATOM   665  N N   . LYS B 2 30 ? 6.397   15.847  -12.177 1.00 26.04  ? 527  LYS C N   1 
ATOM   666  C CA  . LYS B 2 30 ? 5.806   16.950  -12.919 1.00 28.67  ? 527  LYS C CA  1 
ATOM   667  C C   . LYS B 2 30 ? 6.783   18.110  -13.039 1.00 32.31  ? 527  LYS C C   1 
ATOM   668  O O   . LYS B 2 30 ? 6.865   18.755  -14.089 1.00 30.14  ? 527  LYS C O   1 
ATOM   669  C CB  . LYS B 2 30 ? 4.503   17.392  -12.251 1.00 26.40  ? 527  LYS C CB  1 
ATOM   670  C CG  . LYS B 2 30 ? 3.471   16.278  -12.131 1.00 38.34  ? 527  LYS C CG  1 
ATOM   671  C CD  . LYS B 2 30 ? 2.062   16.777  -12.395 1.00 34.61  ? 527  LYS C CD  1 
ATOM   672  C CE  . LYS B 2 30 ? 1.232   16.838  -11.125 1.00 51.80  ? 527  LYS C CE  1 
ATOM   673  N NZ  . LYS B 2 30 ? 0.916   18.243  -10.745 1.00 62.27  ? 527  LYS C NZ  1 
ATOM   674  N N   . ARG B 2 31 ? 7.560   18.373  -11.986 1.00 28.49  ? 528  ARG C N   1 
ATOM   675  C CA  . ARG B 2 31 ? 8.515   19.474  -12.034 1.00 31.85  ? 528  ARG C CA  1 
ATOM   676  C C   . ARG B 2 31 ? 9.715   19.134  -12.907 1.00 30.81  ? 528  ARG C C   1 
ATOM   677  O O   . ARG B 2 31 ? 10.159  19.962  -13.711 1.00 32.69  ? 528  ARG C O   1 
ATOM   678  C CB  . ARG B 2 31 ? 8.964   19.841  -10.619 1.00 35.99  ? 528  ARG C CB  1 
ATOM   679  C CG  . ARG B 2 31 ? 8.147   20.963  -9.997  1.00 50.38  ? 528  ARG C CG  1 
ATOM   680  C CD  . ARG B 2 31 ? 8.533   21.248  -8.549  1.00 66.04  ? 528  ARG C CD  1 
ATOM   681  N NE  . ARG B 2 31 ? 8.037   20.230  -7.626  1.00 91.26  ? 528  ARG C NE  1 
ATOM   682  C CZ  . ARG B 2 31 ? 8.815   19.351  -7.005  1.00 88.83  ? 528  ARG C CZ  1 
ATOM   683  N NH1 . ARG B 2 31 ? 10.125  19.373  -7.207  1.00 96.05  ? 528  ARG C NH1 1 
ATOM   684  N NH2 . ARG B 2 31 ? 8.288   18.456  -6.180  1.00 76.10  ? 528  ARG C NH2 1 
ATOM   685  N N   . GLU B 2 32 ? 10.257  17.922  -12.760 1.00 29.76  ? 529  GLU C N   1 
ATOM   686  C CA  . GLU B 2 32 ? 11.403  17.525  -13.570 1.00 28.16  ? 529  GLU C CA  1 
ATOM   687  C C   . GLU B 2 32 ? 11.051  17.490  -15.050 1.00 36.70  ? 529  GLU C C   1 
ATOM   688  O O   . GLU B 2 32 ? 11.828  17.958  -15.889 1.00 26.81  ? 529  GLU C O   1 
ATOM   689  C CB  . GLU B 2 32 ? 11.920  16.161  -13.118 1.00 23.72  ? 529  GLU C CB  1 
ATOM   690  C CG  . GLU B 2 32 ? 12.563  16.149  -11.746 1.00 45.68  ? 529  GLU C CG  1 
ATOM   691  C CD  . GLU B 2 32 ? 13.003  14.757  -11.329 1.00 50.11  ? 529  GLU C CD  1 
ATOM   692  O OE1 . GLU B 2 32 ? 12.316  13.779  -11.694 1.00 39.85  ? 529  GLU C OE1 1 
ATOM   693  O OE2 . GLU B 2 32 ? 14.040  14.642  -10.648 1.00 59.44  ? 529  GLU C OE2 1 
ATOM   694  N N   . SER B 2 33 ? 9.884   16.941  -15.389 1.00 34.70  ? 530  SER C N   1 
ATOM   695  C CA  . SER B 2 33 ? 9.509   16.806  -16.791 1.00 28.44  ? 530  SER C CA  1 
ATOM   696  C C   . SER B 2 33 ? 9.162   18.153  -17.412 1.00 36.88  ? 530  SER C C   1 
ATOM   697  O O   . SER B 2 33 ? 9.533   18.420  -18.562 1.00 28.04  ? 530  SER C O   1 
ATOM   698  C CB  . SER B 2 33 ? 8.338   15.834  -16.931 1.00 23.14  ? 530  SER C CB  1 
ATOM   699  O OG  . SER B 2 33 ? 7.176   16.360  -16.320 1.00 28.61  ? 530  SER C OG  1 
ATOM   700  N N   . GLU B 2 34 ? 8.450   19.005  -16.670 1.00 27.16  ? 531  GLU C N   1 
ATOM   701  C CA  . GLU B 2 34 ? 8.147   20.346  -17.160 1.00 27.41  ? 531  GLU C CA  1 
ATOM   702  C C   . GLU B 2 34 ? 9.421   21.099  -17.519 1.00 42.82  ? 531  GLU C C   1 
ATOM   703  O O   . GLU B 2 34 ? 9.467   21.824  -18.521 1.00 32.66  ? 531  GLU C O   1 
ATOM   704  C CB  . GLU B 2 34 ? 7.341   21.111  -16.109 1.00 26.47  ? 531  GLU C CB  1 
ATOM   705  C CG  . GLU B 2 34 ? 7.043   22.563  -16.449 1.00 43.15  ? 531  GLU C CG  1 
ATOM   706  C CD  . GLU B 2 34 ? 6.062   23.205  -15.472 1.00 65.87  ? 531  GLU C CD  1 
ATOM   707  O OE1 . GLU B 2 34 ? 6.500   23.701  -14.410 1.00 69.26  ? 531  GLU C OE1 1 
ATOM   708  O OE2 . GLU B 2 34 ? 4.847   23.201  -15.766 1.00 64.35  ? 531  GLU C OE2 1 
ATOM   709  N N   . LYS B 2 35 ? 10.478  20.923  -16.723 1.00 29.83  ? 532  LYS C N   1 
ATOM   710  C CA  . LYS B 2 35 ? 11.725  21.624  -17.003 1.00 27.81  ? 532  LYS C CA  1 
ATOM   711  C C   . LYS B 2 35 ? 12.408  21.057  -18.238 1.00 33.16  ? 532  LYS C C   1 
ATOM   712  O O   . LYS B 2 35 ? 12.917  21.813  -19.075 1.00 42.41  ? 532  LYS C O   1 
ATOM   713  C CB  . LYS B 2 35 ? 12.661  21.553  -15.799 1.00 34.74  ? 532  LYS C CB  1 
ATOM   714  C CG  . LYS B 2 35 ? 13.924  22.383  -15.980 1.00 37.67  ? 532  LYS C CG  1 
ATOM   715  C CD  . LYS B 2 35 ? 15.128  21.739  -15.318 1.00 39.13  ? 532  LYS C CD  1 
ATOM   716  C CE  . LYS B 2 35 ? 15.302  22.221  -13.890 1.00 42.66  ? 532  LYS C CE  1 
ATOM   717  N NZ  . LYS B 2 35 ? 16.257  21.358  -13.136 1.00 73.99  ? 532  LYS C NZ  1 
ATOM   718  N N   . THR B 2 36 ? 12.432  19.728  -18.365 1.00 24.65  ? 533  THR C N   1 
ATOM   719  C CA  . THR B 2 36 ? 12.991  19.104  -19.561 1.00 35.30  ? 533  THR C CA  1 
ATOM   720  C C   . THR B 2 36 ? 12.290  19.607  -20.816 1.00 34.69  ? 533  THR C C   1 
ATOM   721  O O   . THR B 2 36 ? 12.940  19.964  -21.806 1.00 33.03  ? 533  THR C O   1 
ATOM   722  C CB  . THR B 2 36 ? 12.885  17.582  -19.454 1.00 31.16  ? 533  THR C CB  1 
ATOM   723  O OG1 . THR B 2 36 ? 13.787  17.106  -18.450 1.00 33.21  ? 533  THR C OG1 1 
ATOM   724  C CG2 . THR B 2 36 ? 13.235  16.935  -20.775 1.00 26.59  ? 533  THR C CG2 1 
ATOM   725  N N   . VAL B 2 37 ? 10.958  19.660  -20.786 1.00 24.82  ? 534  VAL C N   1 
ATOM   726  C CA  . VAL B 2 37 ? 10.192  20.122  -21.939 1.00 25.73  ? 534  VAL C CA  1 
ATOM   727  C C   . VAL B 2 37 ? 10.545  21.570  -22.265 1.00 25.31  ? 534  VAL C C   1 
ATOM   728  O O   . VAL B 2 37 ? 10.926  21.895  -23.393 1.00 32.02  ? 534  VAL C O   1 
ATOM   729  C CB  . VAL B 2 37 ? 8.685   19.963  -21.685 1.00 23.72  ? 534  VAL C CB  1 
ATOM   730  C CG1 . VAL B 2 37 ? 7.897   20.609  -22.807 1.00 24.56  ? 534  VAL C CG1 1 
ATOM   731  C CG2 . VAL B 2 37 ? 8.325   18.490  -21.547 1.00 24.12  ? 534  VAL C CG2 1 
ATOM   732  N N   . ARG B 2 38 ? 10.415  22.450  -21.271 1.00 23.96  ? 535  ARG C N   1 
ATOM   733  C CA  . ARG B 2 38 ? 10.659  23.877  -21.468 1.00 23.17  ? 535  ARG C CA  1 
ATOM   734  C C   . ARG B 2 38 ? 12.021  24.131  -22.099 1.00 32.94  ? 535  ARG C C   1 
ATOM   735  O O   . ARG B 2 38 ? 12.143  24.910  -23.053 1.00 28.22  ? 535  ARG C O   1 
ATOM   736  C CB  . ARG B 2 38 ? 10.560  24.599  -20.124 1.00 26.15  ? 535  ARG C CB  1 
ATOM   737  C CG  . ARG B 2 38 ? 10.915  26.073  -20.174 1.00 37.45  ? 535  ARG C CG  1 
ATOM   738  C CD  . ARG B 2 38 ? 11.255  26.624  -18.792 1.00 31.14  ? 535  ARG C CD  1 
ATOM   739  N NE  . ARG B 2 38 ? 10.457  26.015  -17.730 1.00 58.76  ? 535  ARG C NE  1 
ATOM   740  C CZ  . ARG B 2 38 ? 10.959  25.318  -16.713 1.00 45.66  ? 535  ARG C CZ  1 
ATOM   741  N NH1 . ARG B 2 38 ? 12.269  25.144  -16.596 1.00 42.80  ? 535  ARG C NH1 1 
ATOM   742  N NH2 . ARG B 2 38 ? 10.148  24.807  -15.800 1.00 58.43  ? 535  ARG C NH2 1 
ATOM   743  N N   . GLN B 2 39 ? 13.056  23.462  -21.589 1.00 25.57  ? 536  GLN C N   1 
ATOM   744  C CA  . GLN B 2 39 ? 14.421  23.780  -21.991 1.00 31.33  ? 536  GLN C CA  1 
ATOM   745  C C   . GLN B 2 39 ? 14.761  23.177  -23.351 1.00 36.54  ? 536  GLN C C   1 
ATOM   746  O O   . GLN B 2 39 ? 15.383  23.835  -24.192 1.00 31.01  ? 536  GLN C O   1 
ATOM   747  C CB  . GLN B 2 39 ? 15.396  23.311  -20.908 1.00 17.85  ? 536  GLN C CB  1 
ATOM   748  C CG  . GLN B 2 39 ? 15.234  24.070  -19.597 1.00 20.87  ? 536  GLN C CG  1 
ATOM   749  C CD  . GLN B 2 39 ? 16.353  23.808  -18.610 1.00 28.80  ? 536  GLN C CD  1 
ATOM   750  O OE1 . GLN B 2 39 ? 17.024  22.775  -18.666 1.00 28.77  ? 536  GLN C OE1 1 
ATOM   751  N NE2 . GLN B 2 39 ? 16.556  24.746  -17.688 1.00 34.86  ? 536  GLN C NE2 1 
ATOM   752  N N   . PHE B 2 40 ? 14.354  21.927  -23.592 1.00 31.29  ? 537  PHE C N   1 
ATOM   753  C CA  . PHE B 2 40 ? 14.549  21.332  -24.911 1.00 34.86  ? 537  PHE C CA  1 
ATOM   754  C C   . PHE B 2 40 ? 13.678  21.997  -25.973 1.00 36.44  ? 537  PHE C C   1 
ATOM   755  O O   . PHE B 2 40 ? 14.072  22.044  -27.142 1.00 33.26  ? 537  PHE C O   1 
ATOM   756  C CB  . PHE B 2 40 ? 14.272  19.826  -24.863 1.00 36.31  ? 537  PHE C CB  1 
ATOM   757  C CG  . PHE B 2 40 ? 15.431  19.005  -24.343 1.00 34.86  ? 537  PHE C CG  1 
ATOM   758  C CD1 . PHE B 2 40 ? 16.490  18.684  -25.176 1.00 29.46  ? 537  PHE C CD1 1 
ATOM   759  C CD2 . PHE B 2 40 ? 15.454  18.550  -23.028 1.00 20.04  ? 537  PHE C CD2 1 
ATOM   760  C CE1 . PHE B 2 40 ? 17.556  17.932  -24.714 1.00 32.13  ? 537  PHE C CE1 1 
ATOM   761  C CE2 . PHE B 2 40 ? 16.520  17.794  -22.558 1.00 25.41  ? 537  PHE C CE2 1 
ATOM   762  C CZ  . PHE B 2 40 ? 17.573  17.488  -23.406 1.00 31.45  ? 537  PHE C CZ  1 
ATOM   763  N N   . THR B 2 41 ? 12.510  22.517  -25.590 1.00 36.71  ? 538  THR C N   1 
ATOM   764  C CA  . THR B 2 41 ? 11.667  23.274  -26.507 1.00 24.38  ? 538  THR C CA  1 
ATOM   765  C C   . THR B 2 41 ? 12.313  24.589  -26.921 1.00 37.31  ? 538  THR C C   1 
ATOM   766  O O   . THR B 2 41 ? 12.054  25.075  -28.027 1.00 43.34  ? 538  THR C O   1 
ATOM   767  C CB  . THR B 2 41 ? 10.291  23.504  -25.859 1.00 26.42  ? 538  THR C CB  1 
ATOM   768  O OG1 . THR B 2 41 ? 9.465   22.357  -26.089 1.00 45.26  ? 538  THR C OG1 1 
ATOM   769  C CG2 . THR B 2 41 ? 9.593   24.745  -26.390 1.00 49.99  ? 538  THR C CG2 1 
ATOM   770  N N   . ALA B 2 42 ? 13.173  25.157  -26.074 1.00 40.75  ? 539  ALA C N   1 
ATOM   771  C CA  . ALA B 2 42 ? 13.930  26.337  -26.475 1.00 40.31  ? 539  ALA C CA  1 
ATOM   772  C C   . ALA B 2 42 ? 14.830  26.039  -27.666 1.00 49.47  ? 539  ALA C C   1 
ATOM   773  O O   . ALA B 2 42 ? 15.061  26.921  -28.501 1.00 43.47  ? 539  ALA C O   1 
ATOM   774  C CB  . ALA B 2 42 ? 14.754  26.861  -25.298 1.00 29.04  ? 539  ALA C CB  1 
ATOM   775  N N   . LEU B 2 43 ? 15.337  24.812  -27.770 1.00 45.35  ? 540  LEU C N   1 
ATOM   776  C CA  . LEU B 2 43 ? 16.147  24.408  -28.919 1.00 39.99  ? 540  LEU C CA  1 
ATOM   777  C C   . LEU B 2 43 ? 15.361  24.563  -30.217 1.00 46.14  ? 540  LEU C C   1 
ATOM   778  O O   . LEU B 2 43 ? 15.870  25.102  -31.196 1.00 49.07  ? 540  LEU C O   1 
ATOM   779  C CB  . LEU B 2 43 ? 16.629  22.963  -28.768 1.00 33.72  ? 540  LEU C CB  1 
ATOM   780  C CG  . LEU B 2 43 ? 17.627  22.660  -27.653 1.00 41.63  ? 540  LEU C CG  1 
ATOM   781  C CD1 . LEU B 2 43 ? 17.967  21.179  -27.620 1.00 41.78  ? 540  LEU C CD1 1 
ATOM   782  C CD2 . LEU B 2 43 ? 18.880  23.473  -27.855 1.00 39.68  ? 540  LEU C CD2 1 
ATOM   783  N N   . MET C 1 1  ? 16.024  13.701  -28.758 1.00 19.25  ? 1204 MET D N   1 
ATOM   784  C CA  . MET C 1 1  ? 16.656  12.428  -28.438 1.00 46.50  ? 1204 MET D CA  1 
ATOM   785  C C   . MET C 1 1  ? 17.012  12.387  -26.956 1.00 58.25  ? 1204 MET D C   1 
ATOM   786  O O   . MET C 1 1  ? 16.589  11.489  -26.230 1.00 41.17  ? 1204 MET D O   1 
ATOM   787  C CB  . MET C 1 1  ? 17.915  12.204  -29.286 1.00 53.76  ? 1204 MET D CB  1 
ATOM   788  C CG  . MET C 1 1  ? 18.046  13.129  -30.489 1.00 78.97  ? 1204 MET D CG  1 
ATOM   789  S SD  . MET C 1 1  ? 19.529  12.859  -31.483 1.00 138.82 ? 1204 MET D SD  1 
ATOM   790  C CE  . MET C 1 1  ? 19.209  11.215  -32.105 1.00 68.66  ? 1204 MET D CE  1 
ATOM   791  N N   . GLY C 1 2  ? 17.805  13.367  -26.517 1.00 75.32  ? 1205 GLY D N   1 
ATOM   792  C CA  . GLY C 1 2  ? 18.150  13.457  -25.108 1.00 34.23  ? 1205 GLY D CA  1 
ATOM   793  C C   . GLY C 1 2  ? 16.961  13.778  -24.224 1.00 42.44  ? 1205 GLY D C   1 
ATOM   794  O O   . GLY C 1 2  ? 16.882  13.303  -23.087 1.00 41.96  ? 1205 GLY D O   1 
ATOM   795  N N   . ALA C 1 3  ? 16.026  14.590  -24.725 1.00 27.32  ? 1206 ALA D N   1 
ATOM   796  C CA  . ALA C 1 3  ? 14.793  14.839  -23.987 1.00 29.78  ? 1206 ALA D CA  1 
ATOM   797  C C   . ALA C 1 3  ? 14.014  13.548  -23.783 1.00 32.89  ? 1206 ALA D C   1 
ATOM   798  O O   . ALA C 1 3  ? 13.440  13.324  -22.712 1.00 29.70  ? 1206 ALA D O   1 
ATOM   799  C CB  . ALA C 1 3  ? 13.935  15.871  -24.719 1.00 26.68  ? 1206 ALA D CB  1 
ATOM   800  N N   . LEU C 1 4  ? 13.989  12.685  -24.800 1.00 31.89  ? 1207 LEU D N   1 
ATOM   801  C CA  . LEU C 1 4  ? 13.283  11.410  -24.690 1.00 27.62  ? 1207 LEU D CA  1 
ATOM   802  C C   . LEU C 1 4  ? 13.900  10.533  -23.607 1.00 33.20  ? 1207 LEU D C   1 
ATOM   803  O O   . LEU C 1 4  ? 13.186  9.907   -22.815 1.00 28.08  ? 1207 LEU D O   1 
ATOM   804  C CB  . LEU C 1 4  ? 13.296  10.691  -26.043 1.00 30.29  ? 1207 LEU D CB  1 
ATOM   805  C CG  . LEU C 1 4  ? 12.191  10.944  -27.080 1.00 26.52  ? 1207 LEU D CG  1 
ATOM   806  C CD1 . LEU C 1 4  ? 11.764  12.398  -27.134 1.00 30.64  ? 1207 LEU D CD1 1 
ATOM   807  C CD2 . LEU C 1 4  ? 12.656  10.488  -28.450 1.00 23.85  ? 1207 LEU D CD2 1 
ATOM   808  N N   . GLU C 1 5  ? 15.233  10.480  -23.555 1.00 28.78  ? 1208 GLU D N   1 
ATOM   809  C CA  . GLU C 1 5  ? 15.910  9.694   -22.527 1.00 29.64  ? 1208 GLU D CA  1 
ATOM   810  C C   . GLU C 1 5  ? 15.665  10.283  -21.144 1.00 30.17  ? 1208 GLU D C   1 
ATOM   811  O O   . GLU C 1 5  ? 15.425  9.550   -20.177 1.00 32.03  ? 1208 GLU D O   1 
ATOM   812  C CB  . GLU C 1 5  ? 17.409  9.620   -22.834 1.00 24.22  ? 1208 GLU D CB  1 
ATOM   813  C CG  . GLU C 1 5  ? 18.224  8.684   -21.951 1.00 61.76  ? 1208 GLU D CG  1 
ATOM   814  C CD  . GLU C 1 5  ? 18.554  9.279   -20.594 1.00 93.54  ? 1208 GLU D CD  1 
ATOM   815  O OE1 . GLU C 1 5  ? 18.590  8.511   -19.609 1.00 98.87  ? 1208 GLU D OE1 1 
ATOM   816  O OE2 . GLU C 1 5  ? 18.766  10.508  -20.513 1.00 92.66  ? 1208 GLU D OE2 1 
ATOM   817  N N   . GLU C 1 6  ? 15.731  11.612  -21.029 1.00 32.91  ? 1209 GLU D N   1 
ATOM   818  C CA  . GLU C 1 6  ? 15.464  12.267  -19.753 1.00 29.73  ? 1209 GLU D CA  1 
ATOM   819  C C   . GLU C 1 6  ? 14.061  11.947  -19.259 1.00 33.03  ? 1209 GLU D C   1 
ATOM   820  O O   . GLU C 1 6  ? 13.874  11.497  -18.124 1.00 30.26  ? 1209 GLU D O   1 
ATOM   821  C CB  . GLU C 1 6  ? 15.640  13.781  -19.887 1.00 26.19  ? 1209 GLU D CB  1 
ATOM   822  C CG  . GLU C 1 6  ? 17.047  14.286  -19.645 1.00 29.19  ? 1209 GLU D CG  1 
ATOM   823  C CD  . GLU C 1 6  ? 17.115  15.805  -19.629 1.00 35.22  ? 1209 GLU D CD  1 
ATOM   824  O OE1 . GLU C 1 6  ? 18.149  16.363  -20.055 1.00 46.34  ? 1209 GLU D OE1 1 
ATOM   825  O OE2 . GLU C 1 6  ? 16.128  16.441  -19.197 1.00 25.70  ? 1209 GLU D OE2 1 
ATOM   826  N N   . LEU C 1 7  ? 13.057  12.193  -20.107 1.00 25.14  ? 1210 LEU D N   1 
ATOM   827  C CA  . LEU C 1 7  ? 11.678  11.945  -19.707 1.00 32.92  ? 1210 LEU D CA  1 
ATOM   828  C C   . LEU C 1 7  ? 11.472  10.484  -19.341 1.00 32.93  ? 1210 LEU D C   1 
ATOM   829  O O   . LEU C 1 7  ? 10.792  10.173  -18.356 1.00 29.15  ? 1210 LEU D O   1 
ATOM   830  C CB  . LEU C 1 7  ? 10.723  12.354  -20.827 1.00 24.21  ? 1210 LEU D CB  1 
ATOM   831  C CG  . LEU C 1 7  ? 10.581  13.850  -21.115 1.00 31.01  ? 1210 LEU D CG  1 
ATOM   832  C CD1 . LEU C 1 7  ? 9.548   14.090  -22.214 1.00 22.06  ? 1210 LEU D CD1 1 
ATOM   833  C CD2 . LEU C 1 7  ? 10.215  14.605  -19.850 1.00 15.75  ? 1210 LEU D CD2 1 
ATOM   834  N N   . ARG C 1 8  ? 12.055  9.576   -20.124 1.00 31.29  ? 1211 ARG D N   1 
ATOM   835  C CA  . ARG C 1 8  ? 12.004  8.160   -19.790 1.00 28.15  ? 1211 ARG D CA  1 
ATOM   836  C C   . ARG C 1 8  ? 12.676  7.895   -18.453 1.00 30.44  ? 1211 ARG D C   1 
ATOM   837  O O   . ARG C 1 8  ? 12.185  7.096   -17.650 1.00 29.37  ? 1211 ARG D O   1 
ATOM   838  C CB  . ARG C 1 8  ? 12.674  7.347   -20.895 1.00 38.02  ? 1211 ARG D CB  1 
ATOM   839  C CG  . ARG C 1 8  ? 12.479  5.851   -20.811 1.00 41.09  ? 1211 ARG D CG  1 
ATOM   840  C CD  . ARG C 1 8  ? 13.434  5.150   -21.763 1.00 56.57  ? 1211 ARG D CD  1 
ATOM   841  N NE  . ARG C 1 8  ? 14.548  4.534   -21.050 1.00 74.51  ? 1211 ARG D NE  1 
ATOM   842  C CZ  . ARG C 1 8  ? 14.564  3.266   -20.651 1.00 73.24  ? 1211 ARG D CZ  1 
ATOM   843  N NH1 . ARG C 1 8  ? 13.525  2.479   -20.905 1.00 68.56  ? 1211 ARG D NH1 1 
ATOM   844  N NH2 . ARG C 1 8  ? 15.616  2.785   -20.005 1.00 74.19  ? 1211 ARG D NH2 1 
ATOM   845  N N   . GLY C 1 9  ? 13.799  8.565   -18.196 1.00 28.74  ? 1212 GLY D N   1 
ATOM   846  C CA  . GLY C 1 9  ? 14.492  8.363   -16.939 1.00 17.28  ? 1212 GLY D CA  1 
ATOM   847  C C   . GLY C 1 9  ? 13.688  8.862   -15.752 1.00 31.77  ? 1212 GLY D C   1 
ATOM   848  O O   . GLY C 1 9  ? 13.703  8.255   -14.680 1.00 41.89  ? 1212 GLY D O   1 
ATOM   849  N N   . GLN C 1 10 ? 12.965  9.966   -15.942 1.00 20.70  ? 1213 GLN D N   1 
ATOM   850  C CA  . GLN C 1 10 ? 12.173  10.529  -14.855 1.00 22.41  ? 1213 GLN D CA  1 
ATOM   851  C C   . GLN C 1 10 ? 10.969  9.655   -14.542 1.00 31.73  ? 1213 GLN D C   1 
ATOM   852  O O   . GLN C 1 10 ? 10.605  9.488   -13.372 1.00 38.47  ? 1213 GLN D O   1 
ATOM   853  C CB  . GLN C 1 10 ? 11.726  11.944  -15.214 1.00 25.43  ? 1213 GLN D CB  1 
ATOM   854  C CG  . GLN C 1 10 ? 12.858  12.940  -15.378 1.00 28.21  ? 1213 GLN D CG  1 
ATOM   855  C CD  . GLN C 1 10 ? 12.445  14.152  -16.185 1.00 26.16  ? 1213 GLN D CD  1 
ATOM   856  O OE1 . GLN C 1 10 ? 11.344  14.196  -16.736 1.00 27.04  ? 1213 GLN D OE1 1 
ATOM   857  N NE2 . GLN C 1 10 ? 13.327  15.144  -16.263 1.00 31.46  ? 1213 GLN D NE2 1 
ATOM   858  N N   . TYR C 1 11 ? 10.328  9.099   -15.571 1.00 25.93  ? 1214 TYR D N   1 
ATOM   859  C CA  . TYR C 1 11 ? 9.230   8.171   -15.328 1.00 31.12  ? 1214 TYR D CA  1 
ATOM   860  C C   . TYR C 1 11 ? 9.710   6.965   -14.532 1.00 40.18  ? 1214 TYR D C   1 
ATOM   861  O O   . TYR C 1 11 ? 9.104   6.589   -13.522 1.00 30.43  ? 1214 TYR D O   1 
ATOM   862  C CB  . TYR C 1 11 ? 8.609   7.720   -16.649 1.00 28.77  ? 1214 TYR D CB  1 
ATOM   863  C CG  . TYR C 1 11 ? 7.628   6.579   -16.473 1.00 50.58  ? 1214 TYR D CG  1 
ATOM   864  C CD1 . TYR C 1 11 ? 8.043   5.253   -16.552 1.00 47.46  ? 1214 TYR D CD1 1 
ATOM   865  C CD2 . TYR C 1 11 ? 6.288   6.827   -16.215 1.00 46.80  ? 1214 TYR D CD2 1 
ATOM   866  C CE1 . TYR C 1 11 ? 7.152   4.212   -16.382 1.00 54.20  ? 1214 TYR D CE1 1 
ATOM   867  C CE2 . TYR C 1 11 ? 5.388   5.790   -16.050 1.00 54.76  ? 1214 TYR D CE2 1 
ATOM   868  C CZ  . TYR C 1 11 ? 5.828   4.485   -16.131 1.00 52.06  ? 1214 TYR D CZ  1 
ATOM   869  O OH  . TYR C 1 11 ? 4.938   3.448   -15.966 1.00 67.00  ? 1214 TYR D OH  1 
ATOM   870  N N   . ILE C 1 12 ? 10.804  6.346   -14.985 1.00 36.42  ? 1215 ILE D N   1 
ATOM   871  C CA  . ILE C 1 12 ? 11.328  5.148   -14.332 1.00 33.81  ? 1215 ILE D CA  1 
ATOM   872  C C   . ILE C 1 12 ? 11.654  5.437   -12.876 1.00 40.17  ? 1215 ILE D C   1 
ATOM   873  O O   . ILE C 1 12 ? 11.356  4.634   -11.982 1.00 38.27  ? 1215 ILE D O   1 
ATOM   874  C CB  . ILE C 1 12 ? 12.561  4.625   -15.093 1.00 34.97  ? 1215 ILE D CB  1 
ATOM   875  C CG1 . ILE C 1 12 ? 12.170  4.134   -16.489 1.00 38.72  ? 1215 ILE D CG1 1 
ATOM   876  C CG2 . ILE C 1 12 ? 13.265  3.529   -14.303 1.00 31.60  ? 1215 ILE D CG2 1 
ATOM   877  C CD1 . ILE C 1 12 ? 11.209  2.968   -16.485 1.00 55.57  ? 1215 ILE D CD1 1 
ATOM   878  N N   . LYS C 1 13 ? 12.265  6.593   -12.612 1.00 31.11  ? 1216 LYS D N   1 
ATOM   879  C CA  . LYS C 1 13 ? 12.606  6.949   -11.239 1.00 37.62  ? 1216 LYS D CA  1 
ATOM   880  C C   . LYS C 1 13 ? 11.355  7.119   -10.388 1.00 43.80  ? 1216 LYS D C   1 
ATOM   881  O O   . LYS C 1 13 ? 11.319  6.676   -9.233  1.00 36.38  ? 1216 LYS D O   1 
ATOM   882  C CB  . LYS C 1 13 ? 13.446  8.227   -11.216 1.00 24.90  ? 1216 LYS D CB  1 
ATOM   883  C CG  . LYS C 1 13 ? 13.667  8.776   -9.815  1.00 44.02  ? 1216 LYS D CG  1 
ATOM   884  C CD  . LYS C 1 13 ? 13.916  10.270  -9.807  1.00 45.80  ? 1216 LYS D CD  1 
ATOM   885  C CE  . LYS C 1 13 ? 15.301  10.601  -10.307 1.00 58.04  ? 1216 LYS D CE  1 
ATOM   886  N NZ  . LYS C 1 13 ? 15.651  12.019  -10.017 1.00 80.30  ? 1216 LYS D NZ  1 
ATOM   887  N N   . ALA C 1 14 ? 10.320  7.753   -10.944 1.00 27.41  ? 1217 ALA D N   1 
ATOM   888  C CA  . ALA C 1 14 ? 9.081   7.947   -10.197 1.00 33.97  ? 1217 ALA D CA  1 
ATOM   889  C C   . ALA C 1 14 ? 8.485   6.613   -9.774  1.00 43.78  ? 1217 ALA D C   1 
ATOM   890  O O   . ALA C 1 14 ? 8.151   6.416   -8.604  1.00 28.73  ? 1217 ALA D O   1 
ATOM   891  C CB  . ALA C 1 14 ? 8.076   8.742   -11.032 1.00 24.78  ? 1217 ALA D CB  1 
ATOM   892  N N   . VAL C 1 15 ? 8.365   5.673   -10.717 1.00 37.68  ? 1218 VAL D N   1 
ATOM   893  C CA  . VAL C 1 15 ? 7.713   4.403   -10.413 1.00 34.89  ? 1218 VAL D CA  1 
ATOM   894  C C   . VAL C 1 15 ? 8.591   3.538   -9.516  1.00 44.77  ? 1218 VAL D C   1 
ATOM   895  O O   . VAL C 1 15 ? 8.078   2.786   -8.678  1.00 32.03  ? 1218 VAL D O   1 
ATOM   896  C CB  . VAL C 1 15 ? 7.325   3.667   -11.712 1.00 35.88  ? 1218 VAL D CB  1 
ATOM   897  C CG1 . VAL C 1 15 ? 6.552   4.590   -12.644 1.00 42.62  ? 1218 VAL D CG1 1 
ATOM   898  C CG2 . VAL C 1 15 ? 8.552   3.112   -12.412 1.00 59.99  ? 1218 VAL D CG2 1 
ATOM   899  N N   . LYS C 1 16 ? 9.918   3.629   -9.659  1.00 38.74  ? 1219 LYS D N   1 
ATOM   900  C CA  . LYS C 1 16 ? 10.795  2.842   -8.801  1.00 40.01  ? 1219 LYS D CA  1 
ATOM   901  C C   . LYS C 1 16 ? 10.762  3.343   -7.365  1.00 42.40  ? 1219 LYS D C   1 
ATOM   902  O O   . LYS C 1 16 ? 11.036  2.578   -6.438  1.00 41.63  ? 1219 LYS D O   1 
ATOM   903  C CB  . LYS C 1 16 ? 12.226  2.854   -9.345  1.00 36.23  ? 1219 LYS D CB  1 
ATOM   904  C CG  . LYS C 1 16 ? 12.532  1.710   -10.303 1.00 47.27  ? 1219 LYS D CG  1 
ATOM   905  C CD  . LYS C 1 16 ? 13.827  1.942   -11.073 1.00 52.63  ? 1219 LYS D CD  1 
ATOM   906  C CE  . LYS C 1 16 ? 15.045  1.966   -10.162 1.00 63.05  ? 1219 LYS D CE  1 
ATOM   907  N NZ  . LYS C 1 16 ? 16.277  2.368   -10.903 1.00 79.84  ? 1219 LYS D NZ  1 
ATOM   908  N N   . LYS C 1 17 ? 10.429  4.620   -7.165  1.00 31.20  ? 1220 LYS D N   1 
ATOM   909  C CA  . LYS C 1 17 ? 10.225  5.128   -5.814  1.00 32.86  ? 1220 LYS D CA  1 
ATOM   910  C C   . LYS C 1 17 ? 8.883   4.682   -5.255  1.00 38.60  ? 1220 LYS D C   1 
ATOM   911  O O   . LYS C 1 17 ? 8.766   4.408   -4.057  1.00 41.23  ? 1220 LYS D O   1 
ATOM   912  C CB  . LYS C 1 17 ? 10.314  6.652   -5.797  1.00 27.18  ? 1220 LYS D CB  1 
ATOM   913  C CG  . LYS C 1 17 ? 11.728  7.185   -5.837  1.00 35.64  ? 1220 LYS D CG  1 
ATOM   914  C CD  . LYS C 1 17 ? 11.747  8.701   -5.772  1.00 41.72  ? 1220 LYS D CD  1 
ATOM   915  C CE  . LYS C 1 17 ? 13.171  9.221   -5.846  1.00 42.06  ? 1220 LYS D CE  1 
ATOM   916  N NZ  . LYS C 1 17 ? 13.233  10.707  -5.838  1.00 57.34  ? 1220 LYS D NZ  1 
ATOM   917  N N   . ILE C 1 18 ? 7.859   4.620   -6.108  1.00 33.87  ? 1221 ILE D N   1 
ATOM   918  C CA  . ILE C 1 18 ? 6.552   4.142   -5.670  1.00 33.24  ? 1221 ILE D CA  1 
ATOM   919  C C   . ILE C 1 18 ? 6.644   2.686   -5.239  1.00 34.74  ? 1221 ILE D C   1 
ATOM   920  O O   . ILE C 1 18 ? 6.050   2.279   -4.234  1.00 40.32  ? 1221 ILE D O   1 
ATOM   921  C CB  . ILE C 1 18 ? 5.515   4.347   -6.791  1.00 28.39  ? 1221 ILE D CB  1 
ATOM   922  C CG1 . ILE C 1 18 ? 5.224   5.839   -6.981  1.00 37.39  ? 1221 ILE D CG1 1 
ATOM   923  C CG2 . ILE C 1 18 ? 4.233   3.579   -6.508  1.00 24.02  ? 1221 ILE D CG2 1 
ATOM   924  C CD1 . ILE C 1 18 ? 4.203   6.112   -8.053  1.00 26.24  ? 1221 ILE D CD1 1 
ATOM   925  N N   . LYS C 1 19 ? 7.413   1.886   -5.977  1.00 35.13  ? 1222 LYS D N   1 
ATOM   926  C CA  . LYS C 1 19 ? 7.601   0.488   -5.613  1.00 33.27  ? 1222 LYS D CA  1 
ATOM   927  C C   . LYS C 1 19 ? 8.366   0.359   -4.302  1.00 44.21  ? 1222 LYS D C   1 
ATOM   928  O O   . LYS C 1 19 ? 8.019   -0.471  -3.454  1.00 41.48  ? 1222 LYS D O   1 
ATOM   929  C CB  . LYS C 1 19 ? 8.328   -0.242  -6.740  1.00 34.87  ? 1222 LYS D CB  1 
ATOM   930  C CG  . LYS C 1 19 ? 8.754   -1.657  -6.417  1.00 38.08  ? 1222 LYS D CG  1 
ATOM   931  C CD  . LYS C 1 19 ? 9.564   -2.238  -7.569  1.00 41.11  ? 1222 LYS D CD  1 
ATOM   932  C CE  . LYS C 1 19 ? 10.038  -3.648  -7.270  1.00 64.89  ? 1222 LYS D CE  1 
ATOM   933  N NZ  . LYS C 1 19 ? 10.819  -4.214  -8.404  1.00 57.23  ? 1222 LYS D NZ  1 
ATOM   934  N N   . CYS C 1 20 ? 9.408   1.173   -4.116  1.00 39.25  ? 1223 CYS D N   1 
ATOM   935  C CA  . CYS C 1 20 ? 10.145  1.141   -2.856  1.00 39.15  ? 1223 CYS D CA  1 
ATOM   936  C C   . CYS C 1 20 ? 9.245   1.509   -1.686  1.00 35.22  ? 1223 CYS D C   1 
ATOM   937  O O   . CYS C 1 20 ? 9.348   0.917   -0.605  1.00 44.93  ? 1223 CYS D O   1 
ATOM   938  C CB  . CYS C 1 20 ? 11.347  2.082   -2.919  1.00 23.66  ? 1223 CYS D CB  1 
ATOM   939  S SG  . CYS C 1 20 ? 12.717  1.464   -3.920  1.00 54.28  ? 1223 CYS D SG  1 
ATOM   940  N N   . ASP C 1 21 ? 8.356   2.485   -1.882  1.00 39.69  ? 1224 ASP D N   1 
ATOM   941  C CA  . ASP C 1 21 ? 7.443   2.875   -0.816  1.00 36.49  ? 1224 ASP D CA  1 
ATOM   942  C C   . ASP C 1 21 ? 6.448   1.762   -0.508  1.00 42.44  ? 1224 ASP D C   1 
ATOM   943  O O   . ASP C 1 21 ? 6.182   1.471   0.663   1.00 43.48  ? 1224 ASP D O   1 
ATOM   944  C CB  . ASP C 1 21 ? 6.714   4.167   -1.191  1.00 35.78  ? 1224 ASP D CB  1 
ATOM   945  C CG  . ASP C 1 21 ? 7.573   5.404   -0.992  1.00 50.92  ? 1224 ASP D CG  1 
ATOM   946  O OD1 . ASP C 1 21 ? 8.667   5.282   -0.399  1.00 42.88  ? 1224 ASP D OD1 1 
ATOM   947  O OD2 . ASP C 1 21 ? 7.148   6.499   -1.413  1.00 58.89  ? 1224 ASP D OD2 1 
ATOM   948  N N   . MET C 1 22 ? 5.901   1.121   -1.544  1.00 33.47  ? 1225 MET D N   1 
ATOM   949  C CA  . MET C 1 22 ? 4.940   0.044   -1.322  1.00 34.48  ? 1225 MET D CA  1 
ATOM   950  C C   . MET C 1 22 ? 5.605   -1.179  -0.705  1.00 51.23  ? 1225 MET D C   1 
ATOM   951  O O   . MET C 1 22 ? 5.008   -1.855  0.141   1.00 45.27  ? 1225 MET D O   1 
ATOM   952  C CB  . MET C 1 22 ? 4.259   -0.331  -2.634  1.00 32.08  ? 1225 MET D CB  1 
ATOM   953  C CG  . MET C 1 22 ? 3.385   0.763   -3.195  1.00 49.05  ? 1225 MET D CG  1 
ATOM   954  S SD  . MET C 1 22 ? 2.106   1.307   -2.042  1.00 51.34  ? 1225 MET D SD  1 
ATOM   955  C CE  . MET C 1 22 ? 1.173   -0.206  -1.804  1.00 46.70  ? 1225 MET D CE  1 
ATOM   956  N N   . LEU C 1 23 ? 6.834   -1.485  -1.130  1.00 39.14  ? 1226 LEU D N   1 
ATOM   957  C CA  . LEU C 1 23 ? 7.576   -2.597  -0.545  1.00 46.57  ? 1226 LEU D CA  1 
ATOM   958  C C   . LEU C 1 23 ? 7.733   -2.425  0.960   1.00 49.40  ? 1226 LEU D C   1 
ATOM   959  O O   . LEU C 1 23 ? 7.552   -3.374  1.731   1.00 48.70  ? 1226 LEU D O   1 
ATOM   960  C CB  . LEU C 1 23 ? 8.948   -2.715  -1.211  1.00 36.20  ? 1226 LEU D CB  1 
ATOM   961  C CG  . LEU C 1 23 ? 8.993   -3.389  -2.581  1.00 44.21  ? 1226 LEU D CG  1 
ATOM   962  C CD1 . LEU C 1 23 ? 10.396  -3.349  -3.179  1.00 49.76  ? 1226 LEU D CD1 1 
ATOM   963  C CD2 . LEU C 1 23 ? 8.513   -4.811  -2.440  1.00 43.18  ? 1226 LEU D CD2 1 
ATOM   964  N N   . ARG C 1 24 ? 8.079   -1.211  1.396   1.00 36.73  ? 1227 ARG D N   1 
ATOM   965  C CA  . ARG C 1 24 ? 8.255   -0.961  2.822   1.00 43.66  ? 1227 ARG D CA  1 
ATOM   966  C C   . ARG C 1 24 ? 6.915   -0.898  3.543   1.00 52.55  ? 1227 ARG D C   1 
ATOM   967  O O   . ARG C 1 24 ? 6.789   -1.382  4.673   1.00 33.08  ? 1227 ARG D O   1 
ATOM   968  C CB  . ARG C 1 24 ? 9.038   0.334   3.034   1.00 32.44  ? 1227 ARG D CB  1 
ATOM   969  C CG  . ARG C 1 24 ? 10.534  0.142   3.231   1.00 60.71  ? 1227 ARG D CG  1 
ATOM   970  C CD  . ARG C 1 24 ? 10.853  -0.583  4.538   1.00 89.50  ? 1227 ARG D CD  1 
ATOM   971  N NE  . ARG C 1 24 ? 11.292  -1.962  4.325   1.00 92.18  ? 1227 ARG D NE  1 
ATOM   972  C CZ  . ARG C 1 24 ? 11.786  -2.744  5.280   1.00 80.80  ? 1227 ARG D CZ  1 
ATOM   973  N NH1 . ARG C 1 24 ? 11.912  -2.283  6.517   1.00 73.90  ? 1227 ARG D NH1 1 
ATOM   974  N NH2 . ARG C 1 24 ? 12.156  -3.986  4.998   1.00 74.62  ? 1227 ARG D NH2 1 
ATOM   975  N N   . TYR C 1 25 ? 5.907   -0.294  2.910   1.00 46.24  ? 1228 TYR D N   1 
ATOM   976  C CA  . TYR C 1 25 ? 4.572   -0.256  3.500   1.00 44.04  ? 1228 TYR D CA  1 
ATOM   977  C C   . TYR C 1 25 ? 4.032   -1.663  3.722   1.00 46.53  ? 1228 TYR D C   1 
ATOM   978  O O   . TYR C 1 25 ? 3.420   -1.947  4.757   1.00 45.42  ? 1228 TYR D O   1 
ATOM   979  C CB  . TYR C 1 25 ? 3.636   0.553   2.601   1.00 39.50  ? 1228 TYR D CB  1 
ATOM   980  C CG  . TYR C 1 25 ? 2.152   0.400   2.882   1.00 43.77  ? 1228 TYR D CG  1 
ATOM   981  C CD1 . TYR C 1 25 ? 1.523   1.165   3.858   1.00 48.38  ? 1228 TYR D CD1 1 
ATOM   982  C CD2 . TYR C 1 25 ? 1.372   -0.488  2.144   1.00 51.83  ? 1228 TYR D CD2 1 
ATOM   983  C CE1 . TYR C 1 25 ? 0.161   1.035   4.105   1.00 46.19  ? 1228 TYR D CE1 1 
ATOM   984  C CE2 . TYR C 1 25 ? 0.009   -0.625  2.387   1.00 42.59  ? 1228 TYR D CE2 1 
ATOM   985  C CZ  . TYR C 1 25 ? -0.592  0.139   3.367   1.00 43.76  ? 1228 TYR D CZ  1 
ATOM   986  O OH  . TYR C 1 25 ? -1.945  0.007   3.611   1.00 46.71  ? 1228 TYR D OH  1 
ATOM   987  N N   . ILE C 1 26 ? 4.268   -2.560  2.764   1.00 43.12  ? 1229 ILE D N   1 
ATOM   988  C CA  . ILE C 1 26 ? 3.754   -3.922  2.859   1.00 46.44  ? 1229 ILE D CA  1 
ATOM   989  C C   . ILE C 1 26 ? 4.488   -4.700  3.946   1.00 46.48  ? 1229 ILE D C   1 
ATOM   990  O O   . ILE C 1 26 ? 3.864   -5.341  4.802   1.00 39.43  ? 1229 ILE D O   1 
ATOM   991  C CB  . ILE C 1 26 ? 3.861   -4.623  1.493   1.00 42.91  ? 1229 ILE D CB  1 
ATOM   992  C CG1 . ILE C 1 26 ? 2.752   -4.136  0.557   1.00 37.77  ? 1229 ILE D CG1 1 
ATOM   993  C CG2 . ILE C 1 26 ? 3.826   -6.135  1.659   1.00 52.23  ? 1229 ILE D CG2 1 
ATOM   994  C CD1 . ILE C 1 26 ? 2.889   -4.642  -0.857  1.00 46.06  ? 1229 ILE D CD1 1 
ATOM   995  N N   . GLN C 1 27 ? 5.824   -4.671  3.914   1.00 47.66  ? 1230 GLN D N   1 
ATOM   996  C CA  . GLN C 1 27 ? 6.606   -5.345  4.944   1.00 45.52  ? 1230 GLN D CA  1 
ATOM   997  C C   . GLN C 1 27 ? 6.207   -4.862  6.331   1.00 45.31  ? 1230 GLN D C   1 
ATOM   998  O O   . GLN C 1 27 ? 6.062   -5.664  7.260   1.00 52.36  ? 1230 GLN D O   1 
ATOM   999  C CB  . GLN C 1 27 ? 8.100   -5.119  4.704   1.00 43.01  ? 1230 GLN D CB  1 
ATOM   1000 C CG  . GLN C 1 27 ? 9.001   -5.662  5.805   1.00 50.52  ? 1230 GLN D CG  1 
ATOM   1001 C CD  . GLN C 1 27 ? 8.986   -7.179  5.884   1.00 57.30  ? 1230 GLN D CD  1 
ATOM   1002 O OE1 . GLN C 1 27 ? 8.751   -7.862  4.887   1.00 55.61  ? 1230 GLN D OE1 1 
ATOM   1003 N NE2 . GLN C 1 27 ? 9.235   -7.713  7.078   1.00 62.77  ? 1230 GLN D NE2 1 
ATOM   1004 N N   . GLU C 1 28 ? 6.003   -3.552  6.480   1.00 47.81  ? 1231 GLU D N   1 
ATOM   1005 C CA  . GLU C 1 28 ? 5.536   -3.015  7.753   1.00 53.82  ? 1231 GLU D CA  1 
ATOM   1006 C C   . GLU C 1 28 ? 4.148   -3.541  8.095   1.00 52.35  ? 1231 GLU D C   1 
ATOM   1007 O O   . GLU C 1 28 ? 3.874   -3.885  9.250   1.00 53.62  ? 1231 GLU D O   1 
ATOM   1008 C CB  . GLU C 1 28 ? 5.538   -1.485  7.705   1.00 49.01  ? 1231 GLU D CB  1 
ATOM   1009 C CG  . GLU C 1 28 ? 5.065   -0.807  8.984   1.00 60.01  ? 1231 GLU D CG  1 
ATOM   1010 C CD  . GLU C 1 28 ? 6.025   -1.013  10.142  1.00 77.54  ? 1231 GLU D CD  1 
ATOM   1011 O OE1 . GLU C 1 28 ? 7.231   -1.214  9.884   1.00 78.53  ? 1231 GLU D OE1 1 
ATOM   1012 O OE2 . GLU C 1 28 ? 5.573   -0.980  11.308  1.00 72.30  ? 1231 GLU D OE2 1 
ATOM   1013 N N   . SER C 1 29 ? 3.263   -3.628  7.100   1.00 51.83  ? 1232 SER D N   1 
ATOM   1014 C CA  . SER C 1 29 ? 1.896   -4.060  7.375   1.00 47.40  ? 1232 SER D CA  1 
ATOM   1015 C C   . SER C 1 29 ? 1.856   -5.517  7.818   1.00 48.38  ? 1232 SER D C   1 
ATOM   1016 O O   . SER C 1 29 ? 1.056   -5.884  8.687   1.00 50.31  ? 1232 SER D O   1 
ATOM   1017 C CB  . SER C 1 29 ? 1.018   -3.847  6.141   1.00 50.59  ? 1232 SER D CB  1 
ATOM   1018 O OG  . SER C 1 29 ? -0.360  -3.856  6.484   1.00 66.20  ? 1232 SER D OG  1 
ATOM   1019 N N   . LYS C 1 30 ? 2.718   -6.359  7.245   1.00 40.86  ? 1233 LYS D N   1 
ATOM   1020 C CA  . LYS C 1 30 ? 2.720   -7.770  7.618   1.00 45.83  ? 1233 LYS D CA  1 
ATOM   1021 C C   . LYS C 1 30 ? 3.316   -7.975  9.006   1.00 58.70  ? 1233 LYS D C   1 
ATOM   1022 O O   . LYS C 1 30 ? 2.879   -8.865  9.746   1.00 42.84  ? 1233 LYS D O   1 
ATOM   1023 C CB  . LYS C 1 30 ? 3.475   -8.586  6.572   1.00 38.57  ? 1233 LYS D CB  1 
ATOM   1024 C CG  . LYS C 1 30 ? 2.717   -8.764  5.265   1.00 61.16  ? 1233 LYS D CG  1 
ATOM   1025 C CD  . LYS C 1 30 ? 3.666   -8.877  4.083   1.00 58.07  ? 1233 LYS D CD  1 
ATOM   1026 C CE  . LYS C 1 30 ? 4.742   -9.912  4.340   1.00 54.27  ? 1233 LYS D CE  1 
ATOM   1027 N NZ  . LYS C 1 30 ? 5.685   -10.033 3.191   1.00 69.02  ? 1233 LYS D NZ  1 
ATOM   1028 N N   . GLU C 1 31 ? 4.313   -7.167  9.378   1.00 44.73  ? 1234 GLU D N   1 
ATOM   1029 C CA  . GLU C 1 31 ? 4.855   -7.243  10.731  1.00 45.23  ? 1234 GLU D CA  1 
ATOM   1030 C C   . GLU C 1 31 ? 3.811   -6.813  11.752  1.00 51.56  ? 1234 GLU D C   1 
ATOM   1031 O O   . GLU C 1 31 ? 3.678   -7.422  12.821  1.00 59.10  ? 1234 GLU D O   1 
ATOM   1032 C CB  . GLU C 1 31 ? 6.115   -6.379  10.852  1.00 38.75  ? 1234 GLU D CB  1 
ATOM   1033 C CG  . GLU C 1 31 ? 7.259   -6.786  9.927   1.00 46.76  ? 1234 GLU D CG  1 
ATOM   1034 C CD  . GLU C 1 31 ? 8.507   -5.933  10.092  1.00 51.06  ? 1234 GLU D CD  1 
ATOM   1035 O OE1 . GLU C 1 31 ? 8.500   -4.997  10.920  1.00 55.71  ? 1234 GLU D OE1 1 
ATOM   1036 O OE2 . GLU C 1 31 ? 9.509   -6.203  9.393   1.00 49.43  ? 1234 GLU D OE2 1 
ATOM   1037 N N   . ARG C 1 32 ? 3.054   -5.762  11.432  1.00 42.25  ? 1235 ARG D N   1 
ATOM   1038 C CA  . ARG C 1 32 ? 1.985   -5.324  12.322  1.00 52.82  ? 1235 ARG D CA  1 
ATOM   1039 C C   . ARG C 1 32 ? 0.891   -6.379  12.422  1.00 47.89  ? 1235 ARG D C   1 
ATOM   1040 O O   . ARG C 1 32 ? 0.293   -6.563  13.488  1.00 45.52  ? 1235 ARG D O   1 
ATOM   1041 C CB  . ARG C 1 32 ? 1.420   -3.985  11.843  1.00 48.94  ? 1235 ARG D CB  1 
ATOM   1042 C CG  . ARG C 1 32 ? 2.449   -2.861  11.865  1.00 56.47  ? 1235 ARG D CG  1 
ATOM   1043 C CD  . ARG C 1 32 ? 1.914   -1.514  11.382  1.00 51.70  ? 1235 ARG D CD  1 
ATOM   1044 N NE  . ARG C 1 32 ? 0.588   -1.589  10.776  1.00 52.01  ? 1235 ARG D NE  1 
ATOM   1045 C CZ  . ARG C 1 32 ? -0.538  -1.329  11.429  1.00 60.09  ? 1235 ARG D CZ  1 
ATOM   1046 N NH1 . ARG C 1 32 ? -0.497  -0.997  12.710  1.00 56.36  ? 1235 ARG D NH1 1 
ATOM   1047 N NH2 . ARG C 1 32 ? -1.703  -1.416  10.808  1.00 44.40  ? 1235 ARG D NH2 1 
ATOM   1048 N N   . ALA C 1 33 ? 0.621   -7.091  11.323  1.00 38.44  ? 1236 ALA D N   1 
ATOM   1049 C CA  . ALA C 1 33 ? -0.333  -8.193  11.378  1.00 40.45  ? 1236 ALA D CA  1 
ATOM   1050 C C   . ALA C 1 33 ? 0.213   -9.349  12.205  1.00 57.45  ? 1236 ALA D C   1 
ATOM   1051 O O   . ALA C 1 33 ? -0.524  -9.970  12.979  1.00 44.75  ? 1236 ALA D O   1 
ATOM   1052 C CB  . ALA C 1 33 ? -0.681  -8.667  9.968   1.00 28.48  ? 1236 ALA D CB  1 
ATOM   1053 N N   . ALA C 1 34 ? 1.502   -9.656  12.045  1.00 48.76  ? 1237 ALA D N   1 
ATOM   1054 C CA  . ALA C 1 34 ? 2.108   -10.712 12.844  1.00 41.46  ? 1237 ALA D CA  1 
ATOM   1055 C C   . ALA C 1 34 ? 2.126   -10.338 14.318  1.00 51.92  ? 1237 ALA D C   1 
ATOM   1056 O O   . ALA C 1 34 ? 1.880   -11.185 15.186  1.00 50.19  ? 1237 ALA D O   1 
ATOM   1057 C CB  . ALA C 1 34 ? 3.520   -11.008 12.345  1.00 36.89  ? 1237 ALA D CB  1 
ATOM   1058 N N   . GLU C 1 35 ? 2.406   -9.067  14.620  1.00 48.62  ? 1238 GLU D N   1 
ATOM   1059 C CA  . GLU C 1 35 ? 2.334   -8.619  16.006  1.00 54.07  ? 1238 GLU D CA  1 
ATOM   1060 C C   . GLU C 1 35 ? 0.941   -8.820  16.581  1.00 58.13  ? 1238 GLU D C   1 
ATOM   1061 O O   . GLU C 1 35 ? 0.800   -9.115  17.773  1.00 38.98  ? 1238 GLU D O   1 
ATOM   1062 C CB  . GLU C 1 35 ? 2.750   -7.153  16.118  1.00 49.48  ? 1238 GLU D CB  1 
ATOM   1063 C CG  . GLU C 1 35 ? 4.123   -6.947  16.744  1.00 66.60  ? 1238 GLU D CG  1 
ATOM   1064 C CD  . GLU C 1 35 ? 4.235   -7.575  18.120  1.00 74.84  ? 1238 GLU D CD  1 
ATOM   1065 O OE1 . GLU C 1 35 ? 3.228   -7.579  18.861  1.00 78.79  ? 1238 GLU D OE1 1 
ATOM   1066 O OE2 . GLU C 1 35 ? 5.329   -8.074  18.459  1.00 82.63  ? 1238 GLU D OE2 1 
ATOM   1067 N N   . MET C 1 36 ? -0.097  -8.680  15.753  1.00 59.93  ? 1239 MET D N   1 
ATOM   1068 C CA  . MET C 1 36 ? -1.458  -8.913  16.222  1.00 57.95  ? 1239 MET D CA  1 
ATOM   1069 C C   . MET C 1 36 ? -1.725  -10.386 16.485  1.00 56.44  ? 1239 MET D C   1 
ATOM   1070 O O   . MET C 1 36 ? -2.656  -10.712 17.228  1.00 59.35  ? 1239 MET D O   1 
ATOM   1071 C CB  . MET C 1 36 ? -2.467  -8.370  15.207  1.00 54.43  ? 1239 MET D CB  1 
ATOM   1072 C CG  . MET C 1 36 ? -3.777  -7.914  15.817  1.00 53.21  ? 1239 MET D CG  1 
ATOM   1073 S SD  . MET C 1 36 ? -3.849  -6.123  16.006  1.00 57.28  ? 1239 MET D SD  1 
ATOM   1074 C CE  . MET C 1 36 ? -2.599  -5.812  17.254  1.00 44.94  ? 1239 MET D CE  1 
ATOM   1075 N N   . VAL C 1 37 ? -0.934  -11.278 15.890  1.00 50.22  ? 1240 VAL D N   1 
ATOM   1076 C CA  . VAL C 1 37 ? -1.073  -12.700 16.179  1.00 50.53  ? 1240 VAL D CA  1 
ATOM   1077 C C   . VAL C 1 37 ? -0.499  -13.018 17.553  1.00 50.95  ? 1240 VAL D C   1 
ATOM   1078 O O   . VAL C 1 37 ? -1.123  -13.723 18.355  1.00 43.01  ? 1240 VAL D O   1 
ATOM   1079 C CB  . VAL C 1 37 ? -0.398  -13.534 15.078  1.00 51.55  ? 1240 VAL D CB  1 
ATOM   1080 C CG1 . VAL C 1 37 ? -0.551  -15.013 15.375  1.00 45.07  ? 1240 VAL D CG1 1 
ATOM   1081 C CG2 . VAL C 1 37 ? -0.983  -13.179 13.717  1.00 49.25  ? 1240 VAL D CG2 1 
ATOM   1082 N N   . LYS C 1 38 ? 0.697   -12.503 17.845  1.00 40.48  ? 1241 LYS D N   1 
ATOM   1083 C CA  . LYS C 1 38 ? 1.303   -12.702 19.158  1.00 38.63  ? 1241 LYS D CA  1 
ATOM   1084 C C   . LYS C 1 38 ? 0.421   -12.139 20.263  1.00 45.75  ? 1241 LYS D C   1 
ATOM   1085 O O   . LYS C 1 38 ? 0.088   -12.837 21.228  1.00 61.00  ? 1241 LYS D O   1 
ATOM   1086 C CB  . LYS C 1 38 ? 2.685   -12.050 19.212  1.00 42.97  ? 1241 LYS D CB  1 
ATOM   1087 C CG  . LYS C 1 38 ? 3.796   -12.907 18.658  1.00 59.13  ? 1241 LYS D CG  1 
ATOM   1088 C CD  . LYS C 1 38 ? 5.166   -12.285 18.902  1.00 73.37  ? 1241 LYS D CD  1 
ATOM   1089 C CE  . LYS C 1 38 ? 5.577   -12.314 20.376  1.00 83.78  ? 1241 LYS D CE  1 
ATOM   1090 N NZ  . LYS C 1 38 ? 6.999   -11.874 20.559  1.00 77.45  ? 1241 LYS D NZ  1 
ATOM   1091 N N   . ALA C 1 39 ? 0.035   -10.864 20.130  1.00 38.27  ? 1242 ALA D N   1 
ATOM   1092 C CA  . ALA C 1 39 ? -0.699  -10.176 21.188  1.00 47.02  ? 1242 ALA D CA  1 
ATOM   1093 C C   . ALA C 1 39 ? -1.946  -10.933 21.617  1.00 52.31  ? 1242 ALA D C   1 
ATOM   1094 O O   . ALA C 1 39 ? -2.396  -10.788 22.760  1.00 46.66  ? 1242 ALA D O   1 
ATOM   1095 C CB  . ALA C 1 39 ? -1.086  -8.769  20.733  1.00 33.37  ? 1242 ALA D CB  1 
ATOM   1096 N N   . GLU C 1 40 ? -2.517  -11.740 20.725  1.00 47.04  ? 1243 GLU D N   1 
ATOM   1097 C CA  . GLU C 1 40 ? -3.761  -12.438 21.017  1.00 49.85  ? 1243 GLU D CA  1 
ATOM   1098 C C   . GLU C 1 40 ? -3.549  -13.844 21.559  1.00 61.49  ? 1243 GLU D C   1 
ATOM   1099 O O   . GLU C 1 40 ? -4.339  -14.299 22.393  1.00 62.12  ? 1243 GLU D O   1 
ATOM   1100 C CB  . GLU C 1 40 ? -4.643  -12.502 19.771  1.00 33.84  ? 1243 GLU D CB  1 
ATOM   1101 C CG  . GLU C 1 40 ? -6.115  -12.703 20.110  1.00 81.14  ? 1243 GLU D CG  1 
ATOM   1102 C CD  . GLU C 1 40 ? -6.868  -13.438 19.024  1.00 91.44  ? 1243 GLU D CD  1 
ATOM   1103 O OE1 . GLU C 1 40 ? -6.359  -13.476 17.884  1.00 81.78  ? 1243 GLU D OE1 1 
ATOM   1104 O OE2 . GLU C 1 40 ? -7.944  -14.009 19.315  1.00 104.98 ? 1243 GLU D OE2 1 
ATOM   1105 N N   . VAL C 1 41 ? -2.514  -14.555 21.105  1.00 41.99  ? 1244 VAL D N   1 
ATOM   1106 C CA  . VAL C 1 41 ? -2.116  -15.783 21.790  1.00 49.79  ? 1244 VAL D CA  1 
ATOM   1107 C C   . VAL C 1 41 ? -1.858  -15.486 23.259  1.00 50.91  ? 1244 VAL D C   1 
ATOM   1108 O O   . VAL C 1 41 ? -2.159  -16.298 24.144  1.00 62.68  ? 1244 VAL D O   1 
ATOM   1109 C CB  . VAL C 1 41 ? -0.885  -16.410 21.107  1.00 48.14  ? 1244 VAL D CB  1 
ATOM   1110 C CG1 . VAL C 1 41 ? -0.180  -17.368 22.049  1.00 51.03  ? 1244 VAL D CG1 1 
ATOM   1111 C CG2 . VAL C 1 41 ? -1.304  -17.139 19.849  1.00 44.91  ? 1244 VAL D CG2 1 
ATOM   1112 N N   . LEU C 1 42 ? -1.325  -14.295 23.540  1.00 35.39  ? 1245 LEU D N   1 
ATOM   1113 C CA  . LEU C 1 42 ? -1.133  -13.857 24.915  1.00 46.32  ? 1245 LEU D CA  1 
ATOM   1114 C C   . LEU C 1 42 ? -2.455  -13.580 25.619  1.00 59.09  ? 1245 LEU D C   1 
ATOM   1115 O O   . LEU C 1 42 ? -2.530  -13.682 26.849  1.00 65.58  ? 1245 LEU D O   1 
ATOM   1116 C CB  . LEU C 1 42 ? -0.251  -12.613 24.944  1.00 48.88  ? 1245 LEU D CB  1 
ATOM   1117 C CG  . LEU C 1 42 ? 1.226   -12.885 25.215  1.00 47.19  ? 1245 LEU D CG  1 
ATOM   1118 C CD1 . LEU C 1 42 ? 1.777   -13.943 24.272  1.00 56.10  ? 1245 LEU D CD1 1 
ATOM   1119 C CD2 . LEU C 1 42 ? 2.013   -11.597 25.094  1.00 49.24  ? 1245 LEU D CD2 1 
ATOM   1120 N N   . ARG C 1 43 ? -3.502  -13.225 24.871  1.00 51.72  ? 1246 ARG D N   1 
ATOM   1121 C CA  . ARG C 1 43 ? -4.810  -13.031 25.486  1.00 66.62  ? 1246 ARG D CA  1 
ATOM   1122 C C   . ARG C 1 43 ? -5.502  -14.344 25.838  1.00 69.44  ? 1246 ARG D C   1 
ATOM   1123 O O   . ARG C 1 43 ? -6.473  -14.321 26.605  1.00 81.41  ? 1246 ARG D O   1 
ATOM   1124 C CB  . ARG C 1 43 ? -5.712  -12.188 24.579  1.00 68.50  ? 1246 ARG D CB  1 
ATOM   1125 C CG  . ARG C 1 43 ? -5.376  -10.697 24.596  1.00 90.37  ? 1246 ARG D CG  1 
ATOM   1126 C CD  . ARG C 1 43 ? -6.585  -9.823  24.265  1.00 95.28  ? 1246 ARG D CD  1 
ATOM   1127 N NE  . ARG C 1 43 ? -7.229  -10.213 23.014  1.00 98.57  ? 1246 ARG D NE  1 
ATOM   1128 C CZ  . ARG C 1 43 ? -8.353  -10.919 22.942  1.00 90.00  ? 1246 ARG D CZ  1 
ATOM   1129 N NH1 . ARG C 1 43 ? -8.966  -11.308 24.052  1.00 84.27  ? 1246 ARG D NH1 1 
ATOM   1130 N NH2 . ARG C 1 43 ? -8.866  -11.232 21.761  1.00 87.95  ? 1246 ARG D NH2 1 
ATOM   1131 N N   . GLU C 1 44 ? -5.034  -15.479 25.303  1.00 54.84  ? 1247 GLU D N   1 
ATOM   1132 C CA  . GLU C 1 44 ? -5.511  -16.777 25.765  1.00 62.56  ? 1247 GLU D CA  1 
ATOM   1133 C C   . GLU C 1 44 ? -4.976  -17.139 27.135  1.00 60.28  ? 1247 GLU D C   1 
ATOM   1134 O O   . GLU C 1 44 ? -5.528  -18.035 27.778  1.00 67.10  ? 1247 GLU D O   1 
ATOM   1135 C CB  . GLU C 1 44 ? -5.099  -17.903 24.829  1.00 49.60  ? 1247 GLU D CB  1 
ATOM   1136 C CG  . GLU C 1 44 ? -5.194  -17.615 23.372  1.00 55.07  ? 1247 GLU D CG  1 
ATOM   1137 C CD  . GLU C 1 44 ? -4.593  -18.748 22.590  1.00 59.77  ? 1247 GLU D CD  1 
ATOM   1138 O OE1 . GLU C 1 44 ? -4.859  -19.911 22.959  1.00 72.17  ? 1247 GLU D OE1 1 
ATOM   1139 O OE2 . GLU C 1 44 ? -3.844  -18.482 21.629  1.00 66.20  ? 1247 GLU D OE2 1 
ATOM   1140 N N   . ARG C 1 45 ? -3.875  -16.517 27.559  1.00 60.11  ? 1248 ARG D N   1 
ATOM   1141 C CA  . ARG C 1 45 ? -3.418  -16.693 28.929  1.00 56.37  ? 1248 ARG D CA  1 
ATOM   1142 C C   . ARG C 1 45 ? -4.554  -16.409 29.897  1.00 72.02  ? 1248 ARG D C   1 
ATOM   1143 O O   . ARG C 1 45 ? -4.767  -17.146 30.864  1.00 68.85  ? 1248 ARG D O   1 
ATOM   1144 C CB  . ARG C 1 45 ? -2.225  -15.782 29.209  1.00 47.94  ? 1248 ARG D CB  1 
ATOM   1145 C CG  . ARG C 1 45 ? -0.900  -16.310 28.702  1.00 66.84  ? 1248 ARG D CG  1 
ATOM   1146 C CD  . ARG C 1 45 ? 0.088   -15.172 28.584  1.00 58.45  ? 1248 ARG D CD  1 
ATOM   1147 N NE  . ARG C 1 45 ? 1.472   -15.610 28.708  1.00 59.35  ? 1248 ARG D NE  1 
ATOM   1148 C CZ  . ARG C 1 45 ? 2.460   -14.812 29.095  1.00 61.74  ? 1248 ARG D CZ  1 
ATOM   1149 N NH1 . ARG C 1 45 ? 2.202   -13.549 29.399  1.00 60.07  ? 1248 ARG D NH1 1 
ATOM   1150 N NH2 . ARG C 1 45 ? 3.699   -15.274 29.185  1.00 61.54  ? 1248 ARG D NH2 1 
ATOM   1151 N N   . GLN C 1 46 ? -5.318  -15.348 29.623  1.00 70.23  ? 1249 GLN D N   1 
ATOM   1152 C CA  . GLN C 1 46 ? -6.501  -15.053 30.421  1.00 67.48  ? 1249 GLN D CA  1 
ATOM   1153 C C   . GLN C 1 46 ? -7.507  -16.198 30.364  1.00 72.97  ? 1249 GLN D C   1 
ATOM   1154 O O   . GLN C 1 46 ? -8.143  -16.525 31.372  1.00 85.77  ? 1249 GLN D O   1 
ATOM   1155 C CB  . GLN C 1 46 ? -7.132  -13.745 29.942  1.00 73.20  ? 1249 GLN D CB  1 
ATOM   1156 C CG  . GLN C 1 46 ? -6.317  -12.509 30.304  1.00 88.20  ? 1249 GLN D CG  1 
ATOM   1157 C CD  . GLN C 1 46 ? -6.615  -11.315 29.413  1.00 85.50  ? 1249 GLN D CD  1 
ATOM   1158 O OE1 . GLN C 1 46 ? -7.496  -11.367 28.552  1.00 76.95  ? 1249 GLN D OE1 1 
ATOM   1159 N NE2 . GLN C 1 46 ? -5.871  -10.231 29.613  1.00 71.41  ? 1249 GLN D NE2 1 
ATOM   1160 N N   . GLU C 1 47 ? -7.652  -16.831 29.197  1.00 64.78  ? 1250 GLU D N   1 
ATOM   1161 C CA  . GLU C 1 47 ? -8.574  -17.956 29.071  1.00 69.90  ? 1250 GLU D CA  1 
ATOM   1162 C C   . GLU C 1 47 ? -8.031  -19.193 29.775  1.00 70.68  ? 1250 GLU D C   1 
ATOM   1163 O O   . GLU C 1 47 ? -8.746  -19.844 30.548  1.00 66.11  ? 1250 GLU D O   1 
ATOM   1164 C CB  . GLU C 1 47 ? -8.847  -18.253 27.596  1.00 73.87  ? 1250 GLU D CB  1 
ATOM   1165 C CG  . GLU C 1 47 ? -9.573  -19.571 27.341  1.00 68.87  ? 1250 GLU D CG  1 
ATOM   1166 C CD  . GLU C 1 47 ? -11.076 -19.405 27.225  1.00 88.58  ? 1250 GLU D CD  1 
ATOM   1167 O OE1 . GLU C 1 47 ? -11.572 -18.277 27.433  1.00 96.89  ? 1250 GLU D OE1 1 
ATOM   1168 O OE2 . GLU C 1 47 ? -11.763 -20.401 26.914  1.00 98.00  ? 1250 GLU D OE2 1 
ATOM   1169 N N   . THR C 1 48 ? -6.765  -19.537 29.515  1.00 59.75  ? 1251 THR D N   1 
ATOM   1170 C CA  . THR C 1 48 ? -6.166  -20.695 30.172  1.00 72.81  ? 1251 THR D CA  1 
ATOM   1171 C C   . THR C 1 48 ? -6.091  -20.506 31.681  1.00 75.88  ? 1251 THR D C   1 
ATOM   1172 O O   . THR C 1 48 ? -6.182  -21.484 32.433  1.00 68.25  ? 1251 THR D O   1 
ATOM   1173 C CB  . THR C 1 48 ? -4.770  -20.970 29.606  1.00 60.44  ? 1251 THR D CB  1 
ATOM   1174 O OG1 . THR C 1 48 ? -3.925  -19.838 29.841  1.00 61.12  ? 1251 THR D OG1 1 
ATOM   1175 C CG2 . THR C 1 48 ? -4.842  -21.253 28.111  1.00 43.07  ? 1251 THR D CG2 1 
ATOM   1176 N N   . ALA C 1 49 ? -5.920  -19.264 32.142  1.00 76.13  ? 1252 ALA D N   1 
ATOM   1177 C CA  . ALA C 1 49 ? -5.980  -18.994 33.574  1.00 67.12  ? 1252 ALA D CA  1 
ATOM   1178 C C   . ALA C 1 49 ? -7.375  -19.276 34.116  1.00 83.55  ? 1252 ALA D C   1 
ATOM   1179 O O   . ALA C 1 49 ? -7.532  -19.902 35.170  1.00 67.00  ? 1252 ALA D O   1 
ATOM   1180 C CB  . ALA C 1 49 ? -5.571  -17.550 33.861  1.00 71.06  ? 1252 ALA D CB  1 
ATOM   1181 N N   . ARG C 1 50 ? -8.404  -18.820 33.396  1.00 83.29  ? 1253 ARG D N   1 
ATOM   1182 C CA  . ARG C 1 50 ? -9.776  -19.118 33.788  1.00 81.99  ? 1253 ARG D CA  1 
ATOM   1183 C C   . ARG C 1 50 ? -10.028 -20.620 33.836  1.00 71.94  ? 1253 ARG D C   1 
ATOM   1184 O O   . ARG C 1 50 ? -10.837 -21.091 34.642  1.00 82.16  ? 1253 ARG D O   1 
ATOM   1185 C CB  . ARG C 1 50 ? -10.752 -18.448 32.819  1.00 81.12  ? 1253 ARG D CB  1 
ATOM   1186 C CG  . ARG C 1 50 ? -12.131 -18.204 33.397  1.00 96.34  ? 1253 ARG D CG  1 
ATOM   1187 C CD  . ARG C 1 50 ? -12.078 -17.146 34.482  1.00 106.46 ? 1253 ARG D CD  1 
ATOM   1188 N NE  . ARG C 1 50 ? -13.362 -16.998 35.157  1.00 101.67 ? 1253 ARG D NE  1 
ATOM   1189 C CZ  . ARG C 1 50 ? -13.743 -17.731 36.198  1.00 99.66  ? 1253 ARG D CZ  1 
ATOM   1190 N NH1 . ARG C 1 50 ? -12.934 -18.665 36.685  1.00 79.86  ? 1253 ARG D NH1 1 
ATOM   1191 N NH2 . ARG C 1 50 ? -14.930 -17.530 36.752  1.00 93.38  ? 1253 ARG D NH2 1 
ATOM   1192 N N   . LYS C 1 51 ? -9.339  -21.383 32.986  1.00 72.29  ? 1254 LYS D N   1 
ATOM   1193 C CA  . LYS C 1 51 ? -9.502  -22.831 32.951  1.00 77.71  ? 1254 LYS D CA  1 
ATOM   1194 C C   . LYS C 1 51 ? -8.775  -23.514 34.106  1.00 69.27  ? 1254 LYS D C   1 
ATOM   1195 O O   . LYS C 1 51 ? -9.224  -24.561 34.586  1.00 52.10  ? 1254 LYS D O   1 
ATOM   1196 C CB  . LYS C 1 51 ? -9.000  -23.361 31.606  1.00 64.64  ? 1254 LYS D CB  1 
ATOM   1197 C CG  . LYS C 1 51 ? -9.812  -24.508 31.032  1.00 74.75  ? 1254 LYS D CG  1 
ATOM   1198 C CD  . LYS C 1 51 ? -9.107  -25.840 31.233  1.00 75.07  ? 1254 LYS D CD  1 
ATOM   1199 C CE  . LYS C 1 51 ? -9.979  -27.010 30.796  1.00 79.65  ? 1254 LYS D CE  1 
ATOM   1200 N NZ  . LYS C 1 51 ? -11.163 -27.182 31.681  1.00 73.46  ? 1254 LYS D NZ  1 
ATOM   1201 N N   . MET C 1 52 ? -7.662  -22.943 34.557  1.00 78.18  ? 1255 MET D N   1 
ATOM   1202 C CA  . MET C 1 52 ? -6.973  -23.433 35.746  1.00 65.77  ? 1255 MET D CA  1 
ATOM   1203 C C   . MET C 1 52 ? -7.863  -23.264 36.974  1.00 66.60  ? 1255 MET D C   1 
ATOM   1204 O O   . MET C 1 52 ? -7.693  -23.955 37.978  1.00 61.53  ? 1255 MET D O   1 
ATOM   1205 C CB  . MET C 1 52 ? -5.645  -22.696 35.947  1.00 64.66  ? 1255 MET D CB  1 
ATOM   1206 C CG  . MET C 1 52 ? -4.503  -23.184 35.065  1.00 70.15  ? 1255 MET D CG  1 
ATOM   1207 S SD  . MET C 1 52 ? -2.993  -22.223 35.306  1.00 76.49  ? 1255 MET D SD  1 
ATOM   1208 C CE  . MET C 1 52 ? -3.066  -21.106 33.908  1.00 79.60  ? 1255 MET D CE  1 
ATOM   1209 N N   . ALA D 2 1  ? -6.796  -15.900 17.176  1.00 106.63 ? 498  ALA A N   1 
ATOM   1210 C CA  . ALA D 2 1  ? -5.572  -16.314 16.509  1.00 95.63  ? 498  ALA A CA  1 
ATOM   1211 C C   . ALA D 2 1  ? -5.892  -16.726 15.103  1.00 102.55 ? 498  ALA A C   1 
ATOM   1212 O O   . ALA D 2 1  ? -5.481  -16.053 14.167  1.00 105.55 ? 498  ALA A O   1 
ATOM   1213 C CB  . ALA D 2 1  ? -4.931  -17.420 17.221  1.00 40.11  ? 498  ALA A CB  1 
ATOM   1214 N N   . CYS D 2 2  ? -6.636  -17.831 14.961  1.00 111.63 ? 499  CYS A N   1 
ATOM   1215 C CA  . CYS D 2 2  ? -7.099  -18.273 13.650  1.00 112.68 ? 499  CYS A CA  1 
ATOM   1216 C C   . CYS D 2 2  ? -7.814  -17.157 12.891  1.00 115.64 ? 499  CYS A C   1 
ATOM   1217 O O   . CYS D 2 2  ? -7.894  -17.204 11.661  1.00 117.13 ? 499  CYS A O   1 
ATOM   1218 C CB  . CYS D 2 2  ? -8.007  -19.498 13.806  1.00 64.88  ? 499  CYS A CB  1 
ATOM   1219 S SG  . CYS D 2 2  ? -7.195  -20.930 14.651  1.00 64.88  ? 499  CYS A SG  1 
ATOM   1220 N N   . LEU D 2 3  ? -8.325  -16.147 13.596  1.00 100.74 ? 500  LEU A N   1 
ATOM   1221 C CA  . LEU D 2 3  ? -8.715  -14.899 12.950  1.00 100.49 ? 500  LEU A CA  1 
ATOM   1222 C C   . LEU D 2 3  ? -7.485  -14.187 12.392  1.00 91.18  ? 500  LEU A C   1 
ATOM   1223 O O   . LEU D 2 3  ? -7.376  -13.960 11.185  1.00 102.75 ? 500  LEU A O   1 
ATOM   1224 C CB  . LEU D 2 3  ? -9.459  -13.986 13.942  1.00 53.25  ? 500  LEU A CB  1 
ATOM   1225 C CG  . LEU D 2 3  ? -10.914 -14.251 14.397  1.00 53.25  ? 500  LEU A CG  1 
ATOM   1226 C CD1 . LEU D 2 3  ? -11.539 -13.050 15.153  1.00 53.25  ? 500  LEU A CD1 1 
ATOM   1227 C CD2 . LEU D 2 3  ? -11.837 -14.667 13.240  1.00 53.25  ? 500  LEU A CD2 1 
ATOM   1228 N N   . ASN D 2 4  ? -6.518  -13.880 13.249  1.00 76.03  ? 501  ASN A N   1 
ATOM   1229 C CA  . ASN D 2 4  ? -5.396  -13.041 12.845  1.00 97.47  ? 501  ASN A CA  1 
ATOM   1230 C C   . ASN D 2 4  ? -4.387  -13.780 11.980  1.00 89.50  ? 501  ASN A C   1 
ATOM   1231 O O   . ASN D 2 4  ? -3.656  -13.136 11.227  1.00 91.70  ? 501  ASN A O   1 
ATOM   1232 C CB  . ASN D 2 4  ? -4.688  -12.470 14.079  1.00 51.77  ? 501  ASN A CB  1 
ATOM   1233 C CG  . ASN D 2 4  ? -5.541  -11.446 14.837  1.00 51.77  ? 501  ASN A CG  1 
ATOM   1234 O OD1 . ASN D 2 4  ? -5.947  -10.415 14.282  1.00 51.77  ? 501  ASN A OD1 1 
ATOM   1235 N ND2 . ASN D 2 4  ? -5.785  -11.712 16.116  1.00 51.77  ? 501  ASN A ND2 1 
ATOM   1236 N N   . THR D 2 5  ? -4.306  -15.105 12.089  1.00 51.43  ? 502  THR A N   1 
ATOM   1237 C CA  . THR D 2 5  ? -3.489  -15.878 11.163  1.00 66.78  ? 502  THR A CA  1 
ATOM   1238 C C   . THR D 2 5  ? -4.136  -15.930 9.790   1.00 57.08  ? 502  THR A C   1 
ATOM   1239 O O   . THR D 2 5  ? -3.442  -15.807 8.779   1.00 67.49  ? 502  THR A O   1 
ATOM   1240 C CB  . THR D 2 5  ? -3.255  -17.300 11.700  1.00 54.12  ? 502  THR A CB  1 
ATOM   1241 O OG1 . THR D 2 5  ? -4.490  -18.033 11.709  1.00 66.43  ? 502  THR A OG1 1 
ATOM   1242 C CG2 . THR D 2 5  ? -2.700  -17.243 13.107  1.00 50.96  ? 502  THR A CG2 1 
ATOM   1243 N N   . ARG D 2 6  ? -5.460  -16.105 9.745   1.00 46.03  ? 503  ARG A N   1 
ATOM   1244 C CA  . ARG D 2 6  ? -6.196  -15.954 8.497   1.00 52.35  ? 503  ARG A CA  1 
ATOM   1245 C C   . ARG D 2 6  ? -5.946  -14.579 7.903   1.00 66.79  ? 503  ARG A C   1 
ATOM   1246 O O   . ARG D 2 6  ? -5.821  -14.435 6.684   1.00 47.93  ? 503  ARG A O   1 
ATOM   1247 C CB  . ARG D 2 6  ? -7.693  -16.194 8.740   1.00 52.08  ? 503  ARG A CB  1 
ATOM   1248 C CG  . ARG D 2 6  ? -8.609  -15.935 7.542   1.00 74.90  ? 503  ARG A CG  1 
ATOM   1249 C CD  . ARG D 2 6  ? -9.757  -14.993 7.930   1.00 84.53  ? 503  ARG A CD  1 
ATOM   1250 N NE  . ARG D 2 6  ? -9.287  -13.616 8.072   1.00 96.61  ? 503  ARG A NE  1 
ATOM   1251 C CZ  . ARG D 2 6  ? -9.726  -12.581 7.357   1.00 102.18 ? 503  ARG A CZ  1 
ATOM   1252 N NH1 . ARG D 2 6  ? -9.210  -11.377 7.557   1.00 106.38 ? 503  ARG A NH1 1 
ATOM   1253 N NH2 . ARG D 2 6  ? -10.680 -12.737 6.448   1.00 84.88  ? 503  ARG A NH2 1 
ATOM   1254 N N   . PHE D 2 7  ? -5.830  -13.561 8.757   1.00 57.00  ? 504  PHE A N   1 
ATOM   1255 C CA  . PHE D 2 7  ? -5.601  -12.204 8.269   1.00 53.72  ? 504  PHE A CA  1 
ATOM   1256 C C   . PHE D 2 7  ? -4.227  -12.088 7.627   1.00 61.35  ? 504  PHE A C   1 
ATOM   1257 O O   . PHE D 2 7  ? -4.098  -11.563 6.514   1.00 56.98  ? 504  PHE A O   1 
ATOM   1258 C CB  . PHE D 2 7  ? -5.746  -11.207 9.422   1.00 53.91  ? 504  PHE A CB  1 
ATOM   1259 C CG  . PHE D 2 7  ? -5.850  -9.761  8.997   1.00 52.53  ? 504  PHE A CG  1 
ATOM   1260 C CD1 . PHE D 2 7  ? -6.987  -9.293  8.353   1.00 48.16  ? 504  PHE A CD1 1 
ATOM   1261 C CD2 . PHE D 2 7  ? -4.826  -8.863  9.276   1.00 55.97  ? 504  PHE A CD2 1 
ATOM   1262 C CE1 . PHE D 2 7  ? -7.100  -7.955  7.968   1.00 54.59  ? 504  PHE A CE1 1 
ATOM   1263 C CE2 . PHE D 2 7  ? -4.928  -7.523  8.895   1.00 46.61  ? 504  PHE A CE2 1 
ATOM   1264 C CZ  . PHE D 2 7  ? -6.067  -7.071  8.241   1.00 44.36  ? 504  PHE A CZ  1 
ATOM   1265 N N   . LEU D 2 8  ? -3.193  -12.601 8.299   1.00 51.27  ? 505  LEU A N   1 
ATOM   1266 C CA  . LEU D 2 8  ? -1.835  -12.479 7.784   1.00 49.40  ? 505  LEU A CA  1 
ATOM   1267 C C   . LEU D 2 8  ? -1.670  -13.261 6.492   1.00 60.78  ? 505  LEU A C   1 
ATOM   1268 O O   . LEU D 2 8  ? -0.961  -12.816 5.583   1.00 60.99  ? 505  LEU A O   1 
ATOM   1269 C CB  . LEU D 2 8  ? -0.828  -12.952 8.831   1.00 36.38  ? 505  LEU A CB  1 
ATOM   1270 C CG  . LEU D 2 8  ? 0.662   -12.852 8.461   1.00 49.12  ? 505  LEU A CG  1 
ATOM   1271 C CD1 . LEU D 2 8  ? 1.054   -11.418 8.173   1.00 43.99  ? 505  LEU A CD1 1 
ATOM   1272 C CD2 . LEU D 2 8  ? 1.529   -13.409 9.574   1.00 44.13  ? 505  LEU A CD2 1 
ATOM   1273 N N   . GLU D 2 9  ? -2.314  -14.425 6.393   1.00 48.84  ? 506  GLU A N   1 
ATOM   1274 C CA  . GLU D 2 9  ? -2.278  -15.200 5.158   1.00 52.38  ? 506  GLU A CA  1 
ATOM   1275 C C   . GLU D 2 9  ? -2.751  -14.360 3.980   1.00 50.44  ? 506  GLU A C   1 
ATOM   1276 O O   . GLU D 2 9  ? -2.039  -14.196 2.984   1.00 62.63  ? 506  GLU A O   1 
ATOM   1277 C CB  . GLU D 2 9  ? -3.144  -16.455 5.298   1.00 55.19  ? 506  GLU A CB  1 
ATOM   1278 C CG  . GLU D 2 9  ? -2.563  -17.540 6.190   1.00 66.82  ? 506  GLU A CG  1 
ATOM   1279 C CD  . GLU D 2 9  ? -3.229  -18.886 5.961   1.00 69.74  ? 506  GLU A CD  1 
ATOM   1280 O OE1 . GLU D 2 9  ? -4.282  -18.920 5.287   1.00 69.84  ? 506  GLU A OE1 1 
ATOM   1281 O OE2 . GLU D 2 9  ? -2.698  -19.907 6.446   1.00 66.83  ? 506  GLU A OE2 1 
ATOM   1282 N N   . GLU D 2 10 ? -3.954  -13.791 4.101   1.00 47.00  ? 507  GLU A N   1 
ATOM   1283 C CA  . GLU D 2 10 ? -4.566  -13.078 2.986   1.00 56.79  ? 507  GLU A CA  1 
ATOM   1284 C C   . GLU D 2 10 ? -3.755  -11.852 2.586   1.00 59.77  ? 507  GLU A C   1 
ATOM   1285 O O   . GLU D 2 10 ? -3.594  -11.576 1.392   1.00 51.77  ? 507  GLU A O   1 
ATOM   1286 C CB  . GLU D 2 10 ? -6.000  -12.694 3.351   1.00 48.36  ? 507  GLU A CB  1 
ATOM   1287 C CG  . GLU D 2 10 ? -6.912  -13.900 3.533   1.00 58.68  ? 507  GLU A CG  1 
ATOM   1288 C CD  . GLU D 2 10 ? -8.163  -13.585 4.332   1.00 69.49  ? 507  GLU A CD  1 
ATOM   1289 O OE1 . GLU D 2 10 ? -8.304  -12.427 4.780   1.00 66.73  ? 507  GLU A OE1 1 
ATOM   1290 O OE2 . GLU D 2 10 ? -9.001  -14.496 4.517   1.00 73.93  ? 507  GLU A OE2 1 
ATOM   1291 N N   . GLU D 2 11 ? -3.233  -11.105 3.562   1.00 51.71  ? 508  GLU A N   1 
ATOM   1292 C CA  . GLU D 2 11 ? -2.402  -9.953  3.232   1.00 52.66  ? 508  GLU A CA  1 
ATOM   1293 C C   . GLU D 2 11 ? -1.135  -10.375 2.499   1.00 53.97  ? 508  GLU A C   1 
ATOM   1294 O O   . GLU D 2 11 ? -0.640  -9.639  1.642   1.00 50.15  ? 508  GLU A O   1 
ATOM   1295 C CB  . GLU D 2 11 ? -2.055  -9.165  4.497   1.00 54.88  ? 508  GLU A CB  1 
ATOM   1296 C CG  . GLU D 2 11 ? -1.295  -7.869  4.232   1.00 71.75  ? 508  GLU A CG  1 
ATOM   1297 C CD  . GLU D 2 11 ? -1.886  -6.677  4.970   1.00 83.38  ? 508  GLU A CD  1 
ATOM   1298 O OE1 . GLU D 2 11 ? -2.137  -6.791  6.188   1.00 80.73  ? 508  GLU A OE1 1 
ATOM   1299 O OE2 . GLU D 2 11 ? -2.113  -5.630  4.322   1.00 89.88  ? 508  GLU A OE2 1 
ATOM   1300 N N   . GLU D 2 12 ? -0.605  -11.558 2.813   1.00 58.57  ? 509  GLU A N   1 
ATOM   1301 C CA  . GLU D 2 12 ? 0.522   -12.087 2.053   1.00 50.34  ? 509  GLU A CA  1 
ATOM   1302 C C   . GLU D 2 12 ? 0.146   -12.294 0.592   1.00 45.74  ? 509  GLU A C   1 
ATOM   1303 O O   . GLU D 2 12 ? 0.883   -11.894 -0.314  1.00 48.54  ? 509  GLU A O   1 
ATOM   1304 C CB  . GLU D 2 12 ? 1.002   -13.397 2.677   1.00 46.58  ? 509  GLU A CB  1 
ATOM   1305 C CG  . GLU D 2 12 ? 1.771   -13.234 3.975   1.00 53.72  ? 509  GLU A CG  1 
ATOM   1306 C CD  . GLU D 2 12 ? 3.243   -13.002 3.741   1.00 61.09  ? 509  GLU A CD  1 
ATOM   1307 O OE1 . GLU D 2 12 ? 3.619   -12.720 2.584   1.00 76.38  ? 509  GLU A OE1 1 
ATOM   1308 O OE2 . GLU D 2 12 ? 4.024   -13.109 4.708   1.00 62.84  ? 509  GLU A OE2 1 
ATOM   1309 N N   . LEU D 2 13 ? -1.007  -12.921 0.346   1.00 47.54  ? 510  LEU A N   1 
ATOM   1310 C CA  . LEU D 2 13 ? -1.452  -13.154 -1.025  1.00 42.90  ? 510  LEU A CA  1 
ATOM   1311 C C   . LEU D 2 13 ? -1.708  -11.841 -1.750  1.00 50.17  ? 510  LEU A C   1 
ATOM   1312 O O   . LEU D 2 13 ? -1.206  -11.622 -2.858  1.00 62.95  ? 510  LEU A O   1 
ATOM   1313 C CB  . LEU D 2 13 ? -2.717  -14.015 -1.036  1.00 49.94  ? 510  LEU A CB  1 
ATOM   1314 C CG  . LEU D 2 13 ? -2.603  -15.540 -0.929  1.00 55.90  ? 510  LEU A CG  1 
ATOM   1315 C CD1 . LEU D 2 13 ? -1.534  -16.087 -1.864  1.00 70.01  ? 510  LEU A CD1 1 
ATOM   1316 C CD2 . LEU D 2 13 ? -2.357  -15.994 0.500   1.00 61.02  ? 510  LEU A CD2 1 
ATOM   1317 N N   . ARG D 2 14 ? -2.491  -10.951 -1.138  1.00 49.43  ? 511  ARG A N   1 
ATOM   1318 C CA  . ARG D 2 14 ? -2.913  -9.754  -1.855  1.00 45.56  ? 511  ARG A CA  1 
ATOM   1319 C C   . ARG D 2 14 ? -1.784  -8.737  -1.975  1.00 55.51  ? 511  ARG A C   1 
ATOM   1320 O O   . ARG D 2 14 ? -1.792  -7.920  -2.902  1.00 56.19  ? 511  ARG A O   1 
ATOM   1321 C CB  . ARG D 2 14 ? -4.136  -9.136  -1.176  1.00 45.30  ? 511  ARG A CB  1 
ATOM   1322 C CG  . ARG D 2 14 ? -3.835  -7.933  -0.313  1.00 54.52  ? 511  ARG A CG  1 
ATOM   1323 C CD  . ARG D 2 14 ? -5.100  -7.366  0.304   1.00 58.56  ? 511  ARG A CD  1 
ATOM   1324 N NE  . ARG D 2 14 ? -4.943  -5.962  0.665   1.00 55.78  ? 511  ARG A NE  1 
ATOM   1325 C CZ  . ARG D 2 14 ? -4.226  -5.529  1.696   1.00 64.16  ? 511  ARG A CZ  1 
ATOM   1326 N NH1 . ARG D 2 14 ? -4.146  -4.232  1.938   1.00 43.87  ? 511  ARG A NH1 1 
ATOM   1327 N NH2 . ARG D 2 14 ? -3.583  -6.384  2.476   1.00 65.23  ? 511  ARG A NH2 1 
ATOM   1328 N N   . SER D 2 15 ? -0.805  -8.768  -1.069  1.00 51.57  ? 512  SER A N   1 
ATOM   1329 C CA  . SER D 2 15 ? 0.349   -7.891  -1.232  1.00 43.54  ? 512  SER A CA  1 
ATOM   1330 C C   . SER D 2 15 ? 1.282   -8.426  -2.306  1.00 53.86  ? 512  SER A C   1 
ATOM   1331 O O   . SER D 2 15 ? 1.901   -7.651  -3.043  1.00 59.79  ? 512  SER A O   1 
ATOM   1332 C CB  . SER D 2 15 ? 1.103   -7.730  0.086   1.00 39.75  ? 512  SER A CB  1 
ATOM   1333 O OG  . SER D 2 15 ? 2.080   -8.743  0.243   1.00 49.94  ? 512  SER A OG  1 
ATOM   1334 N N   . HIS D 2 16 ? 1.405   -9.749  -2.406  1.00 49.90  ? 513  HIS A N   1 
ATOM   1335 C CA  . HIS D 2 16 ? 2.199   -10.321 -3.484  1.00 57.08  ? 513  HIS A CA  1 
ATOM   1336 C C   . HIS D 2 16 ? 1.567   -10.022 -4.834  1.00 58.90  ? 513  HIS A C   1 
ATOM   1337 O O   . HIS D 2 16 ? 2.270   -9.754  -5.814  1.00 60.96  ? 513  HIS A O   1 
ATOM   1338 C CB  . HIS D 2 16 ? 2.349   -11.827 -3.284  1.00 61.70  ? 513  HIS A CB  1 
ATOM   1339 C CG  . HIS D 2 16 ? 3.247   -12.481 -4.286  1.00 72.66  ? 513  HIS A CG  1 
ATOM   1340 N ND1 . HIS D 2 16 ? 2.772   -13.288 -5.297  1.00 72.51  ? 513  HIS A ND1 1 
ATOM   1341 C CD2 . HIS D 2 16 ? 4.592   -12.448 -4.430  1.00 75.80  ? 513  HIS A CD2 1 
ATOM   1342 C CE1 . HIS D 2 16 ? 3.788   -13.727 -6.018  1.00 84.73  ? 513  HIS A CE1 1 
ATOM   1343 N NE2 . HIS D 2 16 ? 4.903   -13.231 -5.515  1.00 85.68  ? 513  HIS A NE2 1 
ATOM   1344 N N   . HIS D 2 17 ? 0.236   -10.048 -4.898  1.00 53.03  ? 514  HIS A N   1 
ATOM   1345 C CA  . HIS D 2 17 ? -0.453  -9.725  -6.141  1.00 59.81  ? 514  HIS A CA  1 
ATOM   1346 C C   . HIS D 2 17 ? -0.169  -8.291  -6.568  1.00 70.65  ? 514  HIS A C   1 
ATOM   1347 O O   . HIS D 2 17 ? 0.121   -8.026  -7.741  1.00 71.81  ? 514  HIS A O   1 
ATOM   1348 C CB  . HIS D 2 17 ? -1.955  -9.957  -5.974  1.00 56.23  ? 514  HIS A CB  1 
ATOM   1349 C CG  . HIS D 2 17 ? -2.799  -9.170  -6.929  1.00 78.22  ? 514  HIS A CG  1 
ATOM   1350 N ND1 . HIS D 2 17 ? -3.192  -7.874  -6.680  1.00 83.61  ? 514  HIS A ND1 1 
ATOM   1351 C CD2 . HIS D 2 17 ? -3.328  -9.502  -8.130  1.00 90.36  ? 514  HIS A CD2 1 
ATOM   1352 C CE1 . HIS D 2 17 ? -3.927  -7.437  -7.688  1.00 88.14  ? 514  HIS A CE1 1 
ATOM   1353 N NE2 . HIS D 2 17 ? -4.024  -8.406  -8.580  1.00 92.15  ? 514  HIS A NE2 1 
ATOM   1354 N N   . ILE D 2 18 ? -0.238  -7.348  -5.624  1.00 67.64  ? 515  ILE A N   1 
ATOM   1355 C CA  . ILE D 2 18 ? -0.077  -5.938  -5.972  1.00 54.74  ? 515  ILE A CA  1 
ATOM   1356 C C   . ILE D 2 18 ? 1.334   -5.672  -6.479  1.00 60.69  ? 515  ILE A C   1 
ATOM   1357 O O   . ILE D 2 18 ? 1.542   -4.841  -7.371  1.00 72.26  ? 515  ILE A O   1 
ATOM   1358 C CB  . ILE D 2 18 ? -0.442  -5.039  -4.769  1.00 48.21  ? 515  ILE A CB  1 
ATOM   1359 C CG1 . ILE D 2 18 ? -0.783  -3.624  -5.233  1.00 51.19  ? 515  ILE A CG1 1 
ATOM   1360 C CG2 . ILE D 2 18 ? 0.688   -4.953  -3.760  1.00 50.11  ? 515  ILE A CG2 1 
ATOM   1361 C CD1 . ILE D 2 18 ? -2.084  -3.526  -5.983  1.00 50.00  ? 515  ILE A CD1 1 
ATOM   1362 N N   . LEU D 2 19 ? 2.321   -6.394  -5.946  1.00 60.43  ? 516  LEU A N   1 
ATOM   1363 C CA  . LEU D 2 19 ? 3.699   -6.191  -6.374  1.00 58.82  ? 516  LEU A CA  1 
ATOM   1364 C C   . LEU D 2 19 ? 3.935   -6.806  -7.745  1.00 65.17  ? 516  LEU A C   1 
ATOM   1365 O O   . LEU D 2 19 ? 4.602   -6.209  -8.599  1.00 73.43  ? 516  LEU A O   1 
ATOM   1366 C CB  . LEU D 2 19 ? 4.658   -6.778  -5.340  1.00 54.84  ? 516  LEU A CB  1 
ATOM   1367 C CG  . LEU D 2 19 ? 4.727   -5.997  -4.029  1.00 62.32  ? 516  LEU A CG  1 
ATOM   1368 C CD1 . LEU D 2 19 ? 5.558   -6.742  -3.010  1.00 57.09  ? 516  LEU A CD1 1 
ATOM   1369 C CD2 . LEU D 2 19 ? 5.305   -4.615  -4.278  1.00 45.48  ? 516  LEU A CD2 1 
ATOM   1370 N N   . GLU D 2 20 ? 3.395   -8.007  -7.964  1.00 60.65  ? 517  GLU A N   1 
ATOM   1371 C CA  . GLU D 2 20 ? 3.413   -8.678  -9.257  1.00 67.83  ? 517  GLU A CA  1 
ATOM   1372 C C   . GLU D 2 20 ? 2.964   -7.743  -10.368 1.00 71.26  ? 517  GLU A C   1 
ATOM   1373 O O   . GLU D 2 20 ? 3.750   -7.383  -11.251 1.00 64.93  ? 517  GLU A O   1 
ATOM   1374 C CB  . GLU D 2 20 ? 2.493   -9.900  -9.234  1.00 66.13  ? 517  GLU A CB  1 
ATOM   1375 C CG  . GLU D 2 20 ? 3.150   -11.218 -8.890  1.00 67.40  ? 517  GLU A CG  1 
ATOM   1376 C CD  . GLU D 2 20 ? 2.223   -12.390 -9.157  1.00 89.61  ? 517  GLU A CD  1 
ATOM   1377 O OE1 . GLU D 2 20 ? 1.218   -12.196 -9.874  1.00 92.59  ? 517  GLU A OE1 1 
ATOM   1378 O OE2 . GLU D 2 20 ? 2.489   -13.500 -8.653  1.00 103.43 ? 517  GLU A OE2 1 
ATOM   1379 N N   . ARG D 2 21 ? 1.692   -7.345  -10.313 1.00 67.43  ? 518  ARG A N   1 
ATOM   1380 C CA  . ARG D 2 21 ? 1.103   -6.530  -11.369 1.00 76.25  ? 518  ARG A CA  1 
ATOM   1381 C C   . ARG D 2 21 ? 1.819   -5.197  -11.528 1.00 79.38  ? 518  ARG A C   1 
ATOM   1382 O O   . ARG D 2 21 ? 1.826   -4.626  -12.623 1.00 81.10  ? 518  ARG A O   1 
ATOM   1383 C CB  . ARG D 2 21 ? -0.381  -6.311  -11.079 1.00 70.67  ? 518  ARG A CB  1 
ATOM   1384 C CG  . ARG D 2 21 ? -1.221  -7.573  -11.193 1.00 76.45  ? 518  ARG A CG  1 
ATOM   1385 C CD  . ARG D 2 21 ? -1.695  -7.779  -12.622 1.00 82.66  ? 518  ARG A CD  1 
ATOM   1386 N NE  . ARG D 2 21 ? -2.745  -6.828  -12.981 1.00 93.09  ? 518  ARG A NE  1 
ATOM   1387 C CZ  . ARG D 2 21 ? -3.216  -6.659  -14.212 1.00 85.23  ? 518  ARG A CZ  1 
ATOM   1388 N NH1 . ARG D 2 21 ? -4.176  -5.772  -14.439 1.00 72.54  ? 518  ARG A NH1 1 
ATOM   1389 N NH2 . ARG D 2 21 ? -2.724  -7.371  -15.218 1.00 79.31  ? 518  ARG A NH2 1 
ATOM   1390 N N   . LEU D 2 22 ? 2.425   -4.684  -10.457 1.00 76.50  ? 519  LEU A N   1 
ATOM   1391 C CA  . LEU D 2 22 ? 3.217   -3.466  -10.567 1.00 70.32  ? 519  LEU A CA  1 
ATOM   1392 C C   . LEU D 2 22 ? 4.529   -3.729  -11.297 1.00 64.19  ? 519  LEU A C   1 
ATOM   1393 O O   . LEU D 2 22 ? 4.914   -2.964  -12.186 1.00 68.99  ? 519  LEU A O   1 
ATOM   1394 C CB  . LEU D 2 22 ? 3.477   -2.883  -9.179  1.00 65.11  ? 519  LEU A CB  1 
ATOM   1395 C CG  . LEU D 2 22 ? 4.496   -1.747  -9.071  1.00 60.19  ? 519  LEU A CG  1 
ATOM   1396 C CD1 . LEU D 2 22 ? 4.151   -0.608  -10.014 1.00 60.76  ? 519  LEU A CD1 1 
ATOM   1397 C CD2 . LEU D 2 22 ? 4.575   -1.246  -7.636  1.00 50.13  ? 519  LEU A CD2 1 
ATOM   1398 N N   . ASP D 2 23 ? 5.233   -4.805  -10.927 1.00 68.82  ? 520  ASP A N   1 
ATOM   1399 C CA  . ASP D 2 23 ? 6.423   -5.193  -11.678 1.00 73.34  ? 520  ASP A CA  1 
ATOM   1400 C C   . ASP D 2 23 ? 6.084   -5.463  -13.136 1.00 80.45  ? 520  ASP A C   1 
ATOM   1401 O O   . ASP D 2 23 ? 6.892   -5.180  -14.025 1.00 79.60  ? 520  ASP A O   1 
ATOM   1402 C CB  . ASP D 2 23 ? 7.082   -6.422  -11.048 1.00 66.78  ? 520  ASP A CB  1 
ATOM   1403 C CG  . ASP D 2 23 ? 8.161   -6.059  -10.042 1.00 63.02  ? 520  ASP A CG  1 
ATOM   1404 O OD1 . ASP D 2 23 ? 8.812   -5.008  -10.216 1.00 68.80  ? 520  ASP A OD1 1 
ATOM   1405 O OD2 . ASP D 2 23 ? 8.362   -6.828  -9.078  1.00 61.43  ? 520  ASP A OD2 1 
ATOM   1406 N N   . ALA D 2 24 ? 4.892   -5.997  -13.402 1.00 84.41  ? 521  ALA A N   1 
ATOM   1407 C CA  . ALA D 2 24 ? 4.446   -6.142  -14.781 1.00 75.90  ? 521  ALA A CA  1 
ATOM   1408 C C   . ALA D 2 24 ? 4.364   -4.784  -15.466 1.00 86.99  ? 521  ALA A C   1 
ATOM   1409 O O   . ALA D 2 24 ? 4.896   -4.597  -16.568 1.00 90.75  ? 521  ALA A O   1 
ATOM   1410 C CB  . ALA D 2 24 ? 3.093   -6.851  -14.822 1.00 74.69  ? 521  ALA A CB  1 
ATOM   1411 N N   . HIS D 2 25 ? 3.726   -3.812  -14.808 1.00 81.34  ? 522  HIS A N   1 
ATOM   1412 C CA  . HIS D 2 25 ? 3.483   -2.516  -15.430 1.00 85.44  ? 522  HIS A CA  1 
ATOM   1413 C C   . HIS D 2 25 ? 4.754   -1.696  -15.598 1.00 77.84  ? 522  HIS A C   1 
ATOM   1414 O O   . HIS D 2 25 ? 4.800   -0.833  -16.478 1.00 81.80  ? 522  HIS A O   1 
ATOM   1415 C CB  . HIS D 2 25 ? 2.454   -1.723  -14.623 1.00 75.14  ? 522  HIS A CB  1 
ATOM   1416 C CG  . HIS D 2 25 ? 1.113   -2.389  -14.541 1.00 88.80  ? 522  HIS A CG  1 
ATOM   1417 N ND1 . HIS D 2 25 ? 0.858   -3.621  -15.099 1.00 88.62  ? 522  HIS A ND1 1 
ATOM   1418 C CD2 . HIS D 2 25 ? -0.046  -1.990  -13.963 1.00 87.35  ? 522  HIS A CD2 1 
ATOM   1419 C CE1 . HIS D 2 25 ? -0.400  -3.957  -14.870 1.00 85.91  ? 522  HIS A CE1 1 
ATOM   1420 N NE2 . HIS D 2 25 ? -0.970  -2.985  -14.185 1.00 90.18  ? 522  HIS A NE2 1 
ATOM   1421 N N   . ILE D 2 26 ? 5.786   -1.932  -14.786 1.00 77.55  ? 523  ILE A N   1 
ATOM   1422 C CA  . ILE D 2 26 ? 7.064   -1.281  -15.053 1.00 80.30  ? 523  ILE A CA  1 
ATOM   1423 C C   . ILE D 2 26 ? 7.730   -1.922  -16.266 1.00 96.06  ? 523  ILE A C   1 
ATOM   1424 O O   . ILE D 2 26 ? 8.195   -1.225  -17.174 1.00 105.08 ? 523  ILE A O   1 
ATOM   1425 C CB  . ILE D 2 26 ? 7.976   -1.298  -13.808 1.00 85.67  ? 523  ILE A CB  1 
ATOM   1426 C CG1 . ILE D 2 26 ? 8.589   -2.676  -13.536 1.00 84.07  ? 523  ILE A CG1 1 
ATOM   1427 C CG2 . ILE D 2 26 ? 7.222   -0.800  -12.580 1.00 90.07  ? 523  ILE A CG2 1 
ATOM   1428 C CD1 . ILE D 2 26 ? 9.742   -2.653  -12.561 1.00 77.69  ? 523  ILE A CD1 1 
ATOM   1429 N N   . GLU D 2 27 ? 7.732   -3.259  -16.325 1.00 94.39  ? 524  GLU A N   1 
ATOM   1430 C CA  . GLU D 2 27 ? 8.236   -3.951  -17.503 1.00 92.68  ? 524  GLU A CA  1 
ATOM   1431 C C   . GLU D 2 27 ? 7.451   -3.550  -18.742 1.00 89.60  ? 524  GLU A C   1 
ATOM   1432 O O   . GLU D 2 27 ? 7.977   -3.598  -19.858 1.00 90.60  ? 524  GLU A O   1 
ATOM   1433 C CB  . GLU D 2 27 ? 8.166   -5.466  -17.292 1.00 96.68  ? 524  GLU A CB  1 
ATOM   1434 C CG  . GLU D 2 27 ? 9.505   -6.130  -17.004 1.00 98.18  ? 524  GLU A CG  1 
ATOM   1435 C CD  . GLU D 2 27 ? 10.101  -5.720  -15.669 1.00 100.58 ? 524  GLU A CD  1 
ATOM   1436 O OE1 . GLU D 2 27 ? 9.426   -5.876  -14.632 1.00 100.42 ? 524  GLU A OE1 1 
ATOM   1437 O OE2 . GLU D 2 27 ? 11.252  -5.237  -15.660 1.00 99.19  ? 524  GLU A OE2 1 
ATOM   1438 N N   . GLU D 2 28 ? 6.199   -3.124  -18.556 1.00 96.07  ? 525  GLU A N   1 
ATOM   1439 C CA  . GLU D 2 28 ? 5.349   -2.757  -19.682 1.00 97.12  ? 525  GLU A CA  1 
ATOM   1440 C C   . GLU D 2 28 ? 5.834   -1.478  -20.352 1.00 105.44 ? 525  GLU A C   1 
ATOM   1441 O O   . GLU D 2 28 ? 6.135   -1.468  -21.551 1.00 104.80 ? 525  GLU A O   1 
ATOM   1442 C CB  . GLU D 2 28 ? 3.905   -2.597  -19.214 1.00 93.26  ? 525  GLU A CB  1 
ATOM   1443 C CG  . GLU D 2 28 ? 3.002   -1.992  -20.265 1.00 98.80  ? 525  GLU A CG  1 
ATOM   1444 C CD  . GLU D 2 28 ? 1.547   -2.275  -19.991 1.00 108.22 ? 525  GLU A CD  1 
ATOM   1445 O OE1 . GLU D 2 28 ? 1.178   -2.358  -18.801 1.00 106.56 ? 525  GLU A OE1 1 
ATOM   1446 O OE2 . GLU D 2 28 ? 0.774   -2.426  -20.961 1.00 103.28 ? 525  GLU A OE2 1 
ATOM   1447 N N   . LEU D 2 29 ? 5.909   -0.383  -19.593 1.00 95.00  ? 526  LEU A N   1 
ATOM   1448 C CA  . LEU D 2 29 ? 6.241   0.904   -20.192 1.00 99.10  ? 526  LEU A CA  1 
ATOM   1449 C C   . LEU D 2 29 ? 7.727   1.052   -20.497 1.00 111.34 ? 526  LEU A C   1 
ATOM   1450 O O   . LEU D 2 29 ? 8.093   1.909   -21.304 1.00 113.80 ? 526  LEU A O   1 
ATOM   1451 C CB  . LEU D 2 29 ? 5.771   2.047   -19.286 1.00 92.93  ? 526  LEU A CB  1 
ATOM   1452 C CG  . LEU D 2 29 ? 5.686   3.458   -19.887 1.00 86.05  ? 526  LEU A CG  1 
ATOM   1453 C CD1 . LEU D 2 29 ? 5.427   3.439   -21.381 1.00 77.18  ? 526  LEU A CD1 1 
ATOM   1454 C CD2 . LEU D 2 29 ? 4.595   4.258   -19.202 1.00 65.52  ? 526  LEU A CD2 1 
ATOM   1455 N N   . LYS D 2 30 ? 8.596   0.248   -19.882 1.00 109.11 ? 527  LYS A N   1 
ATOM   1456 C CA  . LYS D 2 30 ? 9.999   0.297   -20.281 1.00 110.96 ? 527  LYS A CA  1 
ATOM   1457 C C   . LYS D 2 30 ? 10.211  -0.396  -21.623 1.00 121.63 ? 527  LYS A C   1 
ATOM   1458 O O   . LYS D 2 30 ? 10.963  0.102   -22.470 1.00 113.77 ? 527  LYS A O   1 
ATOM   1459 C CB  . LYS D 2 30 ? 10.894  -0.304  -19.188 1.00 96.08  ? 527  LYS A CB  1 
ATOM   1460 C CG  . LYS D 2 30 ? 10.758  -1.801  -18.946 1.00 97.41  ? 527  LYS A CG  1 
ATOM   1461 C CD  . LYS D 2 30 ? 11.650  -2.279  -17.792 1.00 103.11 ? 527  LYS A CD  1 
ATOM   1462 C CE  . LYS D 2 30 ? 11.185  -1.777  -16.424 1.00 99.65  ? 527  LYS A CE  1 
ATOM   1463 N NZ  . LYS D 2 30 ? 11.832  -2.525  -15.296 1.00 102.00 ? 527  LYS A NZ  1 
ATOM   1464 N N   . ARG D 2 31 ? 9.545   -1.534  -21.842 1.00 147.14 ? 528  ARG A N   1 
ATOM   1465 C CA  . ARG D 2 31 ? 9.507   -2.138  -23.170 1.00 146.81 ? 528  ARG A CA  1 
ATOM   1466 C C   . ARG D 2 31 ? 8.731   -1.281  -24.156 1.00 141.54 ? 528  ARG A C   1 
ATOM   1467 O O   . ARG D 2 31 ? 8.918   -1.424  -25.369 1.00 134.87 ? 528  ARG A O   1 
ATOM   1468 C CB  . ARG D 2 31 ? 8.889   -3.537  -23.106 1.00 101.67 ? 528  ARG A CB  1 
ATOM   1469 C CG  . ARG D 2 31 ? 9.890   -4.682  -23.110 1.00 98.90  ? 528  ARG A CG  1 
ATOM   1470 C CD  . ARG D 2 31 ? 10.858  -4.568  -21.949 1.00 89.21  ? 528  ARG A CD  1 
ATOM   1471 N NE  . ARG D 2 31 ? 11.312  -5.873  -21.478 1.00 86.60  ? 528  ARG A NE  1 
ATOM   1472 C CZ  . ARG D 2 31 ? 11.935  -6.064  -20.320 1.00 90.25  ? 528  ARG A CZ  1 
ATOM   1473 N NH1 . ARG D 2 31 ? 12.173  -5.033  -19.520 1.00 82.24  ? 528  ARG A NH1 1 
ATOM   1474 N NH2 . ARG D 2 31 ? 12.314  -7.282  -19.957 1.00 82.49  ? 528  ARG A NH2 1 
ATOM   1475 N N   . GLU D 2 32 ? 7.849   -0.412  -23.667 1.00 138.59 ? 529  GLU A N   1 
ATOM   1476 C CA  . GLU D 2 32 ? 7.231   0.594   -24.517 1.00 134.27 ? 529  GLU A CA  1 
ATOM   1477 C C   . GLU D 2 32 ? 8.131   1.795   -24.747 1.00 136.32 ? 529  GLU A C   1 
ATOM   1478 O O   . GLU D 2 32 ? 7.819   2.628   -25.603 1.00 131.51 ? 529  GLU A O   1 
ATOM   1479 C CB  . GLU D 2 32 ? 5.920   1.079   -23.908 1.00 89.97  ? 529  GLU A CB  1 
ATOM   1480 C CG  . GLU D 2 32 ? 4.706   0.277   -24.284 1.00 87.99  ? 529  GLU A CG  1 
ATOM   1481 C CD  . GLU D 2 32 ? 3.445   1.104   -24.181 1.00 85.50  ? 529  GLU A CD  1 
ATOM   1482 O OE1 . GLU D 2 32 ? 3.371   1.962   -23.276 1.00 80.90  ? 529  GLU A OE1 1 
ATOM   1483 O OE2 . GLU D 2 32 ? 2.539   0.915   -25.017 1.00 76.68  ? 529  GLU A OE2 1 
ATOM   1484 N N   . SER D 2 33 ? 9.225   1.904   -24.007 1.00 119.28 ? 530  SER A N   1 
ATOM   1485 C CA  . SER D 2 33 ? 10.074  3.081   -24.069 1.00 110.99 ? 530  SER A CA  1 
ATOM   1486 C C   . SER D 2 33 ? 11.312  2.833   -24.918 1.00 106.37 ? 530  SER A C   1 
ATOM   1487 O O   . SER D 2 33 ? 12.297  2.271   -24.441 1.00 104.09 ? 530  SER A O   1 
ATOM   1488 C CB  . SER D 2 33 ? 10.473  3.509   -22.657 1.00 99.35  ? 530  SER A CB  1 
ATOM   1489 O OG  . SER D 2 33 ? 9.339   3.588   -21.807 1.00 93.51  ? 530  SER A OG  1 
HETATM 1490 O O   . HOH E 3 .  ? -23.383 -14.891 23.117  1.00 54.01  ? 1301 HOH B O   1 
HETATM 1491 O O   . HOH E 3 .  ? 0.065   13.096  -23.492 1.00 54.01  ? 1302 HOH B O   1 
HETATM 1492 O O   . HOH E 3 .  ? 5.620   21.407  -19.484 1.00 54.01  ? 1303 HOH B O   1 
HETATM 1493 O O   . HOH F 3 .  ? 16.360  20.843  -19.112 1.00 54.01  ? 601  HOH C O   1 
HETATM 1494 O O   . HOH F 3 .  ? -0.209  17.422  -8.315  1.00 54.01  ? 602  HOH C O   1 
HETATM 1495 O O   . HOH F 3 .  ? -8.589  -7.744  19.945  1.00 54.01  ? 603  HOH C O   1 
HETATM 1496 O O   . HOH F 3 .  ? 18.791  21.761  -16.725 1.00 54.01  ? 604  HOH C O   1 
HETATM 1497 O O   . HOH F 3 .  ? 12.351  19.314  -9.077  1.00 54.01  ? 605  HOH C O   1 
HETATM 1498 O O   . HOH F 3 .  ? 4.918   20.903  -10.304 1.00 54.01  ? 606  HOH C O   1 
HETATM 1499 O O   . HOH F 3 .  ? 4.203   21.110  -12.291 1.00 54.01  ? 607  HOH C O   1 
HETATM 1500 O O   . HOH G 3 .  ? -5.604  -17.998 20.098  1.00 54.01  ? 1301 HOH D O   1 
HETATM 1501 O O   . HOH G 3 .  ? 16.863  6.519   -19.492 1.00 54.01  ? 1302 HOH D O   1 
HETATM 1502 O O   . HOH G 3 .  ? 18.711  19.018  -19.822 1.00 54.01  ? 1303 HOH D O   1 
HETATM 1503 O O   . HOH H 3 .  ? 10.637  -6.890  -7.947  1.00 54.01  ? 601  HOH A O   1 
HETATM 1504 O O   . HOH H 3 .  ? -7.972  -10.250 17.801  1.00 54.01  ? 602  HOH A O   1 
# 
